data_7U2O
#
_entry.id   7U2O
#
loop_
_entity.id
_entity.type
_entity.pdbx_description
1 polymer 'Glycine receptor subunit alphaZ1'
2 branched beta-D-mannopyranose-(1-4)-2-acetamido-2-deoxy-beta-D-glucopyranose-(1-4)-2-acetamido-2-deoxy-beta-D-glucopyranose
3 non-polymer 'aminomethanesulfonic acid'
#
_entity_poly.entity_id   1
_entity_poly.type   'polypeptide(L)'
_entity_poly.pdbx_seq_one_letter_code
;MFALGIYLWETIVFFSLAASQQAAARKAASPMPPSEFLDKLMGKVSGYDARIRPNFKGPPVNVTCNIFINSFGSIAETTM
DYRVNIFLRQQWNDPRLAYSEYPDDSLDLDPSMLDSIWKPDLFFANEKGANFHEVTTDNKLLRISKNGNVLYSIRITLVL
ACPMDLKNFPMDVQTCIMQLESFGYTMNDLIFEWDEKGAVQVADGLTLPQFILKEEKDLRYCTKHYNTGKFTCIEARFHL
ERQMGYYLIQMYIPSLLIVILSWVSFWINMDAAPARVGLGITTVLTMTTQSSGSRASLPKVSYVKAIDIWMAVCLLFVFS
ALLEYAAVNFIARQHKELLRFQRRRRHLKEDEAGDGRFSFAAYGMGPACLQAKDGMAIKGNNNNAPTSTNPPEKTVEEMR
KLFISRAKRIDTVSRVAFPLVFLIFNIFYWITYKII
;
_entity_poly.pdbx_strand_id   A,B,C,D,E
#
loop_
_chem_comp.id
_chem_comp.type
_chem_comp.name
_chem_comp.formula
BMA D-saccharide, beta linking beta-D-mannopyranose 'C6 H12 O6'
L2L non-polymer 'aminomethanesulfonic acid' 'C H5 N O3 S'
NAG D-saccharide, beta linking 2-acetamido-2-deoxy-beta-D-glucopyranose 'C8 H15 N O6'
#
# COMPACT_ATOMS: atom_id res chain seq x y z
N PRO A 31 36.80 -40.43 17.01
CA PRO A 31 36.56 -41.56 16.10
C PRO A 31 35.18 -41.50 15.44
N MET A 32 34.16 -41.93 16.17
CA MET A 32 32.78 -41.92 15.74
C MET A 32 32.37 -40.50 15.31
N PRO A 33 31.51 -40.38 14.30
CA PRO A 33 31.05 -39.06 13.87
C PRO A 33 30.27 -38.36 14.97
N PRO A 34 30.59 -37.09 15.23
CA PRO A 34 30.02 -36.42 16.41
C PRO A 34 28.51 -36.27 16.38
N SER A 35 27.91 -36.08 15.20
CA SER A 35 26.47 -36.14 15.12
C SER A 35 25.97 -37.51 15.57
N GLU A 36 26.62 -38.57 15.11
CA GLU A 36 26.40 -39.89 15.68
C GLU A 36 26.76 -39.91 17.15
N PHE A 37 27.76 -39.13 17.54
CA PHE A 37 28.02 -38.93 18.96
C PHE A 37 26.86 -38.20 19.62
N LEU A 38 26.25 -37.22 18.94
CA LEU A 38 25.14 -36.51 19.53
C LEU A 38 23.85 -37.29 19.51
N ASP A 39 23.77 -38.33 18.68
CA ASP A 39 22.64 -39.26 18.77
C ASP A 39 22.53 -39.85 20.17
N LYS A 40 23.66 -40.12 20.82
CA LYS A 40 23.68 -40.55 22.20
C LYS A 40 23.94 -39.40 23.17
N LEU A 41 24.36 -38.25 22.66
CA LEU A 41 24.50 -37.07 23.51
C LEU A 41 23.16 -36.64 24.08
N MET A 42 22.16 -36.50 23.22
CA MET A 42 20.83 -36.05 23.62
C MET A 42 19.73 -37.05 23.30
N GLY A 43 20.03 -38.12 22.57
CA GLY A 43 19.02 -39.08 22.15
C GLY A 43 18.36 -39.78 23.31
N LYS A 44 17.52 -40.76 22.96
CA LYS A 44 16.80 -41.52 23.98
C LYS A 44 17.76 -42.25 24.93
N VAL A 45 18.94 -42.61 24.46
CA VAL A 45 20.01 -43.00 25.36
C VAL A 45 20.50 -41.76 26.08
N SER A 46 20.68 -41.89 27.40
CA SER A 46 21.03 -40.83 28.33
C SER A 46 19.86 -39.92 28.65
N GLY A 47 18.74 -40.04 27.95
CA GLY A 47 17.52 -39.37 28.33
C GLY A 47 17.56 -37.86 28.38
N TYR A 48 18.01 -37.21 27.31
CA TYR A 48 17.90 -35.76 27.19
C TYR A 48 16.47 -35.44 26.79
N ASP A 49 15.65 -35.08 27.76
CA ASP A 49 14.29 -34.65 27.50
C ASP A 49 14.32 -33.14 27.25
N ALA A 50 14.06 -32.75 26.01
CA ALA A 50 14.11 -31.34 25.63
C ALA A 50 13.01 -30.52 26.29
N ARG A 51 12.07 -31.15 26.98
CA ARG A 51 10.95 -30.46 27.59
C ARG A 51 11.17 -30.18 29.07
N ILE A 52 12.42 -30.10 29.51
CA ILE A 52 12.73 -29.86 30.91
C ILE A 52 13.98 -29.00 30.98
N ARG A 53 13.86 -27.81 31.55
CA ARG A 53 14.95 -26.85 31.57
C ARG A 53 16.13 -27.40 32.36
N PRO A 54 17.33 -26.89 32.10
CA PRO A 54 18.49 -27.30 32.91
C PRO A 54 18.32 -26.84 34.36
N ASN A 55 19.10 -27.48 35.23
CA ASN A 55 19.08 -27.17 36.66
C ASN A 55 17.67 -27.24 37.22
N PHE A 56 16.95 -28.29 36.82
CA PHE A 56 15.55 -28.41 37.19
C PHE A 56 15.40 -28.52 38.70
N LYS A 57 14.49 -27.73 39.26
CA LYS A 57 14.23 -27.66 40.70
C LYS A 57 15.36 -26.97 41.46
N GLY A 58 16.26 -26.32 40.74
CA GLY A 58 17.35 -25.62 41.36
C GLY A 58 17.26 -24.13 41.08
N PRO A 59 18.42 -23.46 41.05
CA PRO A 59 18.41 -22.05 40.70
C PRO A 59 17.87 -21.86 39.30
N PRO A 60 17.44 -20.66 38.94
CA PRO A 60 16.95 -20.43 37.59
C PRO A 60 18.07 -20.54 36.57
N VAL A 61 17.70 -20.57 35.30
CA VAL A 61 18.68 -20.68 34.24
C VAL A 61 19.16 -19.30 33.83
N ASN A 62 20.42 -19.01 34.12
CA ASN A 62 21.02 -17.70 33.85
C ASN A 62 21.42 -17.62 32.38
N VAL A 63 20.71 -16.81 31.62
CA VAL A 63 20.91 -16.72 30.17
C VAL A 63 21.48 -15.36 29.85
N THR A 64 22.72 -15.33 29.36
CA THR A 64 23.35 -14.09 28.94
C THR A 64 23.08 -13.86 27.46
N CYS A 65 22.74 -12.62 27.11
CA CYS A 65 22.33 -12.29 25.75
C CYS A 65 23.14 -11.12 25.24
N ASN A 66 23.23 -11.03 23.92
CA ASN A 66 23.74 -9.86 23.22
C ASN A 66 23.19 -9.88 21.80
N ILE A 67 23.29 -8.75 21.12
CA ILE A 67 22.73 -8.63 19.78
C ILE A 67 23.78 -8.06 18.84
N PHE A 68 23.52 -8.22 17.55
CA PHE A 68 24.34 -7.68 16.47
C PHE A 68 23.39 -7.15 15.41
N ILE A 69 23.57 -5.90 15.01
CA ILE A 69 22.59 -5.19 14.20
C ILE A 69 23.12 -5.11 12.77
N ASN A 70 22.54 -5.90 11.87
CA ASN A 70 22.81 -5.72 10.44
C ASN A 70 22.02 -4.53 9.90
N SER A 71 20.72 -4.66 9.87
CA SER A 71 19.83 -3.68 9.28
C SER A 71 19.17 -2.86 10.38
N PHE A 72 18.84 -1.62 10.05
CA PHE A 72 18.20 -0.72 10.99
C PHE A 72 17.68 0.45 10.18
N GLY A 73 16.45 0.83 10.38
CA GLY A 73 15.86 1.89 9.58
C GLY A 73 14.40 1.59 9.31
N SER A 74 13.87 2.29 8.32
CA SER A 74 12.44 2.29 8.05
C SER A 74 11.67 2.66 9.31
N ILE A 75 12.09 3.76 9.93
CA ILE A 75 11.49 4.23 11.17
C ILE A 75 10.26 5.06 10.82
N ALA A 76 9.13 4.39 10.66
CA ALA A 76 7.90 5.05 10.22
C ALA A 76 7.22 5.69 11.42
N GLU A 77 7.02 6.99 11.35
CA GLU A 77 6.33 7.71 12.41
C GLU A 77 4.82 7.69 12.22
N THR A 78 4.36 7.42 11.00
CA THR A 78 2.95 7.13 10.79
C THR A 78 2.51 5.94 11.61
N THR A 79 3.41 4.98 11.81
CA THR A 79 3.15 3.79 12.61
C THR A 79 3.83 3.84 13.97
N MET A 80 4.91 4.61 14.10
CA MET A 80 5.68 4.67 15.34
C MET A 80 6.28 3.30 15.65
N ASP A 81 7.04 2.78 14.69
CA ASP A 81 7.74 1.53 14.86
C ASP A 81 9.01 1.60 14.02
N TYR A 82 9.68 0.46 13.88
CA TYR A 82 10.88 0.43 13.07
C TYR A 82 11.33 -1.02 12.90
N ARG A 83 12.03 -1.27 11.81
CA ARG A 83 12.48 -2.62 11.46
C ARG A 83 13.98 -2.74 11.72
N VAL A 84 14.37 -3.86 12.31
CA VAL A 84 15.75 -4.15 12.62
C VAL A 84 16.03 -5.59 12.21
N ASN A 85 17.28 -5.88 11.88
CA ASN A 85 17.70 -7.21 11.47
C ASN A 85 18.91 -7.60 12.32
N ILE A 86 18.67 -8.37 13.38
CA ILE A 86 19.67 -8.59 14.40
C ILE A 86 20.13 -10.04 14.36
N PHE A 87 21.25 -10.29 15.03
CA PHE A 87 21.73 -11.65 15.30
C PHE A 87 21.64 -11.85 16.81
N LEU A 88 20.55 -12.42 17.28
CA LEU A 88 20.39 -12.66 18.71
C LEU A 88 21.26 -13.82 19.13
N ARG A 89 22.25 -13.55 19.99
CA ARG A 89 23.09 -14.59 20.57
C ARG A 89 22.61 -14.84 21.99
N GLN A 90 22.44 -16.10 22.35
CA GLN A 90 22.11 -16.51 23.70
C GLN A 90 23.16 -17.45 24.23
N GLN A 91 23.32 -17.50 25.55
CA GLN A 91 24.24 -18.43 26.19
C GLN A 91 23.67 -18.86 27.52
N TRP A 92 23.49 -20.17 27.70
CA TRP A 92 23.10 -20.74 28.98
C TRP A 92 23.89 -22.01 29.18
N ASN A 93 23.89 -22.52 30.40
CA ASN A 93 24.68 -23.69 30.72
C ASN A 93 23.75 -24.86 31.02
N ASP A 94 23.88 -25.93 30.26
CA ASP A 94 23.06 -27.12 30.43
C ASP A 94 23.96 -28.29 30.80
N PRO A 95 23.97 -28.72 32.07
CA PRO A 95 24.86 -29.83 32.46
C PRO A 95 24.60 -31.11 31.70
N ARG A 96 23.38 -31.34 31.21
CA ARG A 96 23.08 -32.54 30.45
C ARG A 96 23.84 -32.59 29.14
N LEU A 97 24.35 -31.45 28.67
CA LEU A 97 25.09 -31.36 27.42
C LEU A 97 26.59 -31.40 27.63
N ALA A 98 27.06 -31.97 28.72
CA ALA A 98 28.48 -31.94 29.05
C ALA A 98 29.17 -33.16 28.45
N TYR A 99 29.69 -33.02 27.25
CA TYR A 99 30.50 -34.09 26.67
C TYR A 99 31.88 -34.06 27.29
N SER A 100 32.44 -35.25 27.49
CA SER A 100 33.76 -35.38 28.12
C SER A 100 34.76 -36.10 27.24
N GLU A 101 34.33 -37.11 26.50
CA GLU A 101 35.27 -37.91 25.71
C GLU A 101 35.97 -37.07 24.65
N TYR A 102 35.29 -36.08 24.12
CA TYR A 102 35.74 -35.45 22.89
C TYR A 102 36.93 -34.52 23.18
N PRO A 103 37.88 -34.39 22.25
CA PRO A 103 39.14 -33.69 22.57
C PRO A 103 39.15 -32.19 22.34
N ASP A 104 38.03 -31.57 21.98
CA ASP A 104 38.05 -30.15 21.65
C ASP A 104 37.07 -29.37 22.53
N ASP A 105 36.96 -28.07 22.24
CA ASP A 105 36.15 -27.16 23.03
C ASP A 105 34.74 -26.98 22.48
N SER A 106 34.60 -26.92 21.16
CA SER A 106 33.33 -26.58 20.55
C SER A 106 32.89 -27.70 19.60
N LEU A 107 31.59 -28.01 19.63
CA LEU A 107 30.98 -28.97 18.73
C LEU A 107 29.77 -28.31 18.08
N ASP A 108 30.00 -27.58 16.99
CA ASP A 108 28.90 -27.02 16.24
C ASP A 108 28.00 -28.13 15.68
N LEU A 109 26.83 -27.74 15.19
CA LEU A 109 25.89 -28.70 14.64
C LEU A 109 24.85 -27.92 13.85
N ASP A 110 24.47 -28.43 12.68
CA ASP A 110 23.55 -27.68 11.85
C ASP A 110 22.19 -27.56 12.54
N PRO A 111 21.43 -26.53 12.22
CA PRO A 111 20.12 -26.33 12.87
C PRO A 111 19.11 -27.44 12.63
N SER A 112 19.42 -28.45 11.80
CA SER A 112 18.49 -29.53 11.55
C SER A 112 18.09 -30.22 12.86
N MET A 113 19.01 -30.35 13.80
CA MET A 113 18.72 -30.86 15.12
C MET A 113 18.70 -29.77 16.17
N LEU A 114 18.55 -28.51 15.76
CA LEU A 114 18.41 -27.44 16.72
C LEU A 114 17.07 -27.49 17.44
N ASP A 115 16.09 -28.21 16.90
CA ASP A 115 14.85 -28.46 17.62
C ASP A 115 14.98 -29.61 18.62
N SER A 116 16.19 -30.14 18.79
CA SER A 116 16.40 -31.32 19.62
C SER A 116 16.80 -30.97 21.04
N ILE A 117 17.36 -29.78 21.26
CA ILE A 117 17.85 -29.40 22.58
C ILE A 117 16.86 -28.43 23.21
N TRP A 118 17.05 -28.17 24.49
CA TRP A 118 16.24 -27.17 25.15
C TRP A 118 16.66 -25.78 24.69
N LYS A 119 15.67 -24.90 24.51
CA LYS A 119 15.93 -23.54 24.07
C LYS A 119 15.02 -22.61 24.84
N PRO A 120 15.55 -21.51 25.38
CA PRO A 120 14.71 -20.57 26.13
C PRO A 120 13.72 -19.87 25.22
N ASP A 121 12.55 -19.56 25.79
CA ASP A 121 11.44 -18.98 25.02
C ASP A 121 11.49 -17.45 25.07
N LEU A 122 12.64 -16.90 24.68
CA LEU A 122 12.78 -15.46 24.63
C LEU A 122 11.89 -14.89 23.52
N PHE A 123 10.97 -14.03 23.90
CA PHE A 123 10.17 -13.30 22.93
C PHE A 123 10.49 -11.83 23.09
N PHE A 124 9.95 -11.01 22.20
CA PHE A 124 10.17 -9.57 22.22
C PHE A 124 8.87 -8.91 22.63
N ALA A 125 8.89 -8.22 23.78
CA ALA A 125 7.67 -7.70 24.39
C ALA A 125 6.96 -6.68 23.53
N ASN A 126 7.62 -6.14 22.51
CA ASN A 126 7.03 -5.20 21.58
C ASN A 126 7.32 -5.60 20.14
N GLU A 127 7.05 -6.86 19.81
CA GLU A 127 7.30 -7.37 18.46
C GLU A 127 6.62 -6.56 17.39
N LYS A 128 5.29 -6.56 17.37
CA LYS A 128 4.52 -5.97 16.29
C LYS A 128 4.93 -6.55 14.94
N GLY A 129 5.21 -7.85 14.95
CA GLY A 129 5.65 -8.52 13.74
C GLY A 129 7.13 -8.85 13.75
N ALA A 130 7.44 -10.10 13.44
CA ALA A 130 8.82 -10.58 13.39
C ALA A 130 8.85 -11.90 12.65
N ASN A 131 9.99 -12.27 12.10
CA ASN A 131 10.06 -13.52 11.36
C ASN A 131 11.49 -14.04 11.32
N PHE A 132 11.61 -15.34 11.10
CA PHE A 132 12.90 -15.95 10.90
C PHE A 132 13.31 -15.77 9.44
N HIS A 133 14.57 -16.07 9.13
CA HIS A 133 15.07 -16.02 7.76
C HIS A 133 15.44 -17.44 7.36
N GLU A 134 14.76 -17.96 6.34
CA GLU A 134 14.91 -19.35 5.92
C GLU A 134 15.35 -19.47 4.48
N VAL A 135 16.33 -18.68 4.05
CA VAL A 135 16.76 -18.68 2.65
C VAL A 135 17.97 -19.59 2.50
N THR A 136 17.73 -20.77 1.91
CA THR A 136 18.73 -21.78 1.60
C THR A 136 19.13 -22.56 2.85
N THR A 137 18.74 -22.07 4.01
CA THR A 137 18.89 -22.78 5.28
C THR A 137 18.26 -21.92 6.37
N ASP A 138 17.79 -22.52 7.44
CA ASP A 138 17.45 -21.73 8.61
C ASP A 138 18.70 -21.00 9.09
N ASN A 139 18.64 -19.68 9.12
CA ASN A 139 19.81 -18.90 9.51
C ASN A 139 19.98 -19.04 11.02
N LYS A 140 20.66 -20.11 11.43
CA LYS A 140 20.77 -20.45 12.84
C LYS A 140 22.20 -20.91 13.12
N LEU A 141 22.61 -20.83 14.37
CA LEU A 141 23.94 -21.20 14.81
C LEU A 141 23.85 -21.93 16.13
N LEU A 142 24.66 -22.97 16.29
CA LEU A 142 24.57 -23.82 17.49
C LEU A 142 25.91 -24.48 17.75
N ARG A 143 26.62 -24.00 18.76
CA ARG A 143 27.85 -24.66 19.21
C ARG A 143 27.75 -24.91 20.70
N ILE A 144 28.47 -25.92 21.17
CA ILE A 144 28.36 -26.40 22.54
C ILE A 144 29.76 -26.62 23.09
N SER A 145 30.07 -25.95 24.18
CA SER A 145 31.36 -26.11 24.84
C SER A 145 31.36 -27.40 25.66
N LYS A 146 32.56 -27.77 26.13
CA LYS A 146 32.70 -29.00 26.92
C LYS A 146 31.87 -28.97 28.18
N ASN A 147 31.83 -27.84 28.87
CA ASN A 147 31.16 -27.72 30.16
C ASN A 147 29.67 -27.45 30.01
N GLY A 148 29.12 -27.59 28.81
CA GLY A 148 27.69 -27.43 28.61
C GLY A 148 27.26 -26.05 28.15
N ASN A 149 28.19 -25.13 27.93
CA ASN A 149 27.84 -23.80 27.46
C ASN A 149 27.19 -23.90 26.08
N VAL A 150 26.00 -23.33 25.92
CA VAL A 150 25.29 -23.37 24.66
C VAL A 150 25.25 -21.97 24.08
N LEU A 151 26.00 -21.74 23.00
CA LEU A 151 25.84 -20.55 22.18
C LEU A 151 24.77 -20.83 21.14
N TYR A 152 23.75 -19.98 21.14
CA TYR A 152 22.60 -20.12 20.23
C TYR A 152 22.33 -18.77 19.61
N SER A 153 22.42 -18.70 18.29
CA SER A 153 22.34 -17.45 17.56
C SER A 153 21.45 -17.63 16.35
N ILE A 154 20.53 -16.69 16.14
CA ILE A 154 19.61 -16.74 15.03
C ILE A 154 19.35 -15.35 14.50
N ARG A 155 19.24 -15.26 13.17
CA ARG A 155 18.93 -14.02 12.49
C ARG A 155 17.44 -13.75 12.61
N ILE A 156 17.10 -12.52 13.01
CA ILE A 156 15.70 -12.14 13.20
C ILE A 156 15.46 -10.80 12.56
N THR A 157 14.27 -10.62 11.99
CA THR A 157 13.83 -9.33 11.46
C THR A 157 12.62 -8.89 12.25
N LEU A 158 12.81 -7.85 13.07
CA LEU A 158 11.78 -7.36 13.97
C LEU A 158 11.19 -6.07 13.42
N VAL A 159 9.93 -5.82 13.74
CA VAL A 159 9.34 -4.53 13.46
C VAL A 159 8.83 -3.96 14.77
N LEU A 160 9.72 -3.32 15.52
CA LEU A 160 9.49 -3.04 16.93
C LEU A 160 8.73 -1.73 17.10
N ALA A 161 7.88 -1.68 18.12
CA ALA A 161 7.05 -0.52 18.40
C ALA A 161 7.76 0.39 19.40
N CYS A 162 7.93 1.65 19.03
CA CYS A 162 8.47 2.63 19.94
C CYS A 162 7.61 3.88 19.80
N PRO A 163 6.94 4.30 20.87
CA PRO A 163 6.14 5.52 20.79
C PRO A 163 7.04 6.73 20.63
N MET A 164 6.68 7.59 19.70
CA MET A 164 7.51 8.72 19.29
C MET A 164 7.08 9.93 20.10
N ASP A 165 8.03 10.65 20.67
CA ASP A 165 7.74 11.91 21.34
C ASP A 165 8.07 13.03 20.37
N LEU A 166 7.08 13.82 19.99
CA LEU A 166 7.22 14.82 18.95
C LEU A 166 6.90 16.22 19.43
N LYS A 167 7.31 16.55 20.65
CA LYS A 167 7.16 17.94 21.11
C LYS A 167 7.94 18.88 20.21
N ASN A 168 9.23 18.63 20.08
CA ASN A 168 10.13 19.38 19.21
C ASN A 168 10.52 18.48 18.04
N PHE A 169 9.70 18.53 16.98
CA PHE A 169 9.73 17.48 15.96
C PHE A 169 11.03 17.43 15.18
N PRO A 170 11.40 18.43 14.38
CA PRO A 170 12.62 18.28 13.56
C PRO A 170 13.90 18.23 14.37
N MET A 171 13.86 18.56 15.66
CA MET A 171 15.03 18.50 16.52
C MET A 171 14.78 17.59 17.71
N ASP A 172 14.13 16.46 17.48
CA ASP A 172 13.80 15.54 18.55
C ASP A 172 14.87 14.47 18.67
N VAL A 173 14.97 13.88 19.86
CA VAL A 173 15.84 12.76 20.12
C VAL A 173 14.94 11.60 20.53
N GLN A 174 14.53 10.80 19.57
CA GLN A 174 13.70 9.64 19.88
C GLN A 174 14.53 8.57 20.56
N THR A 175 13.91 7.87 21.51
CA THR A 175 14.54 6.77 22.23
C THR A 175 13.67 5.54 22.07
N CYS A 176 13.87 4.82 20.98
CA CYS A 176 13.18 3.57 20.73
C CYS A 176 13.90 2.46 21.49
N ILE A 177 13.14 1.43 21.89
CA ILE A 177 13.65 0.37 22.74
C ILE A 177 13.31 -0.98 22.14
N MET A 178 14.03 -1.99 22.59
CA MET A 178 13.64 -3.37 22.34
C MET A 178 13.92 -4.14 23.61
N GLN A 179 12.92 -4.89 24.08
CA GLN A 179 13.01 -5.53 25.37
C GLN A 179 12.71 -7.01 25.23
N LEU A 180 13.53 -7.82 25.89
CA LEU A 180 13.55 -9.28 25.72
C LEU A 180 12.98 -9.92 26.99
N GLU A 181 11.76 -10.42 26.91
CA GLU A 181 11.11 -11.07 28.04
C GLU A 181 11.06 -12.58 27.83
N SER A 182 10.76 -13.28 28.91
CA SER A 182 10.39 -14.69 28.86
C SER A 182 8.89 -14.82 29.07
N PHE A 183 8.25 -15.62 28.22
CA PHE A 183 6.79 -15.67 28.20
C PHE A 183 6.24 -16.73 29.13
N GLY A 184 6.87 -17.89 29.18
CA GLY A 184 6.34 -18.99 29.98
C GLY A 184 6.96 -19.16 31.35
N TYR A 185 8.28 -19.16 31.41
CA TYR A 185 8.97 -19.46 32.66
C TYR A 185 8.98 -18.22 33.55
N THR A 186 8.81 -18.44 34.85
CA THR A 186 8.74 -17.32 35.79
C THR A 186 10.16 -16.91 36.19
N MET A 187 10.25 -15.81 36.95
CA MET A 187 11.55 -15.30 37.34
C MET A 187 12.31 -16.25 38.25
N ASN A 188 11.63 -17.18 38.91
CA ASN A 188 12.31 -18.14 39.76
C ASN A 188 12.79 -19.38 39.01
N ASP A 189 12.56 -19.46 37.70
CA ASP A 189 13.06 -20.57 36.90
C ASP A 189 13.88 -20.16 35.70
N LEU A 190 13.86 -18.89 35.30
CA LEU A 190 14.63 -18.46 34.14
C LEU A 190 14.86 -16.95 34.23
N ILE A 191 16.12 -16.54 34.13
CA ILE A 191 16.51 -15.14 34.27
C ILE A 191 17.40 -14.77 33.09
N PHE A 192 17.10 -13.65 32.45
CA PHE A 192 17.93 -13.12 31.39
C PHE A 192 18.95 -12.13 31.93
N GLU A 193 20.04 -11.96 31.20
CA GLU A 193 21.08 -10.99 31.54
C GLU A 193 21.79 -10.58 30.26
N TRP A 194 22.34 -9.37 30.27
CA TRP A 194 23.27 -8.98 29.21
C TRP A 194 24.68 -9.37 29.63
N ASP A 195 25.50 -9.73 28.65
CA ASP A 195 26.89 -9.98 28.92
C ASP A 195 27.67 -8.67 28.94
N GLU A 196 28.77 -8.66 29.68
CA GLU A 196 29.50 -7.42 29.88
C GLU A 196 30.34 -7.05 28.67
N LYS A 197 30.89 -8.05 27.97
CA LYS A 197 31.82 -7.81 26.88
C LYS A 197 31.05 -7.43 25.62
N GLY A 198 30.63 -6.17 25.58
CA GLY A 198 29.97 -5.66 24.39
C GLY A 198 28.64 -6.31 24.12
N ALA A 199 27.64 -6.02 24.95
CA ALA A 199 26.33 -6.63 24.80
C ALA A 199 25.62 -6.24 23.51
N VAL A 200 26.02 -5.15 22.86
CA VAL A 200 25.34 -4.70 21.64
C VAL A 200 26.38 -4.21 20.65
N GLN A 201 26.66 -5.01 19.63
CA GLN A 201 27.52 -4.62 18.53
C GLN A 201 26.68 -4.09 17.39
N VAL A 202 27.25 -3.19 16.61
CA VAL A 202 26.59 -2.64 15.43
C VAL A 202 27.48 -2.91 14.23
N ALA A 203 26.85 -3.08 13.06
CA ALA A 203 27.60 -3.33 11.84
C ALA A 203 28.59 -2.19 11.58
N ASP A 204 29.61 -2.50 10.78
CA ASP A 204 30.73 -1.58 10.64
C ASP A 204 30.30 -0.28 9.96
N GLY A 205 29.58 -0.38 8.85
CA GLY A 205 29.18 0.81 8.15
C GLY A 205 27.70 1.11 8.24
N LEU A 206 27.05 0.61 9.29
CA LEU A 206 25.61 0.78 9.44
C LEU A 206 25.29 2.25 9.65
N THR A 207 24.48 2.80 8.75
CA THR A 207 24.02 4.18 8.88
C THR A 207 22.52 4.22 8.60
N LEU A 208 21.96 5.41 8.73
CA LEU A 208 20.54 5.59 8.48
C LEU A 208 20.34 6.73 7.50
N PRO A 209 19.16 6.83 6.89
CA PRO A 209 18.89 7.95 5.99
C PRO A 209 18.51 9.22 6.72
N GLN A 210 18.12 9.13 7.99
CA GLN A 210 17.54 10.28 8.68
C GLN A 210 18.05 10.48 10.09
N PHE A 211 18.73 9.51 10.69
CA PHE A 211 19.08 9.55 12.11
C PHE A 211 20.57 9.30 12.27
N ILE A 212 21.02 9.39 13.51
CA ILE A 212 22.38 8.97 13.89
C ILE A 212 22.23 8.06 15.10
N LEU A 213 22.56 6.80 14.93
CA LEU A 213 22.51 5.85 16.04
C LEU A 213 23.65 6.19 16.99
N LYS A 214 23.34 6.90 18.07
CA LYS A 214 24.38 7.33 19.00
C LYS A 214 25.03 6.13 19.66
N GLU A 215 26.35 6.22 19.84
CA GLU A 215 27.11 5.07 20.30
C GLU A 215 26.70 4.63 21.69
N GLU A 216 26.37 5.57 22.57
CA GLU A 216 25.91 5.22 23.91
C GLU A 216 24.61 4.44 23.83
N LYS A 217 24.59 3.25 24.41
CA LYS A 217 23.42 2.38 24.36
C LYS A 217 23.14 1.86 25.76
N ASP A 218 21.95 2.14 26.27
CA ASP A 218 21.64 1.83 27.66
C ASP A 218 21.22 0.38 27.82
N LEU A 219 21.44 -0.16 29.01
CA LEU A 219 21.12 -1.55 29.28
C LEU A 219 20.58 -1.62 30.70
N ARG A 220 19.28 -1.86 30.83
CA ARG A 220 18.65 -1.90 32.14
C ARG A 220 17.52 -2.92 32.11
N TYR A 221 17.14 -3.39 33.30
CA TYR A 221 16.14 -4.44 33.45
C TYR A 221 14.75 -3.86 33.28
N CYS A 222 13.80 -4.68 32.86
CA CYS A 222 12.40 -4.26 32.89
C CYS A 222 11.52 -5.38 33.45
N THR A 223 11.94 -5.95 34.58
CA THR A 223 11.27 -7.07 35.21
C THR A 223 9.78 -6.83 35.37
N LYS A 224 8.99 -7.74 34.82
CA LYS A 224 7.56 -7.57 34.71
C LYS A 224 6.83 -8.26 35.86
N HIS A 225 5.54 -7.95 35.97
CA HIS A 225 4.65 -8.56 36.94
C HIS A 225 3.27 -8.68 36.32
N TYR A 226 2.63 -9.82 36.52
CA TYR A 226 1.26 -10.01 36.06
C TYR A 226 0.48 -10.70 37.16
N ASN A 227 -0.75 -11.09 36.84
CA ASN A 227 -1.51 -11.95 37.73
C ASN A 227 -1.12 -13.42 37.60
N THR A 228 -0.07 -13.72 36.82
CA THR A 228 0.48 -15.06 36.70
C THR A 228 1.81 -15.22 37.39
N GLY A 229 2.54 -14.14 37.59
CA GLY A 229 3.83 -14.20 38.24
C GLY A 229 4.70 -13.04 37.79
N LYS A 230 6.00 -13.21 37.95
CA LYS A 230 6.97 -12.22 37.51
C LYS A 230 7.95 -12.88 36.56
N PHE A 231 8.28 -12.19 35.48
CA PHE A 231 9.04 -12.74 34.38
C PHE A 231 10.28 -11.91 34.15
N THR A 232 11.26 -12.50 33.49
CA THR A 232 12.53 -11.83 33.29
C THR A 232 12.45 -10.88 32.09
N CYS A 233 13.15 -9.76 32.19
CA CYS A 233 13.28 -8.81 31.10
C CYS A 233 14.62 -8.11 31.12
N ILE A 234 15.06 -7.71 29.94
CA ILE A 234 16.21 -6.84 29.74
C ILE A 234 15.90 -6.04 28.49
N GLU A 235 16.36 -4.80 28.47
CA GLU A 235 16.05 -3.95 27.33
C GLU A 235 17.18 -2.98 27.07
N ALA A 236 17.49 -2.81 25.79
CA ALA A 236 18.52 -1.89 25.35
C ALA A 236 17.86 -0.69 24.69
N ARG A 237 18.17 0.50 25.19
CA ARG A 237 17.59 1.74 24.72
C ARG A 237 18.50 2.35 23.68
N PHE A 238 18.01 2.47 22.46
CA PHE A 238 18.76 3.05 21.35
C PHE A 238 18.40 4.53 21.27
N HIS A 239 19.39 5.39 21.42
CA HIS A 239 19.14 6.81 21.22
C HIS A 239 19.23 7.15 19.74
N LEU A 240 18.36 8.06 19.32
CA LEU A 240 18.29 8.43 17.91
C LEU A 240 18.17 9.94 17.81
N GLU A 241 18.97 10.55 16.96
CA GLU A 241 18.94 11.99 16.73
C GLU A 241 18.78 12.24 15.24
N ARG A 242 17.98 13.25 14.89
CA ARG A 242 17.62 13.41 13.49
C ARG A 242 18.70 14.14 12.70
N GLN A 243 18.81 13.77 11.43
CA GLN A 243 19.51 14.57 10.45
C GLN A 243 18.59 15.72 10.08
N MET A 244 18.90 16.91 10.60
CA MET A 244 18.08 18.08 10.35
C MET A 244 18.27 18.63 8.94
N GLY A 245 19.22 18.08 8.18
CA GLY A 245 19.53 18.64 6.87
C GLY A 245 18.35 18.60 5.92
N TYR A 246 17.61 17.49 5.90
CA TYR A 246 16.47 17.39 4.99
C TYR A 246 15.43 18.45 5.29
N TYR A 247 14.85 18.40 6.50
CA TYR A 247 13.80 19.34 6.87
C TYR A 247 14.27 20.78 6.78
N LEU A 248 15.57 21.02 6.93
CA LEU A 248 16.10 22.36 6.73
C LEU A 248 15.88 22.83 5.29
N ILE A 249 15.73 21.91 4.35
CA ILE A 249 15.58 22.27 2.96
C ILE A 249 14.12 22.26 2.52
N GLN A 250 13.41 21.15 2.70
CA GLN A 250 12.06 21.09 2.13
C GLN A 250 11.10 22.02 2.84
N MET A 251 11.31 22.27 4.14
CA MET A 251 10.33 23.00 4.92
C MET A 251 10.74 24.40 5.32
N TYR A 252 11.95 24.59 5.83
CA TYR A 252 12.32 25.87 6.41
C TYR A 252 12.59 26.93 5.34
N ILE A 253 13.35 26.59 4.31
CA ILE A 253 13.67 27.55 3.25
C ILE A 253 12.39 28.02 2.55
N PRO A 254 11.51 27.13 2.09
CA PRO A 254 10.21 27.57 1.58
C PRO A 254 9.42 28.38 2.59
N SER A 255 9.56 28.08 3.88
CA SER A 255 8.99 28.95 4.89
C SER A 255 9.68 30.30 4.93
N LEU A 256 10.96 30.35 4.55
CA LEU A 256 11.75 31.57 4.65
C LEU A 256 11.68 32.42 3.40
N LEU A 257 11.48 31.84 2.23
CA LEU A 257 11.33 32.63 1.02
C LEU A 257 10.04 33.43 1.04
N ILE A 258 8.96 32.82 1.54
CA ILE A 258 7.68 33.51 1.56
C ILE A 258 7.74 34.76 2.43
N VAL A 259 8.56 34.74 3.47
CA VAL A 259 8.69 35.91 4.34
C VAL A 259 9.39 37.04 3.60
N ILE A 260 10.54 36.74 2.98
CA ILE A 260 11.26 37.77 2.24
C ILE A 260 10.48 38.21 1.01
N LEU A 261 9.75 37.28 0.39
CA LEU A 261 8.84 37.67 -0.67
C LEU A 261 7.71 38.54 -0.14
N SER A 262 7.34 38.35 1.12
CA SER A 262 6.32 39.17 1.74
C SER A 262 6.86 40.47 2.32
N TRP A 263 8.17 40.70 2.25
CA TRP A 263 8.75 41.94 2.70
C TRP A 263 9.01 42.92 1.56
N VAL A 264 9.58 42.45 0.45
CA VAL A 264 9.75 43.30 -0.72
C VAL A 264 8.40 43.62 -1.35
N SER A 265 7.35 42.87 -0.99
CA SER A 265 6.00 43.30 -1.33
C SER A 265 5.69 44.67 -0.74
N PHE A 266 6.28 45.00 0.41
CA PHE A 266 6.18 46.33 0.99
C PHE A 266 7.18 47.31 0.40
N TRP A 267 8.23 46.83 -0.26
CA TRP A 267 9.10 47.67 -1.08
C TRP A 267 8.49 48.01 -2.42
N ILE A 268 7.19 47.78 -2.58
CA ILE A 268 6.43 48.08 -3.79
C ILE A 268 6.35 49.59 -3.94
N ASN A 269 5.84 50.05 -5.08
CA ASN A 269 5.63 51.47 -5.34
C ASN A 269 4.91 52.16 -4.19
N MET A 270 5.19 53.45 -3.99
CA MET A 270 4.59 54.20 -2.90
C MET A 270 3.07 54.18 -2.99
N ASP A 271 2.54 54.50 -4.17
CA ASP A 271 1.10 54.51 -4.33
C ASP A 271 0.54 53.09 -4.24
N ALA A 272 -0.59 52.98 -3.54
CA ALA A 272 -1.25 51.69 -3.36
C ALA A 272 -1.92 51.30 -4.67
N ALA A 273 -1.37 50.28 -5.31
CA ALA A 273 -1.90 49.79 -6.58
C ALA A 273 -2.24 48.30 -6.45
N PRO A 274 -2.80 47.67 -7.48
CA PRO A 274 -3.06 46.21 -7.40
C PRO A 274 -1.81 45.35 -7.30
N ALA A 275 -0.61 45.94 -7.36
CA ALA A 275 0.60 45.15 -7.14
C ALA A 275 0.60 44.50 -5.77
N ARG A 276 0.38 45.30 -4.71
CA ARG A 276 0.24 44.73 -3.38
C ARG A 276 -0.97 43.82 -3.28
N VAL A 277 -1.97 44.04 -4.14
CA VAL A 277 -3.10 43.12 -4.23
C VAL A 277 -2.62 41.73 -4.59
N GLY A 278 -1.66 41.62 -5.50
CA GLY A 278 -1.12 40.33 -5.89
C GLY A 278 -0.15 39.74 -4.89
N LEU A 279 0.91 40.50 -4.57
CA LEU A 279 1.98 39.99 -3.70
C LEU A 279 1.50 39.58 -2.32
N GLY A 280 0.35 40.07 -1.87
CA GLY A 280 -0.15 39.71 -0.56
C GLY A 280 -0.82 38.35 -0.53
N ILE A 281 -1.94 38.21 -1.24
CA ILE A 281 -2.70 36.97 -1.19
C ILE A 281 -1.93 35.79 -1.80
N THR A 282 -1.06 36.05 -2.77
CA THR A 282 -0.30 34.98 -3.39
C THR A 282 0.58 34.28 -2.36
N THR A 283 1.35 35.04 -1.59
CA THR A 283 2.24 34.44 -0.60
C THR A 283 1.46 33.72 0.49
N VAL A 284 0.35 34.30 0.95
CA VAL A 284 -0.44 33.66 2.00
C VAL A 284 -0.96 32.32 1.53
N LEU A 285 -1.34 32.22 0.25
CA LEU A 285 -1.80 30.95 -0.27
C LEU A 285 -0.69 29.91 -0.30
N THR A 286 0.56 30.35 -0.47
CA THR A 286 1.68 29.43 -0.39
C THR A 286 1.74 28.78 0.98
N MET A 287 1.77 29.60 2.02
CA MET A 287 1.86 29.10 3.39
C MET A 287 0.68 28.20 3.73
N THR A 288 -0.50 28.50 3.19
CA THR A 288 -1.64 27.62 3.40
C THR A 288 -1.38 26.22 2.85
N THR A 289 -0.80 26.13 1.67
CA THR A 289 -0.44 24.85 1.07
C THR A 289 0.82 24.26 1.69
N GLN A 290 1.76 25.12 2.08
CA GLN A 290 2.93 24.66 2.81
C GLN A 290 2.53 23.89 4.06
N SER A 291 1.73 24.51 4.92
CA SER A 291 1.27 23.86 6.15
C SER A 291 0.45 22.61 5.88
N SER A 292 -0.20 22.52 4.71
CA SER A 292 -0.87 21.28 4.34
C SER A 292 0.12 20.13 4.26
N GLY A 293 1.11 20.26 3.39
CA GLY A 293 2.17 19.28 3.27
C GLY A 293 3.15 19.28 4.42
N SER A 294 2.99 20.18 5.38
CA SER A 294 3.84 20.19 6.56
C SER A 294 3.71 18.88 7.32
N ARG A 295 2.51 18.58 7.79
CA ARG A 295 2.24 17.32 8.50
C ARG A 295 1.75 16.25 7.54
N ALA A 296 2.50 16.05 6.47
CA ALA A 296 2.10 15.07 5.46
C ALA A 296 2.32 13.64 5.95
N SER A 297 3.51 13.35 6.46
CA SER A 297 3.83 12.00 6.89
C SER A 297 3.88 11.95 8.41
N LEU A 298 3.00 12.67 9.06
CA LEU A 298 3.04 12.82 10.49
C LEU A 298 1.78 12.26 11.14
N PRO A 299 1.91 11.53 12.24
CA PRO A 299 0.72 11.02 12.92
C PRO A 299 -0.15 12.15 13.45
N LYS A 300 -1.37 11.81 13.82
CA LYS A 300 -2.36 12.80 14.24
C LYS A 300 -2.25 13.00 15.74
N VAL A 301 -1.16 13.65 16.14
CA VAL A 301 -0.88 13.93 17.54
C VAL A 301 -1.63 15.18 17.97
N SER A 302 -2.24 15.12 19.14
CA SER A 302 -3.08 16.23 19.59
C SER A 302 -2.23 17.42 20.01
N TYR A 303 -1.14 17.18 20.72
CA TYR A 303 -0.30 18.29 21.17
C TYR A 303 0.35 18.96 19.97
N VAL A 304 0.92 20.14 20.23
CA VAL A 304 1.53 20.96 19.20
C VAL A 304 3.04 20.71 19.20
N LYS A 305 3.57 20.38 18.03
CA LYS A 305 4.99 20.11 17.87
C LYS A 305 5.71 21.41 17.54
N ALA A 306 6.95 21.31 17.08
CA ALA A 306 7.75 22.50 16.83
C ALA A 306 7.74 22.94 15.37
N ILE A 307 7.59 22.01 14.43
CA ILE A 307 7.59 22.41 13.03
C ILE A 307 6.39 23.26 12.67
N ASP A 308 5.30 23.13 13.40
CA ASP A 308 4.09 23.87 13.02
C ASP A 308 4.10 25.28 13.59
N ILE A 309 4.63 25.48 14.79
CA ILE A 309 4.68 26.82 15.34
C ILE A 309 5.63 27.68 14.53
N TRP A 310 6.67 27.08 13.95
CA TRP A 310 7.42 27.78 12.91
C TRP A 310 6.51 28.19 11.78
N MET A 311 5.82 27.22 11.18
CA MET A 311 4.93 27.54 10.07
C MET A 311 3.65 28.21 10.55
N ALA A 312 3.43 28.32 11.86
CA ALA A 312 2.36 29.18 12.34
C ALA A 312 2.81 30.64 12.35
N VAL A 313 3.95 30.93 12.97
CA VAL A 313 4.49 32.29 12.98
C VAL A 313 4.73 32.78 11.57
N CYS A 314 5.15 31.90 10.67
CA CYS A 314 5.24 32.30 9.27
C CYS A 314 3.90 32.67 8.68
N LEU A 315 2.80 32.12 9.20
CA LEU A 315 1.48 32.53 8.75
C LEU A 315 1.18 33.96 9.18
N LEU A 316 1.29 34.24 10.48
CA LEU A 316 0.84 35.53 10.95
C LEU A 316 1.70 36.69 10.47
N PHE A 317 2.92 36.45 10.00
CA PHE A 317 3.62 37.53 9.32
C PHE A 317 3.10 37.75 7.91
N VAL A 318 2.89 36.69 7.13
CA VAL A 318 2.37 36.89 5.79
C VAL A 318 0.94 37.41 5.81
N PHE A 319 0.15 37.06 6.84
CA PHE A 319 -1.13 37.73 7.03
C PHE A 319 -0.96 39.17 7.49
N SER A 320 0.19 39.52 8.04
CA SER A 320 0.43 40.92 8.39
C SER A 320 0.55 41.77 7.14
N ALA A 321 1.08 41.20 6.06
CA ALA A 321 1.22 41.94 4.81
C ALA A 321 -0.15 42.35 4.28
N LEU A 322 -1.02 41.38 4.02
CA LEU A 322 -2.37 41.71 3.58
C LEU A 322 -3.13 42.51 4.64
N LEU A 323 -2.80 42.33 5.92
CA LEU A 323 -3.41 43.16 6.94
C LEU A 323 -2.83 44.56 6.95
N GLU A 324 -1.55 44.72 6.62
CA GLU A 324 -0.97 46.05 6.59
C GLU A 324 -1.53 46.89 5.45
N TYR A 325 -1.61 46.32 4.25
CA TYR A 325 -2.19 47.05 3.13
C TYR A 325 -3.64 47.42 3.39
N ALA A 326 -4.33 46.64 4.22
CA ALA A 326 -5.65 47.05 4.68
C ALA A 326 -5.60 48.41 5.36
N ALA A 327 -4.57 48.62 6.19
CA ALA A 327 -4.39 49.93 6.80
C ALA A 327 -4.06 50.99 5.77
N VAL A 328 -3.16 50.69 4.84
CA VAL A 328 -2.80 51.65 3.80
C VAL A 328 -4.00 51.99 2.93
N ASN A 329 -4.66 50.97 2.39
CA ASN A 329 -5.79 51.23 1.51
C ASN A 329 -6.96 51.84 2.27
N PHE A 330 -7.01 51.65 3.58
CA PHE A 330 -8.05 52.27 4.39
C PHE A 330 -7.78 53.77 4.54
N ILE A 331 -6.59 54.12 5.02
CA ILE A 331 -6.23 55.51 5.23
C ILE A 331 -6.17 56.26 3.91
N ALA A 332 -5.86 55.57 2.81
CA ALA A 332 -5.75 56.24 1.51
C ALA A 332 -7.12 56.70 1.02
N ARG A 333 -8.13 55.85 1.15
CA ARG A 333 -9.46 56.21 0.69
C ARG A 333 -10.11 57.28 1.57
N GLN A 334 -9.54 57.55 2.74
CA GLN A 334 -10.10 58.59 3.62
C GLN A 334 -10.08 59.95 2.94
N HIS A 335 -9.02 60.24 2.19
CA HIS A 335 -8.91 61.51 1.49
C HIS A 335 -9.35 61.37 0.04
N VAL A 396 -7.63 69.29 -1.53
CA VAL A 396 -7.57 68.59 -0.25
C VAL A 396 -6.22 68.84 0.43
N GLU A 397 -6.07 70.04 0.99
CA GLU A 397 -4.82 70.39 1.65
C GLU A 397 -4.62 69.61 2.94
N GLU A 398 -5.53 69.78 3.90
CA GLU A 398 -5.45 69.04 5.15
C GLU A 398 -5.66 67.55 4.95
N MET A 399 -6.34 67.15 3.88
CA MET A 399 -6.61 65.74 3.66
C MET A 399 -5.34 64.98 3.29
N ARG A 400 -4.73 65.34 2.17
CA ARG A 400 -3.49 64.70 1.75
C ARG A 400 -2.33 64.97 2.71
N LYS A 401 -2.35 66.10 3.42
CA LYS A 401 -1.29 66.41 4.36
C LYS A 401 -1.27 65.47 5.55
N LEU A 402 -2.39 64.81 5.85
CA LEU A 402 -2.46 63.87 6.96
C LEU A 402 -2.46 62.42 6.53
N PHE A 403 -2.90 62.12 5.31
CA PHE A 403 -2.90 60.74 4.84
C PHE A 403 -1.49 60.27 4.50
N ILE A 404 -0.75 61.04 3.70
CA ILE A 404 0.62 60.68 3.37
C ILE A 404 1.53 60.71 4.58
N SER A 405 1.21 61.52 5.59
CA SER A 405 1.94 61.44 6.85
C SER A 405 1.74 60.10 7.53
N ARG A 406 0.64 59.42 7.24
CA ARG A 406 0.43 58.05 7.71
C ARG A 406 1.12 57.03 6.83
N ALA A 407 1.19 57.29 5.52
CA ALA A 407 1.87 56.37 4.61
C ALA A 407 3.38 56.43 4.78
N LYS A 408 3.89 57.48 5.45
CA LYS A 408 5.33 57.59 5.68
C LYS A 408 5.74 56.90 6.96
N ARG A 409 5.07 57.18 8.07
CA ARG A 409 5.38 56.48 9.32
C ARG A 409 5.12 54.98 9.19
N ILE A 410 4.18 54.61 8.32
CA ILE A 410 3.95 53.20 8.05
C ILE A 410 5.05 52.62 7.16
N ASP A 411 5.77 53.48 6.43
CA ASP A 411 6.83 53.00 5.56
C ASP A 411 8.11 52.76 6.34
N THR A 412 8.57 53.75 7.11
CA THR A 412 9.81 53.63 7.84
C THR A 412 9.74 52.58 8.94
N VAL A 413 8.54 52.14 9.31
CA VAL A 413 8.40 51.11 10.33
C VAL A 413 8.37 49.72 9.71
N SER A 414 7.54 49.51 8.69
CA SER A 414 7.44 48.18 8.10
C SER A 414 8.69 47.78 7.36
N ARG A 415 9.46 48.76 6.85
CA ARG A 415 10.72 48.47 6.19
C ARG A 415 11.78 47.95 7.16
N VAL A 416 11.57 48.09 8.47
CA VAL A 416 12.47 47.50 9.44
C VAL A 416 11.74 46.62 10.46
N ALA A 417 10.46 46.85 10.73
CA ALA A 417 9.75 46.07 11.73
C ALA A 417 9.63 44.60 11.40
N PHE A 418 9.31 44.25 10.15
CA PHE A 418 9.26 42.84 9.79
C PHE A 418 10.63 42.18 9.93
N PRO A 419 11.72 42.71 9.36
CA PRO A 419 13.04 42.17 9.68
C PRO A 419 13.41 42.30 11.14
N LEU A 420 12.78 43.20 11.89
CA LEU A 420 13.09 43.33 13.31
C LEU A 420 12.52 42.16 14.10
N VAL A 421 11.20 41.95 14.04
CA VAL A 421 10.59 40.90 14.85
C VAL A 421 10.87 39.52 14.28
N PHE A 422 10.95 39.41 12.96
CA PHE A 422 11.21 38.10 12.35
C PHE A 422 12.58 37.56 12.69
N LEU A 423 13.60 38.42 12.75
CA LEU A 423 14.93 37.95 13.10
C LEU A 423 15.04 37.67 14.59
N ILE A 424 14.46 38.53 15.42
CA ILE A 424 14.46 38.26 16.86
C ILE A 424 13.69 36.99 17.16
N PHE A 425 12.63 36.71 16.39
CA PHE A 425 11.94 35.44 16.54
C PHE A 425 12.84 34.28 16.18
N ASN A 426 13.59 34.40 15.08
CA ASN A 426 14.45 33.31 14.64
C ASN A 426 15.51 32.99 15.69
N ILE A 427 16.17 34.03 16.21
CA ILE A 427 17.23 33.79 17.19
C ILE A 427 16.66 33.16 18.45
N PHE A 428 15.43 33.49 18.80
CA PHE A 428 14.82 32.88 19.98
C PHE A 428 14.39 31.44 19.71
N TYR A 429 13.84 31.18 18.53
CA TYR A 429 13.38 29.84 18.17
C TYR A 429 14.52 28.84 18.21
N TRP A 430 15.64 29.15 17.56
CA TRP A 430 16.71 28.18 17.40
C TRP A 430 17.52 27.98 18.67
N ILE A 431 17.55 28.96 19.57
CA ILE A 431 18.23 28.75 20.85
C ILE A 431 17.37 27.90 21.77
N THR A 432 16.05 27.99 21.63
CA THR A 432 15.15 27.10 22.35
C THR A 432 15.37 25.65 21.98
N TYR A 433 15.84 25.38 20.77
CA TYR A 433 16.02 24.02 20.30
C TYR A 433 17.47 23.63 20.12
N LYS A 434 18.40 24.57 20.27
CA LYS A 434 19.81 24.25 20.33
C LYS A 434 20.27 23.95 21.75
N ILE A 435 19.35 23.93 22.72
CA ILE A 435 19.69 23.65 24.11
C ILE A 435 19.13 22.32 24.59
N ILE A 436 18.73 21.44 23.67
CA ILE A 436 18.11 20.19 24.07
C ILE A 436 18.72 19.03 23.28
N PRO B 31 21.06 -51.37 -14.01
CA PRO B 31 19.95 -52.30 -13.77
C PRO B 31 18.90 -51.74 -12.81
N MET B 32 19.19 -51.83 -11.51
CA MET B 32 18.32 -51.32 -10.46
C MET B 32 18.04 -49.83 -10.68
N PRO B 33 16.84 -49.37 -10.33
CA PRO B 33 16.51 -47.95 -10.48
C PRO B 33 17.40 -47.08 -9.61
N PRO B 34 17.95 -46.01 -10.18
CA PRO B 34 18.98 -45.24 -9.47
C PRO B 34 18.49 -44.59 -8.19
N SER B 35 17.23 -44.16 -8.14
CA SER B 35 16.67 -43.70 -6.87
C SER B 35 16.72 -44.83 -5.86
N GLU B 36 16.31 -46.03 -6.28
CA GLU B 36 16.55 -47.23 -5.47
C GLU B 36 18.04 -47.44 -5.25
N PHE B 37 18.86 -47.07 -6.23
CA PHE B 37 20.30 -47.02 -6.02
C PHE B 37 20.67 -45.98 -4.97
N LEU B 38 20.00 -44.83 -4.99
CA LEU B 38 20.30 -43.79 -4.01
C LEU B 38 19.74 -44.09 -2.64
N ASP B 39 18.77 -45.00 -2.54
CA ASP B 39 18.34 -45.48 -1.23
C ASP B 39 19.51 -46.07 -0.45
N LYS B 40 20.43 -46.73 -1.14
CA LYS B 40 21.66 -47.21 -0.52
C LYS B 40 22.83 -46.27 -0.77
N LEU B 41 22.67 -45.30 -1.68
CA LEU B 41 23.71 -44.29 -1.85
C LEU B 41 23.88 -43.45 -0.60
N MET B 42 22.78 -42.94 -0.06
CA MET B 42 22.80 -42.08 1.11
C MET B 42 21.98 -42.63 2.27
N GLY B 43 21.22 -43.69 2.08
CA GLY B 43 20.35 -44.22 3.10
C GLY B 43 21.10 -44.72 4.32
N LYS B 44 20.35 -45.33 5.24
CA LYS B 44 20.94 -45.85 6.47
C LYS B 44 22.01 -46.89 6.18
N VAL B 45 21.89 -47.62 5.09
CA VAL B 45 23.02 -48.39 4.59
C VAL B 45 24.06 -47.44 4.03
N SER B 46 25.32 -47.68 4.38
CA SER B 46 26.48 -46.85 4.09
C SER B 46 26.54 -45.60 4.96
N GLY B 47 25.51 -45.31 5.73
CA GLY B 47 25.58 -44.27 6.74
C GLY B 47 25.89 -42.87 6.26
N TYR B 48 25.14 -42.36 5.28
CA TYR B 48 25.23 -40.97 4.90
C TYR B 48 24.45 -40.15 5.91
N ASP B 49 25.16 -39.58 6.87
CA ASP B 49 24.54 -38.69 7.85
C ASP B 49 24.57 -37.28 7.27
N ALA B 50 23.39 -36.77 6.94
CA ALA B 50 23.29 -35.45 6.33
C ALA B 50 23.68 -34.33 7.28
N ARG B 51 23.91 -34.63 8.56
CA ARG B 51 24.24 -33.62 9.55
C ARG B 51 25.74 -33.51 9.80
N ILE B 52 26.56 -33.88 8.83
CA ILE B 52 28.01 -33.83 8.99
C ILE B 52 28.62 -33.46 7.64
N ARG B 53 29.31 -32.32 7.60
CA ARG B 53 29.83 -31.80 6.35
C ARG B 53 30.87 -32.75 5.75
N PRO B 54 31.10 -32.68 4.44
CA PRO B 54 32.15 -33.49 3.84
C PRO B 54 33.51 -33.09 4.36
N ASN B 55 34.47 -33.99 4.19
CA ASN B 55 35.86 -33.75 4.62
C ASN B 55 35.91 -33.36 6.09
N PHE B 56 35.14 -34.08 6.90
CA PHE B 56 35.01 -33.73 8.31
C PHE B 56 36.36 -33.86 9.01
N LYS B 57 36.71 -32.81 9.78
CA LYS B 57 37.98 -32.74 10.49
C LYS B 57 39.16 -32.52 9.56
N GLY B 58 38.90 -32.18 8.31
CA GLY B 58 39.94 -31.92 7.35
C GLY B 58 39.90 -30.50 6.88
N PRO B 59 40.34 -30.25 5.65
CA PRO B 59 40.24 -28.91 5.10
C PRO B 59 38.79 -28.49 5.01
N PRO B 60 38.53 -27.20 4.90
CA PRO B 60 37.14 -26.75 4.78
C PRO B 60 36.55 -27.20 3.46
N VAL B 61 35.23 -27.02 3.33
CA VAL B 61 34.53 -27.42 2.13
C VAL B 61 34.53 -26.27 1.13
N ASN B 62 35.26 -26.44 0.02
CA ASN B 62 35.42 -25.41 -0.99
C ASN B 62 34.20 -25.40 -1.90
N VAL B 63 33.38 -24.37 -1.79
CA VAL B 63 32.11 -24.29 -2.50
C VAL B 63 32.23 -23.18 -3.55
N THR B 64 32.17 -23.56 -4.82
CA THR B 64 32.18 -22.59 -5.91
C THR B 64 30.75 -22.22 -6.27
N CYS B 65 30.52 -20.92 -6.48
CA CYS B 65 29.19 -20.41 -6.70
C CYS B 65 29.15 -19.56 -7.96
N ASN B 66 27.96 -19.45 -8.53
CA ASN B 66 27.68 -18.49 -9.59
C ASN B 66 26.17 -18.26 -9.61
N ILE B 67 25.75 -17.20 -10.28
CA ILE B 67 24.35 -16.84 -10.31
C ILE B 67 23.90 -16.61 -11.75
N PHE B 68 22.58 -16.61 -11.94
CA PHE B 68 21.94 -16.34 -13.21
C PHE B 68 20.72 -15.47 -12.92
N ILE B 69 20.62 -14.34 -13.60
CA ILE B 69 19.66 -13.30 -13.25
C ILE B 69 18.51 -13.35 -14.25
N ASN B 70 17.35 -13.84 -13.81
CA ASN B 70 16.14 -13.69 -14.63
C ASN B 70 15.57 -12.29 -14.48
N SER B 71 15.11 -11.95 -13.30
CA SER B 71 14.45 -10.69 -13.04
C SER B 71 15.38 -9.76 -12.30
N PHE B 72 15.17 -8.46 -12.51
CA PHE B 72 15.99 -7.45 -11.89
C PHE B 72 15.26 -6.13 -12.08
N GLY B 73 15.10 -5.36 -11.03
CA GLY B 73 14.35 -4.13 -11.12
C GLY B 73 13.59 -3.89 -9.84
N SER B 74 12.60 -3.00 -9.94
CA SER B 74 11.89 -2.50 -8.78
C SER B 74 12.89 -1.96 -7.76
N ILE B 75 13.77 -1.09 -8.24
CA ILE B 75 14.81 -0.50 -7.41
C ILE B 75 14.22 0.71 -6.71
N ALA B 76 13.60 0.48 -5.56
CA ALA B 76 12.91 1.54 -4.84
C ALA B 76 13.91 2.32 -3.99
N GLU B 77 14.00 3.61 -4.24
CA GLU B 77 14.88 4.49 -3.47
C GLU B 77 14.22 4.98 -2.21
N THR B 78 12.88 4.95 -2.16
CA THR B 78 12.18 5.17 -0.91
C THR B 78 12.61 4.16 0.14
N THR B 79 12.93 2.94 -0.29
CA THR B 79 13.40 1.90 0.60
C THR B 79 14.89 1.63 0.46
N MET B 80 15.49 1.98 -0.67
CA MET B 80 16.89 1.70 -0.93
C MET B 80 17.16 0.20 -0.93
N ASP B 81 16.42 -0.50 -1.78
CA ASP B 81 16.59 -1.93 -1.96
C ASP B 81 16.24 -2.26 -3.39
N TYR B 82 16.13 -3.55 -3.69
CA TYR B 82 15.76 -3.96 -5.03
C TYR B 82 15.51 -5.45 -5.05
N ARG B 83 14.67 -5.89 -5.97
CA ARG B 83 14.28 -7.28 -6.08
C ARG B 83 14.98 -7.93 -7.28
N VAL B 84 15.47 -9.14 -7.07
CA VAL B 84 16.16 -9.90 -8.09
C VAL B 84 15.62 -11.32 -8.05
N ASN B 85 15.67 -12.02 -9.18
CA ASN B 85 15.21 -13.39 -9.29
C ASN B 85 16.32 -14.20 -9.93
N ILE B 86 17.11 -14.90 -9.11
CA ILE B 86 18.35 -15.49 -9.55
C ILE B 86 18.23 -17.01 -9.53
N PHE B 87 19.16 -17.66 -10.20
CA PHE B 87 19.35 -19.10 -10.11
C PHE B 87 20.70 -19.34 -9.44
N LEU B 88 20.69 -19.53 -8.13
CA LEU B 88 21.93 -19.75 -7.39
C LEU B 88 22.42 -21.16 -7.66
N ARG B 89 23.58 -21.29 -8.31
CA ARG B 89 24.21 -22.59 -8.52
C ARG B 89 25.35 -22.72 -7.51
N GLN B 90 25.42 -23.87 -6.86
CA GLN B 90 26.50 -24.19 -5.96
C GLN B 90 27.19 -25.47 -6.41
N GLN B 91 28.46 -25.63 -6.05
CA GLN B 91 29.19 -26.84 -6.35
C GLN B 91 30.18 -27.11 -5.24
N TRP B 92 30.08 -28.29 -4.62
CA TRP B 92 31.04 -28.74 -3.64
C TRP B 92 31.28 -30.23 -3.89
N ASN B 93 32.33 -30.76 -3.29
CA ASN B 93 32.69 -32.15 -3.51
C ASN B 93 32.49 -32.93 -2.22
N ASP B 94 31.63 -33.94 -2.29
CA ASP B 94 31.34 -34.78 -1.13
C ASP B 94 31.78 -36.21 -1.43
N PRO B 95 32.89 -36.67 -0.86
CA PRO B 95 33.36 -38.04 -1.16
C PRO B 95 32.36 -39.12 -0.82
N ARG B 96 31.48 -38.89 0.16
CA ARG B 96 30.47 -39.87 0.52
C ARG B 96 29.48 -40.12 -0.62
N LEU B 97 29.40 -39.21 -1.59
CA LEU B 97 28.48 -39.32 -2.70
C LEU B 97 29.15 -39.89 -3.95
N ALA B 98 30.23 -40.63 -3.80
CA ALA B 98 31.01 -41.11 -4.95
C ALA B 98 30.47 -42.46 -5.38
N TYR B 99 29.53 -42.45 -6.33
CA TYR B 99 29.08 -43.69 -6.92
C TYR B 99 30.11 -44.19 -7.93
N SER B 100 30.28 -45.50 -7.98
CA SER B 100 31.26 -46.09 -8.88
C SER B 100 30.66 -47.08 -9.86
N GLU B 101 29.66 -47.85 -9.44
CA GLU B 101 29.09 -48.88 -10.30
C GLU B 101 28.46 -48.29 -11.56
N TYR B 102 27.93 -47.10 -11.46
CA TYR B 102 27.03 -46.60 -12.48
C TYR B 102 27.82 -46.15 -13.71
N PRO B 103 27.28 -46.31 -14.92
CA PRO B 103 28.10 -46.11 -16.13
C PRO B 103 28.14 -44.69 -16.68
N ASP B 104 27.55 -43.71 -16.02
CA ASP B 104 27.47 -42.37 -16.58
C ASP B 104 28.11 -41.35 -15.65
N ASP B 105 28.02 -40.08 -16.05
CA ASP B 105 28.65 -38.98 -15.33
C ASP B 105 27.72 -38.30 -14.34
N SER B 106 26.45 -38.13 -14.70
CA SER B 106 25.51 -37.35 -13.90
C SER B 106 24.31 -38.20 -13.51
N LEU B 107 23.87 -38.05 -12.26
CA LEU B 107 22.67 -38.70 -11.76
C LEU B 107 21.78 -37.63 -11.13
N ASP B 108 20.96 -36.98 -11.93
CA ASP B 108 20.01 -36.03 -11.41
C ASP B 108 19.02 -36.75 -10.49
N LEU B 109 18.25 -35.96 -9.74
CA LEU B 109 17.27 -36.50 -8.80
C LEU B 109 16.33 -35.38 -8.41
N ASP B 110 15.04 -35.67 -8.34
CA ASP B 110 14.09 -34.61 -8.06
C ASP B 110 14.30 -34.06 -6.65
N PRO B 111 13.93 -32.81 -6.41
CA PRO B 111 14.16 -32.21 -5.08
C PRO B 111 13.42 -32.91 -3.94
N SER B 112 12.58 -33.91 -4.21
CA SER B 112 11.87 -34.60 -3.13
C SER B 112 12.84 -35.16 -2.10
N MET B 113 14.00 -35.64 -2.54
CA MET B 113 15.05 -36.09 -1.66
C MET B 113 16.20 -35.10 -1.60
N LEU B 114 15.97 -33.86 -1.99
CA LEU B 114 17.00 -32.85 -1.85
C LEU B 114 17.24 -32.46 -0.39
N ASP B 115 16.31 -32.78 0.50
CA ASP B 115 16.54 -32.62 1.92
C ASP B 115 17.31 -33.79 2.51
N SER B 116 17.77 -34.71 1.67
CA SER B 116 18.42 -35.92 2.14
C SER B 116 19.93 -35.80 2.21
N ILE B 117 20.52 -34.90 1.42
CA ILE B 117 21.96 -34.77 1.34
C ILE B 117 22.39 -33.55 2.15
N TRP B 118 23.70 -33.43 2.35
CA TRP B 118 24.21 -32.24 3.00
C TRP B 118 24.15 -31.06 2.04
N LYS B 119 23.80 -29.89 2.58
CA LYS B 119 23.70 -28.68 1.78
C LYS B 119 24.29 -27.52 2.57
N PRO B 120 25.13 -26.71 1.97
CA PRO B 120 25.71 -25.57 2.69
C PRO B 120 24.67 -24.53 3.03
N ASP B 121 24.87 -23.87 4.17
CA ASP B 121 23.90 -22.91 4.68
C ASP B 121 24.21 -21.49 4.19
N LEU B 122 24.31 -21.35 2.88
CA LEU B 122 24.53 -20.05 2.29
C LEU B 122 23.32 -19.17 2.50
N PHE B 123 23.51 -18.04 3.19
CA PHE B 123 22.47 -17.04 3.32
C PHE B 123 22.96 -15.77 2.65
N PHE B 124 22.09 -14.79 2.55
CA PHE B 124 22.42 -13.51 1.93
C PHE B 124 22.50 -12.46 3.02
N ALA B 125 23.68 -11.88 3.20
CA ALA B 125 23.95 -11.01 4.34
C ALA B 125 23.08 -9.76 4.34
N ASN B 126 22.44 -9.43 3.23
CA ASN B 126 21.54 -8.30 3.14
C ASN B 126 20.22 -8.70 2.48
N GLU B 127 19.62 -9.78 2.98
CA GLU B 127 18.36 -10.29 2.44
C GLU B 127 17.27 -9.25 2.41
N LYS B 128 16.83 -8.78 3.58
CA LYS B 128 15.67 -7.90 3.69
C LYS B 128 14.44 -8.54 3.01
N GLY B 129 14.33 -9.85 3.18
CA GLY B 129 13.24 -10.57 2.55
C GLY B 129 13.66 -11.39 1.36
N ALA B 130 13.27 -12.66 1.35
CA ALA B 130 13.60 -13.58 0.27
C ALA B 130 12.69 -14.80 0.38
N ASN B 131 12.48 -15.51 -0.72
CA ASN B 131 11.61 -16.67 -0.66
C ASN B 131 11.95 -17.65 -1.77
N PHE B 132 11.57 -18.89 -1.57
CA PHE B 132 11.70 -19.90 -2.59
C PHE B 132 10.50 -19.81 -3.53
N HIS B 133 10.56 -20.51 -4.66
CA HIS B 133 9.45 -20.57 -5.61
C HIS B 133 8.97 -22.02 -5.65
N GLU B 134 7.72 -22.21 -5.26
CA GLU B 134 7.15 -23.54 -5.11
C GLU B 134 5.91 -23.74 -5.98
N VAL B 135 5.96 -23.32 -7.24
CA VAL B 135 4.80 -23.40 -8.12
C VAL B 135 4.90 -24.68 -8.95
N THR B 136 4.08 -25.66 -8.61
CA THR B 136 3.94 -26.94 -9.29
C THR B 136 5.11 -27.87 -8.95
N THR B 137 6.15 -27.33 -8.33
CA THR B 137 7.26 -28.11 -7.80
C THR B 137 8.21 -27.13 -7.13
N ASP B 138 8.97 -27.58 -6.13
CA ASP B 138 10.08 -26.79 -5.65
C ASP B 138 11.04 -26.55 -6.81
N ASN B 139 11.27 -25.30 -7.15
CA ASN B 139 12.15 -24.97 -8.28
C ASN B 139 13.58 -25.24 -7.85
N LYS B 140 14.01 -26.49 -7.98
CA LYS B 140 15.30 -26.92 -7.47
C LYS B 140 15.94 -27.86 -8.47
N LEU B 141 17.26 -27.98 -8.41
CA LEU B 141 18.03 -28.81 -9.32
C LEU B 141 19.12 -29.52 -8.54
N LEU B 142 19.35 -30.79 -8.88
CA LEU B 142 20.30 -31.59 -8.12
C LEU B 142 20.87 -32.69 -9.01
N ARG B 143 22.12 -32.55 -9.41
CA ARG B 143 22.81 -33.59 -10.14
C ARG B 143 24.13 -33.87 -9.44
N ILE B 144 24.64 -35.09 -9.60
CA ILE B 144 25.81 -35.56 -8.86
C ILE B 144 26.73 -36.28 -9.84
N SER B 145 27.96 -35.81 -9.93
CA SER B 145 28.96 -36.44 -10.77
C SER B 145 29.51 -37.69 -10.09
N LYS B 146 30.28 -38.46 -10.86
CA LYS B 146 30.86 -39.70 -10.34
C LYS B 146 31.77 -39.45 -9.15
N ASN B 147 32.59 -38.41 -9.22
CA ASN B 147 33.58 -38.12 -8.19
C ASN B 147 33.02 -37.35 -7.01
N GLY B 148 31.70 -37.24 -6.91
CA GLY B 148 31.08 -36.58 -5.78
C GLY B 148 30.73 -35.12 -5.98
N ASN B 149 30.99 -34.57 -7.16
CA ASN B 149 30.66 -33.17 -7.43
C ASN B 149 29.14 -32.98 -7.32
N VAL B 150 28.71 -32.03 -6.51
CA VAL B 150 27.28 -31.77 -6.32
C VAL B 150 26.96 -30.41 -6.92
N LEU B 151 26.24 -30.41 -8.04
CA LEU B 151 25.62 -29.20 -8.56
C LEU B 151 24.27 -29.04 -7.90
N TYR B 152 24.06 -27.89 -7.25
CA TYR B 152 22.84 -27.59 -6.52
C TYR B 152 22.39 -26.19 -6.92
N SER B 153 21.20 -26.10 -7.50
CA SER B 153 20.70 -24.87 -8.07
C SER B 153 19.25 -24.68 -7.66
N ILE B 154 18.92 -23.47 -7.21
CA ILE B 154 17.57 -23.14 -6.78
C ILE B 154 17.23 -21.72 -7.17
N ARG B 155 15.97 -21.54 -7.58
CA ARG B 155 15.44 -20.23 -7.93
C ARG B 155 15.12 -19.47 -6.65
N ILE B 156 15.57 -18.23 -6.58
CA ILE B 156 15.38 -17.41 -5.40
C ILE B 156 14.91 -16.02 -5.83
N THR B 157 14.03 -15.43 -5.02
CA THR B 157 13.60 -14.05 -5.23
C THR B 157 14.04 -13.25 -4.01
N LEU B 158 15.02 -12.38 -4.20
CA LEU B 158 15.61 -11.60 -3.13
C LEU B 158 15.12 -10.17 -3.20
N VAL B 159 15.06 -9.52 -2.04
CA VAL B 159 14.81 -8.08 -2.02
C VAL B 159 15.97 -7.44 -1.27
N LEU B 160 17.05 -7.18 -1.98
CA LEU B 160 18.34 -6.90 -1.36
C LEU B 160 18.47 -5.42 -1.03
N ALA B 161 19.16 -5.13 0.07
CA ALA B 161 19.33 -3.77 0.54
C ALA B 161 20.65 -3.21 0.01
N CYS B 162 20.57 -2.07 -0.67
CA CYS B 162 21.75 -1.38 -1.11
C CYS B 162 21.55 0.09 -0.79
N PRO B 163 22.40 0.67 0.06
CA PRO B 163 22.27 2.10 0.36
C PRO B 163 22.61 2.93 -0.85
N MET B 164 21.77 3.90 -1.14
CA MET B 164 21.85 4.69 -2.37
C MET B 164 22.65 5.94 -2.06
N ASP B 165 23.61 6.26 -2.92
CA ASP B 165 24.35 7.51 -2.80
C ASP B 165 23.73 8.49 -3.80
N LEU B 166 23.19 9.60 -3.28
CA LEU B 166 22.43 10.53 -4.09
C LEU B 166 23.01 11.93 -4.07
N LYS B 167 24.33 12.05 -4.09
CA LYS B 167 24.94 13.37 -4.21
C LYS B 167 24.51 14.03 -5.51
N ASN B 168 24.76 13.35 -6.63
CA ASN B 168 24.36 13.80 -7.95
C ASN B 168 23.25 12.88 -8.44
N PHE B 169 22.01 13.25 -8.11
CA PHE B 169 20.89 12.31 -8.19
C PHE B 169 20.58 11.84 -9.61
N PRO B 170 20.11 12.70 -10.52
CA PRO B 170 19.72 12.17 -11.84
C PRO B 170 20.88 11.65 -12.67
N MET B 171 22.12 11.90 -12.27
CA MET B 171 23.29 11.41 -12.98
C MET B 171 24.17 10.59 -12.06
N ASP B 172 23.56 9.76 -11.22
CA ASP B 172 24.30 8.96 -10.26
C ASP B 172 24.58 7.59 -10.83
N VAL B 173 25.62 6.95 -10.32
CA VAL B 173 25.96 5.57 -10.65
C VAL B 173 25.86 4.79 -9.35
N GLN B 174 24.71 4.21 -9.09
CA GLN B 174 24.54 3.40 -7.89
C GLN B 174 25.25 2.07 -8.05
N THR B 175 25.84 1.60 -6.95
CA THR B 175 26.53 0.31 -6.92
C THR B 175 25.89 -0.53 -5.82
N CYS B 176 24.82 -1.23 -6.17
CA CYS B 176 24.16 -2.15 -5.27
C CYS B 176 24.93 -3.48 -5.29
N ILE B 177 24.87 -4.20 -4.18
CA ILE B 177 25.67 -5.41 -3.99
C ILE B 177 24.76 -6.52 -3.50
N MET B 178 25.26 -7.75 -3.66
CA MET B 178 24.67 -8.89 -2.99
C MET B 178 25.82 -9.77 -2.53
N GLN B 179 25.81 -10.16 -1.27
CA GLN B 179 26.94 -10.85 -0.69
C GLN B 179 26.47 -12.12 -0.02
N LEU B 180 27.21 -13.21 -0.25
CA LEU B 180 26.82 -14.56 0.12
C LEU B 180 27.71 -15.03 1.26
N GLU B 181 27.17 -15.07 2.48
CA GLU B 181 27.90 -15.52 3.65
C GLU B 181 27.44 -16.90 4.07
N SER B 182 28.24 -17.50 4.95
CA SER B 182 27.85 -18.70 5.68
C SER B 182 27.53 -18.33 7.12
N PHE B 183 26.40 -18.80 7.62
CA PHE B 183 25.90 -18.35 8.91
C PHE B 183 26.42 -19.19 10.06
N GLY B 184 26.48 -20.51 9.88
CA GLY B 184 26.87 -21.39 10.97
C GLY B 184 28.31 -21.83 10.95
N TYR B 185 28.81 -22.29 9.82
CA TYR B 185 30.14 -22.86 9.75
C TYR B 185 31.18 -21.76 9.68
N THR B 186 32.30 -21.95 10.37
CA THR B 186 33.34 -20.93 10.42
C THR B 186 34.23 -21.04 9.19
N MET B 187 35.15 -20.08 9.04
CA MET B 187 36.03 -20.06 7.87
C MET B 187 36.96 -21.26 7.83
N ASN B 188 37.19 -21.93 8.96
CA ASN B 188 38.05 -23.11 8.95
C ASN B 188 37.31 -24.39 8.63
N ASP B 189 35.99 -24.33 8.39
CA ASP B 189 35.22 -25.50 8.01
C ASP B 189 34.43 -25.35 6.72
N LEU B 190 34.27 -24.13 6.21
CA LEU B 190 33.51 -23.93 4.99
C LEU B 190 33.92 -22.60 4.36
N ILE B 191 34.30 -22.65 3.08
CA ILE B 191 34.78 -21.48 2.35
C ILE B 191 34.03 -21.38 1.03
N PHE B 192 33.52 -20.20 0.72
CA PHE B 192 32.88 -19.94 -0.56
C PHE B 192 33.88 -19.38 -1.56
N GLU B 193 33.57 -19.56 -2.83
CA GLU B 193 34.38 -19.04 -3.92
C GLU B 193 33.49 -18.83 -5.14
N TRP B 194 33.87 -17.88 -5.98
CA TRP B 194 33.26 -17.78 -7.30
C TRP B 194 34.04 -18.66 -8.27
N ASP B 195 33.32 -19.23 -9.23
CA ASP B 195 33.98 -19.97 -10.30
C ASP B 195 34.46 -18.99 -11.37
N GLU B 196 35.51 -19.40 -12.08
CA GLU B 196 36.14 -18.50 -13.03
C GLU B 196 35.34 -18.39 -14.32
N LYS B 197 34.71 -19.47 -14.75
CA LYS B 197 34.03 -19.53 -16.04
C LYS B 197 32.67 -18.84 -15.93
N GLY B 198 32.70 -17.51 -15.96
CA GLY B 198 31.46 -16.75 -15.95
C GLY B 198 30.67 -16.89 -14.68
N ALA B 199 31.17 -16.32 -13.59
CA ALA B 199 30.51 -16.43 -12.30
C ALA B 199 29.15 -15.76 -12.26
N VAL B 200 28.84 -14.84 -13.17
CA VAL B 200 27.57 -14.12 -13.15
C VAL B 200 27.05 -13.99 -14.57
N GLN B 201 26.06 -14.79 -14.93
CA GLN B 201 25.39 -14.66 -16.21
C GLN B 201 24.14 -13.82 -16.04
N VAL B 202 23.73 -13.13 -17.10
CA VAL B 202 22.52 -12.34 -17.11
C VAL B 202 21.63 -12.84 -18.25
N ALA B 203 20.32 -12.73 -18.06
CA ALA B 203 19.38 -13.17 -19.08
C ALA B 203 19.64 -12.43 -20.38
N ASP B 204 19.18 -13.02 -21.48
CA ASP B 204 19.56 -12.54 -22.80
C ASP B 204 19.01 -11.15 -23.06
N GLY B 205 17.72 -10.95 -22.79
CA GLY B 205 17.13 -9.65 -23.06
C GLY B 205 16.79 -8.88 -21.81
N LEU B 206 17.47 -9.16 -20.71
CA LEU B 206 17.18 -8.52 -19.43
C LEU B 206 17.51 -7.04 -19.52
N THR B 207 16.51 -6.19 -19.31
CA THR B 207 16.69 -4.75 -19.27
C THR B 207 15.98 -4.19 -18.06
N LEU B 208 16.09 -2.88 -17.89
CA LEU B 208 15.45 -2.21 -16.78
C LEU B 208 14.64 -1.03 -17.30
N PRO B 209 13.72 -0.51 -16.50
CA PRO B 209 12.97 0.68 -16.93
C PRO B 209 13.74 1.97 -16.72
N GLN B 210 14.79 1.97 -15.90
CA GLN B 210 15.43 3.20 -15.49
C GLN B 210 16.95 3.16 -15.50
N PHE B 211 17.57 1.98 -15.59
CA PHE B 211 19.00 1.84 -15.40
C PHE B 211 19.60 1.07 -16.57
N ILE B 212 20.93 0.94 -16.56
CA ILE B 212 21.63 0.07 -17.49
C ILE B 212 22.56 -0.79 -16.65
N LEU B 213 22.31 -2.08 -16.61
CA LEU B 213 23.17 -3.00 -15.89
C LEU B 213 24.48 -3.13 -16.65
N LYS B 214 25.50 -2.39 -16.21
CA LYS B 214 26.78 -2.39 -16.92
C LYS B 214 27.40 -3.77 -16.90
N GLU B 215 28.01 -4.16 -18.02
CA GLU B 215 28.50 -5.52 -18.17
C GLU B 215 29.59 -5.85 -17.17
N GLU B 216 30.46 -4.91 -16.85
CA GLU B 216 31.50 -5.14 -15.86
C GLU B 216 30.87 -5.41 -14.51
N LYS B 217 31.22 -6.55 -13.92
CA LYS B 217 30.65 -6.96 -12.63
C LYS B 217 31.78 -7.41 -11.73
N ASP B 218 31.92 -6.77 -10.59
CA ASP B 218 33.06 -7.02 -9.73
C ASP B 218 32.83 -8.24 -8.85
N LEU B 219 33.93 -8.87 -8.45
CA LEU B 219 33.85 -10.08 -7.65
C LEU B 219 35.00 -10.03 -6.64
N ARG B 220 34.66 -9.82 -5.38
CA ARG B 220 35.66 -9.70 -4.34
C ARG B 220 35.11 -10.26 -3.04
N TYR B 221 36.01 -10.62 -2.13
CA TYR B 221 35.66 -11.28 -0.89
C TYR B 221 35.15 -10.24 0.11
N CYS B 222 34.32 -10.66 1.05
CA CYS B 222 33.97 -9.80 2.17
C CYS B 222 34.01 -10.57 3.48
N THR B 223 35.10 -11.31 3.69
CA THR B 223 35.30 -12.16 4.85
C THR B 223 35.00 -11.42 6.15
N LYS B 224 34.09 -11.99 6.93
CA LYS B 224 33.56 -11.31 8.11
C LYS B 224 34.27 -11.78 9.36
N HIS B 225 34.02 -11.05 10.45
CA HIS B 225 34.54 -11.36 11.77
C HIS B 225 33.49 -10.96 12.79
N TYR B 226 33.29 -11.82 13.78
CA TYR B 226 32.38 -11.51 14.88
C TYR B 226 33.04 -11.94 16.18
N ASN B 227 32.28 -11.86 17.27
CA ASN B 227 32.73 -12.46 18.52
C ASN B 227 32.49 -13.95 18.57
N THR B 228 32.06 -14.56 17.47
CA THR B 228 31.89 -15.99 17.35
C THR B 228 32.93 -16.65 16.46
N GLY B 229 33.55 -15.89 15.56
CA GLY B 229 34.57 -16.42 14.68
C GLY B 229 34.61 -15.61 13.39
N LYS B 230 35.15 -16.24 12.36
CA LYS B 230 35.21 -15.61 11.04
C LYS B 230 34.53 -16.53 10.05
N PHE B 231 33.75 -15.93 9.15
CA PHE B 231 32.87 -16.67 8.26
C PHE B 231 33.20 -16.29 6.82
N THR B 232 32.79 -17.17 5.90
CA THR B 232 33.13 -16.95 4.50
C THR B 232 32.15 -15.98 3.86
N CYS B 233 32.65 -15.19 2.93
CA CYS B 233 31.82 -14.28 2.14
C CYS B 233 32.39 -14.09 0.76
N ILE B 234 31.50 -13.81 -0.18
CA ILE B 234 31.82 -13.38 -1.54
C ILE B 234 30.69 -12.46 -1.95
N GLU B 235 31.03 -11.45 -2.75
CA GLU B 235 30.00 -10.50 -3.14
C GLU B 235 30.28 -9.97 -4.53
N ALA B 236 29.22 -9.86 -5.31
CA ALA B 236 29.29 -9.33 -6.66
C ALA B 236 28.65 -7.95 -6.68
N ARG B 237 29.42 -6.96 -7.14
CA ARG B 237 29.00 -5.57 -7.17
C ARG B 237 28.42 -5.26 -8.55
N PHE B 238 27.14 -4.93 -8.58
CA PHE B 238 26.45 -4.59 -9.81
C PHE B 238 26.50 -3.07 -9.98
N HIS B 239 27.10 -2.61 -11.07
CA HIS B 239 27.07 -1.18 -11.35
C HIS B 239 25.78 -0.83 -12.06
N LEU B 240 25.25 0.35 -11.72
CA LEU B 240 23.98 0.78 -12.29
C LEU B 240 24.10 2.24 -12.67
N GLU B 241 23.66 2.58 -13.87
CA GLU B 241 23.68 3.95 -14.36
C GLU B 241 22.28 4.31 -14.83
N ARG B 242 21.86 5.55 -14.56
CA ARG B 242 20.46 5.89 -14.80
C ARG B 242 20.20 6.24 -16.25
N GLN B 243 18.99 5.91 -16.69
CA GLN B 243 18.43 6.47 -17.91
C GLN B 243 17.97 7.89 -17.58
N MET B 244 18.76 8.86 -18.02
CA MET B 244 18.45 10.26 -17.75
C MET B 244 17.29 10.77 -18.59
N GLY B 245 16.79 9.96 -19.52
CA GLY B 245 15.76 10.44 -20.44
C GLY B 245 14.49 10.87 -19.73
N TYR B 246 14.05 10.08 -18.75
CA TYR B 246 12.82 10.41 -18.04
C TYR B 246 12.94 11.74 -17.34
N TYR B 247 13.87 11.84 -16.38
CA TYR B 247 14.04 13.07 -15.60
C TYR B 247 14.34 14.27 -16.48
N LEU B 248 14.93 14.05 -17.66
CA LEU B 248 15.14 15.13 -18.61
C LEU B 248 13.80 15.71 -19.07
N ILE B 249 12.74 14.93 -19.00
CA ILE B 249 11.44 15.40 -19.47
C ILE B 249 10.57 15.90 -18.34
N GLN B 250 10.31 15.10 -17.31
CA GLN B 250 9.34 15.53 -16.31
C GLN B 250 9.85 16.71 -15.48
N MET B 251 11.17 16.81 -15.29
CA MET B 251 11.70 17.79 -14.36
C MET B 251 12.43 18.95 -15.01
N TYR B 252 13.33 18.68 -15.95
CA TYR B 252 14.20 19.74 -16.47
C TYR B 252 13.47 20.68 -17.41
N ILE B 253 12.70 20.15 -18.35
CA ILE B 253 11.97 20.98 -19.29
C ILE B 253 10.98 21.90 -18.56
N PRO B 254 10.12 21.38 -17.68
CA PRO B 254 9.30 22.28 -16.85
C PRO B 254 10.12 23.26 -16.04
N SER B 255 11.32 22.87 -15.61
CA SER B 255 12.22 23.83 -15.01
C SER B 255 12.70 24.85 -16.03
N LEU B 256 12.77 24.48 -17.29
CA LEU B 256 13.31 25.35 -18.32
C LEU B 256 12.27 26.24 -18.97
N LEU B 257 11.01 25.81 -19.03
CA LEU B 257 9.98 26.66 -19.59
C LEU B 257 9.70 27.86 -18.68
N ILE B 258 9.73 27.64 -17.37
CA ILE B 258 9.44 28.72 -16.44
C ILE B 258 10.48 29.83 -16.57
N VAL B 259 11.71 29.48 -16.91
CA VAL B 259 12.76 30.48 -17.07
C VAL B 259 12.48 31.34 -18.31
N ILE B 260 12.21 30.69 -19.44
CA ILE B 260 11.93 31.44 -20.66
C ILE B 260 10.61 32.18 -20.54
N LEU B 261 9.64 31.59 -19.84
CA LEU B 261 8.41 32.33 -19.53
C LEU B 261 8.70 33.51 -18.61
N SER B 262 9.72 33.39 -17.78
CA SER B 262 10.10 34.48 -16.90
C SER B 262 11.03 35.48 -17.57
N TRP B 263 11.42 35.25 -18.82
CA TRP B 263 12.24 36.21 -19.56
C TRP B 263 11.43 37.09 -20.49
N VAL B 264 10.49 36.50 -21.24
CA VAL B 264 9.60 37.29 -22.07
C VAL B 264 8.62 38.08 -21.21
N SER B 265 8.49 37.73 -19.93
CA SER B 265 7.81 38.61 -18.98
C SER B 265 8.49 39.97 -18.92
N PHE B 266 9.81 40.02 -19.13
CA PHE B 266 10.54 41.28 -19.24
C PHE B 266 10.48 41.88 -20.64
N TRP B 267 10.11 41.10 -21.65
CA TRP B 267 9.78 41.62 -22.97
C TRP B 267 8.37 42.22 -23.02
N ILE B 268 7.78 42.46 -21.85
CA ILE B 268 6.45 43.06 -21.70
C ILE B 268 6.53 44.50 -22.15
N ASN B 269 5.38 45.17 -22.25
CA ASN B 269 5.31 46.58 -22.59
C ASN B 269 6.26 47.42 -21.76
N MET B 270 6.75 48.53 -22.33
CA MET B 270 7.70 49.38 -21.63
C MET B 270 7.12 49.90 -20.32
N ASP B 271 5.91 50.44 -20.37
CA ASP B 271 5.29 50.95 -19.16
C ASP B 271 4.96 49.82 -18.20
N ALA B 272 5.22 50.06 -16.92
CA ALA B 272 4.98 49.07 -15.88
C ALA B 272 3.48 48.99 -15.65
N ALA B 273 2.88 47.87 -16.04
CA ALA B 273 1.44 47.65 -15.87
C ALA B 273 1.22 46.37 -15.09
N PRO B 274 -0.02 46.01 -14.76
CA PRO B 274 -0.27 44.74 -14.05
C PRO B 274 0.08 43.49 -14.87
N ALA B 275 0.50 43.63 -16.12
CA ALA B 275 0.96 42.47 -16.87
C ALA B 275 2.14 41.80 -16.18
N ARG B 276 3.19 42.57 -15.85
CA ARG B 276 4.29 42.03 -15.08
C ARG B 276 3.84 41.59 -13.70
N VAL B 277 2.75 42.17 -13.20
CA VAL B 277 2.15 41.71 -11.95
C VAL B 277 1.75 40.25 -12.06
N GLY B 278 1.19 39.86 -13.21
CA GLY B 278 0.79 38.49 -13.43
C GLY B 278 1.94 37.56 -13.76
N LEU B 279 2.71 37.88 -14.79
CA LEU B 279 3.77 37.01 -15.28
C LEU B 279 4.83 36.72 -14.23
N GLY B 280 4.97 37.56 -13.21
CA GLY B 280 5.97 37.32 -12.19
C GLY B 280 5.56 36.28 -11.17
N ILE B 281 4.51 36.56 -10.39
CA ILE B 281 4.10 35.65 -9.32
C ILE B 281 3.59 34.33 -9.86
N THR B 282 3.01 34.32 -11.06
CA THR B 282 2.50 33.07 -11.63
C THR B 282 3.63 32.06 -11.81
N THR B 283 4.72 32.47 -12.45
CA THR B 283 5.83 31.57 -12.70
C THR B 283 6.48 31.10 -11.40
N VAL B 284 6.65 32.00 -10.43
CA VAL B 284 7.26 31.63 -9.16
C VAL B 284 6.44 30.56 -8.46
N LEU B 285 5.11 30.67 -8.56
CA LEU B 285 4.25 29.66 -7.95
C LEU B 285 4.43 28.31 -8.61
N THR B 286 4.73 28.30 -9.91
CA THR B 286 5.02 27.04 -10.60
C THR B 286 6.21 26.35 -9.96
N MET B 287 7.34 27.07 -9.87
CA MET B 287 8.55 26.49 -9.31
C MET B 287 8.34 26.03 -7.87
N THR B 288 7.51 26.74 -7.11
CA THR B 288 7.19 26.30 -5.76
C THR B 288 6.53 24.93 -5.76
N THR B 289 5.59 24.71 -6.68
CA THR B 289 4.95 23.40 -6.81
C THR B 289 5.84 22.40 -7.51
N GLN B 290 6.65 22.86 -8.48
CA GLN B 290 7.63 21.98 -9.10
C GLN B 290 8.54 21.34 -8.06
N SER B 291 9.19 22.17 -7.23
CA SER B 291 10.07 21.67 -6.20
C SER B 291 9.34 20.79 -5.18
N SER B 292 8.04 20.96 -5.01
CA SER B 292 7.27 20.05 -4.17
C SER B 292 7.33 18.64 -4.71
N GLY B 293 6.85 18.46 -5.94
CA GLY B 293 6.93 17.18 -6.61
C GLY B 293 8.31 16.80 -7.08
N SER B 294 9.30 17.66 -6.86
CA SER B 294 10.68 17.31 -7.19
C SER B 294 11.13 16.09 -6.40
N ARG B 295 11.14 16.20 -5.08
CA ARG B 295 11.50 15.08 -4.21
C ARG B 295 10.27 14.28 -3.79
N ALA B 296 9.47 13.88 -4.78
CA ALA B 296 8.25 13.16 -4.50
C ALA B 296 8.54 11.73 -4.07
N SER B 297 9.35 11.02 -4.84
CA SER B 297 9.64 9.62 -4.56
C SER B 297 11.06 9.47 -4.05
N LEU B 298 11.50 10.44 -3.25
CA LEU B 298 12.88 10.48 -2.83
C LEU B 298 12.98 10.37 -1.31
N PRO B 299 13.92 9.58 -0.80
CA PRO B 299 14.09 9.49 0.64
C PRO B 299 14.50 10.82 1.25
N LYS B 300 14.39 10.90 2.57
CA LYS B 300 14.62 12.15 3.28
C LYS B 300 16.09 12.24 3.67
N VAL B 301 16.92 12.45 2.66
CA VAL B 301 18.36 12.54 2.82
C VAL B 301 18.72 13.96 3.26
N SER B 302 19.61 14.06 4.23
CA SER B 302 19.95 15.36 4.79
C SER B 302 20.81 16.18 3.84
N TYR B 303 21.78 15.54 3.19
CA TYR B 303 22.65 16.25 2.28
C TYR B 303 21.85 16.73 1.07
N VAL B 304 22.48 17.63 0.30
CA VAL B 304 21.85 18.23 -0.86
C VAL B 304 22.28 17.48 -2.11
N LYS B 305 21.32 17.05 -2.90
CA LYS B 305 21.58 16.31 -4.13
C LYS B 305 21.73 17.30 -5.28
N ALA B 306 21.68 16.80 -6.51
CA ALA B 306 21.89 17.65 -7.67
C ALA B 306 20.60 18.14 -8.32
N ILE B 307 19.53 17.36 -8.24
CA ILE B 307 18.28 17.79 -8.87
C ILE B 307 17.70 19.02 -8.19
N ASP B 308 18.00 19.24 -6.92
CA ASP B 308 17.40 20.37 -6.22
C ASP B 308 18.15 21.66 -6.47
N ILE B 309 19.49 21.61 -6.55
CA ILE B 309 20.22 22.83 -6.81
C ILE B 309 19.91 23.35 -8.21
N TRP B 310 19.61 22.45 -9.15
CA TRP B 310 19.00 22.90 -10.40
C TRP B 310 17.72 23.65 -10.12
N MET B 311 16.79 23.01 -9.42
CA MET B 311 15.53 23.66 -9.14
C MET B 311 15.65 24.71 -8.05
N ALA B 312 16.82 24.82 -7.43
CA ALA B 312 17.07 25.98 -6.56
C ALA B 312 17.47 27.19 -7.39
N VAL B 313 18.46 27.04 -8.28
CA VAL B 313 18.86 28.13 -9.16
C VAL B 313 17.71 28.58 -10.03
N CYS B 314 16.85 27.65 -10.45
CA CYS B 314 15.65 28.05 -11.16
C CYS B 314 14.73 28.90 -10.29
N LEU B 315 14.77 28.73 -8.97
CA LEU B 315 13.99 29.59 -8.09
C LEU B 315 14.53 31.01 -8.11
N LEU B 316 15.81 31.18 -7.83
CA LEU B 316 16.33 32.52 -7.65
C LEU B 316 16.36 33.34 -8.94
N PHE B 317 16.27 32.71 -10.11
CA PHE B 317 16.03 33.52 -11.31
C PHE B 317 14.58 33.97 -11.42
N VAL B 318 13.63 33.08 -11.19
CA VAL B 318 12.24 33.51 -11.27
C VAL B 318 11.88 34.49 -10.17
N PHE B 319 12.53 34.39 -9.00
CA PHE B 319 12.41 35.44 -8.01
C PHE B 319 13.12 36.72 -8.42
N SER B 320 14.07 36.63 -9.35
CA SER B 320 14.70 37.84 -9.85
C SER B 320 13.71 38.66 -10.67
N ALA B 321 12.78 37.99 -11.36
CA ALA B 321 11.78 38.69 -12.14
C ALA B 321 10.90 39.57 -11.27
N LEU B 322 10.23 38.97 -10.29
CA LEU B 322 9.44 39.77 -9.35
C LEU B 322 10.31 40.73 -8.56
N LEU B 323 11.59 40.38 -8.34
CA LEU B 323 12.49 41.32 -7.68
C LEU B 323 12.91 42.44 -8.61
N GLU B 324 13.03 42.16 -9.91
CA GLU B 324 13.42 43.21 -10.84
C GLU B 324 12.31 44.24 -11.01
N TYR B 325 11.06 43.80 -11.19
CA TYR B 325 9.96 44.73 -11.32
C TYR B 325 9.79 45.57 -10.05
N ALA B 326 10.21 45.04 -8.91
CA ALA B 326 10.28 45.86 -7.69
C ALA B 326 11.16 47.07 -7.92
N ALA B 327 12.31 46.88 -8.59
CA ALA B 327 13.15 48.02 -8.93
C ALA B 327 12.47 48.95 -9.91
N VAL B 328 11.84 48.40 -10.96
CA VAL B 328 11.15 49.23 -11.94
C VAL B 328 10.00 50.00 -11.29
N ASN B 329 9.12 49.29 -10.59
CA ASN B 329 7.98 49.97 -9.99
C ASN B 329 8.41 50.91 -8.87
N PHE B 330 9.58 50.68 -8.29
CA PHE B 330 10.11 51.59 -7.29
C PHE B 330 10.58 52.89 -7.92
N ILE B 331 11.46 52.78 -8.91
CA ILE B 331 12.00 53.96 -9.57
C ILE B 331 10.92 54.71 -10.33
N ALA B 332 9.88 54.01 -10.78
CA ALA B 332 8.82 54.65 -11.55
C ALA B 332 7.98 55.58 -10.67
N ARG B 333 7.65 55.12 -9.46
CA ARG B 333 6.85 55.94 -8.56
C ARG B 333 7.63 57.12 -8.01
N GLN B 334 8.96 57.13 -8.16
CA GLN B 334 9.76 58.24 -7.68
C GLN B 334 9.36 59.55 -8.36
N HIS B 335 9.05 59.50 -9.65
CA HIS B 335 8.65 60.69 -10.38
C HIS B 335 7.13 60.78 -10.48
N VAL B 396 7.52 67.68 -14.98
CA VAL B 396 8.63 66.94 -14.36
C VAL B 396 9.72 66.69 -15.38
N GLU B 397 10.51 67.73 -15.67
CA GLU B 397 11.58 67.60 -16.66
C GLU B 397 12.71 66.74 -16.12
N GLU B 398 13.34 67.17 -15.03
CA GLU B 398 14.41 66.39 -14.42
C GLU B 398 13.91 65.07 -13.86
N MET B 399 12.63 64.98 -13.52
CA MET B 399 12.10 63.76 -12.92
C MET B 399 12.04 62.63 -13.95
N ARG B 400 11.26 62.81 -15.01
CA ARG B 400 11.16 61.80 -16.05
C ARG B 400 12.46 61.61 -16.80
N LYS B 401 13.30 62.65 -16.88
CA LYS B 401 14.58 62.53 -17.58
C LYS B 401 15.54 61.59 -16.87
N LEU B 402 15.35 61.33 -15.58
CA LEU B 402 16.21 60.43 -14.84
C LEU B 402 15.57 59.09 -14.54
N PHE B 403 14.24 59.01 -14.50
CA PHE B 403 13.57 57.74 -14.25
C PHE B 403 13.64 56.83 -15.47
N ILE B 404 13.26 57.34 -16.64
CA ILE B 404 13.32 56.54 -17.86
C ILE B 404 14.76 56.20 -18.24
N SER B 405 15.73 57.02 -17.85
CA SER B 405 17.12 56.64 -18.02
C SER B 405 17.47 55.41 -17.18
N ARG B 406 16.74 55.17 -16.10
CA ARG B 406 16.89 53.94 -15.34
C ARG B 406 16.11 52.79 -15.95
N ALA B 407 14.95 53.07 -16.56
CA ALA B 407 14.18 52.01 -17.20
C ALA B 407 14.84 51.54 -18.49
N LYS B 408 15.79 52.32 -19.02
CA LYS B 408 16.49 51.92 -20.25
C LYS B 408 17.71 51.07 -19.95
N ARG B 409 18.57 51.51 -19.03
CA ARG B 409 19.72 50.69 -18.64
C ARG B 409 19.27 49.38 -18.01
N ILE B 410 18.10 49.38 -17.36
CA ILE B 410 17.54 48.15 -16.84
C ILE B 410 16.96 47.28 -17.95
N ASP B 411 16.66 47.87 -19.11
CA ASP B 411 16.11 47.10 -20.22
C ASP B 411 17.20 46.39 -20.98
N THR B 412 18.23 47.13 -21.42
CA THR B 412 19.30 46.56 -22.21
C THR B 412 20.13 45.54 -21.44
N VAL B 413 20.02 45.53 -20.12
CA VAL B 413 20.75 44.56 -19.31
C VAL B 413 19.93 43.29 -19.09
N SER B 414 18.68 43.43 -18.66
CA SER B 414 17.87 42.26 -18.36
C SER B 414 17.52 41.49 -19.62
N ARG B 415 17.45 42.15 -20.76
CA ARG B 415 17.21 41.48 -22.03
C ARG B 415 18.37 40.59 -22.46
N VAL B 416 19.53 40.73 -21.85
CA VAL B 416 20.64 39.82 -22.11
C VAL B 416 21.21 39.19 -20.84
N ALA B 417 21.08 39.84 -19.68
CA ALA B 417 21.67 39.31 -18.45
C ALA B 417 21.07 37.99 -18.02
N PHE B 418 19.75 37.83 -18.08
CA PHE B 418 19.16 36.53 -17.74
C PHE B 418 19.62 35.44 -18.69
N PRO B 419 19.53 35.60 -20.01
CA PRO B 419 20.16 34.62 -20.90
C PRO B 419 21.67 34.54 -20.75
N LEU B 420 22.31 35.57 -20.19
CA LEU B 420 23.75 35.51 -20.00
C LEU B 420 24.12 34.57 -18.85
N VAL B 421 23.60 34.83 -17.66
CA VAL B 421 23.98 34.03 -16.49
C VAL B 421 23.32 32.66 -16.54
N PHE B 422 22.09 32.59 -17.04
CA PHE B 422 21.40 31.30 -17.08
C PHE B 422 22.07 30.31 -18.01
N LEU B 423 22.60 30.76 -19.15
CA LEU B 423 23.27 29.85 -20.06
C LEU B 423 24.65 29.48 -19.54
N ILE B 424 25.38 30.45 -18.98
CA ILE B 424 26.67 30.13 -18.39
C ILE B 424 26.50 29.19 -17.21
N PHE B 425 25.40 29.32 -16.47
CA PHE B 425 25.10 28.36 -15.42
C PHE B 425 24.85 26.98 -15.99
N ASN B 426 24.10 26.89 -17.08
CA ASN B 426 23.78 25.59 -17.66
C ASN B 426 25.05 24.88 -18.11
N ILE B 427 25.92 25.60 -18.84
CA ILE B 427 27.13 24.97 -19.34
C ILE B 427 28.02 24.51 -18.21
N PHE B 428 28.01 25.23 -17.08
CA PHE B 428 28.81 24.81 -15.94
C PHE B 428 28.19 23.62 -15.22
N TYR B 429 26.86 23.62 -15.08
CA TYR B 429 26.16 22.54 -14.39
C TYR B 429 26.40 21.20 -15.08
N TRP B 430 26.20 21.15 -16.39
CA TRP B 430 26.24 19.88 -17.09
C TRP B 430 27.66 19.35 -17.30
N ILE B 431 28.67 20.21 -17.31
CA ILE B 431 30.04 19.72 -17.37
C ILE B 431 30.48 19.17 -16.02
N THR B 432 29.94 19.72 -14.94
CA THR B 432 30.17 19.17 -13.62
C THR B 432 29.67 17.74 -13.51
N TYR B 433 28.65 17.38 -14.27
CA TYR B 433 28.04 16.07 -14.18
C TYR B 433 28.28 15.22 -15.41
N LYS B 434 28.87 15.78 -16.45
CA LYS B 434 29.33 14.98 -17.57
C LYS B 434 30.75 14.48 -17.39
N ILE B 435 31.36 14.73 -16.23
CA ILE B 435 32.71 14.28 -15.94
C ILE B 435 32.75 13.21 -14.86
N ILE B 436 31.64 12.56 -14.57
CA ILE B 436 31.59 11.57 -13.50
C ILE B 436 30.87 10.32 -13.97
N PRO C 31 -14.73 -54.77 -7.91
CA PRO C 31 -15.03 -55.27 -6.56
C PRO C 31 -14.37 -54.43 -5.46
N MET C 32 -13.08 -54.67 -5.22
CA MET C 32 -12.30 -53.95 -4.25
C MET C 32 -12.36 -52.44 -4.52
N PRO C 33 -12.33 -51.62 -3.48
CA PRO C 33 -12.35 -50.17 -3.67
C PRO C 33 -11.11 -49.70 -4.42
N PRO C 34 -11.29 -48.85 -5.43
CA PRO C 34 -10.16 -48.52 -6.32
C PRO C 34 -9.03 -47.80 -5.63
N SER C 35 -9.31 -46.96 -4.64
CA SER C 35 -8.24 -46.41 -3.83
C SER C 35 -7.46 -47.53 -3.16
N GLU C 36 -8.18 -48.50 -2.59
CA GLU C 36 -7.54 -49.74 -2.15
C GLU C 36 -6.89 -50.45 -3.31
N PHE C 37 -7.50 -50.34 -4.50
CA PHE C 37 -6.82 -50.81 -5.71
C PHE C 37 -5.56 -50.00 -5.97
N LEU C 38 -5.60 -48.69 -5.74
CA LEU C 38 -4.42 -47.87 -5.98
C LEU C 38 -3.37 -48.02 -4.89
N ASP C 39 -3.74 -48.55 -3.72
CA ASP C 39 -2.74 -48.91 -2.74
C ASP C 39 -1.73 -49.90 -3.30
N LYS C 40 -2.18 -50.81 -4.16
CA LYS C 40 -1.29 -51.71 -4.89
C LYS C 40 -0.98 -51.22 -6.28
N LEU C 41 -1.72 -50.21 -6.78
CA LEU C 41 -1.38 -49.61 -8.05
C LEU C 41 -0.03 -48.94 -8.01
N MET C 42 0.21 -48.10 -7.00
CA MET C 42 1.45 -47.36 -6.87
C MET C 42 2.18 -47.65 -5.56
N GLY C 43 1.57 -48.38 -4.64
CA GLY C 43 2.17 -48.62 -3.33
C GLY C 43 3.46 -49.40 -3.41
N LYS C 44 3.97 -49.76 -2.23
CA LYS C 44 5.23 -50.51 -2.16
C LYS C 44 5.14 -51.83 -2.89
N VAL C 45 3.96 -52.43 -2.95
CA VAL C 45 3.72 -53.52 -3.89
C VAL C 45 3.69 -52.95 -5.29
N SER C 46 4.39 -53.64 -6.20
CA SER C 46 4.62 -53.25 -7.60
C SER C 46 5.66 -52.13 -7.72
N GLY C 47 6.09 -51.54 -6.61
CA GLY C 47 7.23 -50.63 -6.63
C GLY C 47 7.11 -49.41 -7.51
N TYR C 48 6.05 -48.62 -7.35
CA TYR C 48 5.95 -47.33 -8.00
C TYR C 48 6.77 -46.35 -7.19
N ASP C 49 7.99 -46.09 -7.65
CA ASP C 49 8.85 -45.10 -7.03
C ASP C 49 8.55 -43.76 -7.68
N ALA C 50 7.94 -42.86 -6.92
CA ALA C 50 7.56 -41.55 -7.44
C ALA C 50 8.76 -40.68 -7.80
N ARG C 51 9.97 -41.10 -7.45
CA ARG C 51 11.18 -40.32 -7.69
C ARG C 51 11.91 -40.73 -8.96
N ILE C 52 11.20 -41.33 -9.93
CA ILE C 52 11.82 -41.78 -11.17
C ILE C 52 10.83 -41.58 -12.29
N ARG C 53 11.19 -40.75 -13.26
CA ARG C 53 10.28 -40.38 -14.33
C ARG C 53 9.90 -41.60 -15.16
N PRO C 54 8.78 -41.55 -15.86
CA PRO C 54 8.42 -42.65 -16.76
C PRO C 54 9.41 -42.75 -17.90
N ASN C 55 9.41 -43.93 -18.54
CA ASN C 55 10.29 -44.20 -19.67
C ASN C 55 11.74 -43.93 -19.31
N PHE C 56 12.14 -44.37 -18.12
CA PHE C 56 13.47 -44.06 -17.61
C PHE C 56 14.52 -44.67 -18.51
N LYS C 57 15.53 -43.86 -18.86
CA LYS C 57 16.62 -44.26 -19.75
C LYS C 57 16.17 -44.41 -21.19
N GLY C 58 14.97 -43.94 -21.51
CA GLY C 58 14.46 -44.02 -22.85
C GLY C 58 14.24 -42.64 -23.42
N PRO C 59 13.27 -42.50 -24.33
CA PRO C 59 12.95 -41.19 -24.85
C PRO C 59 12.46 -40.29 -23.73
N PRO C 60 12.48 -38.98 -23.93
CA PRO C 60 12.01 -38.08 -22.89
C PRO C 60 10.50 -38.23 -22.69
N VAL C 61 10.00 -37.61 -21.63
CA VAL C 61 8.57 -37.69 -21.32
C VAL C 61 7.84 -36.56 -22.04
N ASN C 62 7.02 -36.92 -23.02
CA ASN C 62 6.29 -35.96 -23.84
C ASN C 62 5.05 -35.50 -23.08
N VAL C 63 5.05 -34.24 -22.64
CA VAL C 63 4.00 -33.70 -21.81
C VAL C 63 3.24 -32.66 -22.62
N THR C 64 1.97 -32.92 -22.91
CA THR C 64 1.12 -31.97 -23.60
C THR C 64 0.39 -31.11 -22.59
N CYS C 65 0.33 -29.81 -22.85
CA CYS C 65 -0.22 -28.86 -21.91
C CYS C 65 -1.26 -28.00 -22.59
N ASN C 66 -2.17 -27.45 -21.78
CA ASN C 66 -3.09 -26.41 -22.20
C ASN C 66 -3.56 -25.68 -20.96
N ILE C 67 -4.14 -24.50 -21.16
CA ILE C 67 -4.56 -23.68 -20.03
C ILE C 67 -6.01 -23.25 -20.21
N PHE C 68 -6.60 -22.79 -19.12
CA PHE C 68 -7.95 -22.25 -19.09
C PHE C 68 -7.93 -21.03 -18.18
N ILE C 69 -8.41 -19.90 -18.68
CA ILE C 69 -8.22 -18.62 -18.02
C ILE C 69 -9.53 -18.22 -17.36
N ASN C 70 -9.58 -18.31 -16.02
CA ASN C 70 -10.70 -17.70 -15.29
C ASN C 70 -10.53 -16.20 -15.17
N SER C 71 -9.51 -15.79 -14.44
CA SER C 71 -9.28 -14.39 -14.14
C SER C 71 -8.14 -13.87 -14.99
N PHE C 72 -8.19 -12.57 -15.26
CA PHE C 72 -7.17 -11.93 -16.08
C PHE C 72 -7.37 -10.43 -15.92
N GLY C 73 -6.31 -9.71 -15.64
CA GLY C 73 -6.44 -8.29 -15.37
C GLY C 73 -5.45 -7.87 -14.31
N SER C 74 -5.72 -6.70 -13.75
CA SER C 74 -4.77 -6.03 -12.86
C SER C 74 -3.42 -5.90 -13.54
N ILE C 75 -3.45 -5.38 -14.76
CA ILE C 75 -2.24 -5.22 -15.56
C ILE C 75 -1.57 -3.91 -15.16
N ALA C 76 -0.74 -3.97 -14.13
CA ALA C 76 -0.12 -2.77 -13.58
C ALA C 76 1.12 -2.42 -14.39
N GLU C 77 1.13 -1.23 -14.97
CA GLU C 77 2.27 -0.75 -15.72
C GLU C 77 3.33 -0.11 -14.84
N THR C 78 2.93 0.31 -13.64
CA THR C 78 3.92 0.70 -12.64
C THR C 78 4.86 -0.44 -12.34
N THR C 79 4.37 -1.67 -12.40
CA THR C 79 5.17 -2.87 -12.17
C THR C 79 5.48 -3.61 -13.46
N MET C 80 4.68 -3.44 -14.49
CA MET C 80 4.83 -4.17 -15.75
C MET C 80 4.68 -5.67 -15.53
N ASP C 81 3.54 -6.03 -14.97
CA ASP C 81 3.18 -7.43 -14.75
C ASP C 81 1.68 -7.54 -14.84
N TYR C 82 1.16 -8.71 -14.47
CA TYR C 82 -0.28 -8.90 -14.50
C TYR C 82 -0.62 -10.21 -13.82
N ARG C 83 -1.83 -10.29 -13.28
CA ARG C 83 -2.29 -11.46 -12.55
C ARG C 83 -3.28 -12.24 -13.39
N VAL C 84 -3.13 -13.56 -13.38
CA VAL C 84 -3.99 -14.47 -14.12
C VAL C 84 -4.35 -15.63 -13.20
N ASN C 85 -5.50 -16.24 -13.44
CA ASN C 85 -5.98 -17.36 -12.65
C ASN C 85 -6.35 -18.47 -13.62
N ILE C 86 -5.45 -19.42 -13.81
CA ILE C 86 -5.56 -20.40 -14.88
C ILE C 86 -5.82 -21.77 -14.29
N PHE C 87 -6.25 -22.68 -15.16
CA PHE C 87 -6.36 -24.10 -14.86
C PHE C 87 -5.33 -24.81 -15.74
N LEU C 88 -4.14 -25.05 -15.20
CA LEU C 88 -3.09 -25.72 -15.95
C LEU C 88 -3.42 -27.20 -16.05
N ARG C 89 -3.68 -27.69 -17.27
CA ARG C 89 -3.88 -29.12 -17.52
C ARG C 89 -2.60 -29.68 -18.11
N GLN C 90 -2.15 -30.81 -17.58
CA GLN C 90 -1.00 -31.52 -18.13
C GLN C 90 -1.43 -32.94 -18.49
N GLN C 91 -0.71 -33.53 -19.44
CA GLN C 91 -0.95 -34.91 -19.83
C GLN C 91 0.36 -35.57 -20.23
N TRP C 92 0.71 -36.65 -19.55
CA TRP C 92 1.86 -37.46 -19.91
C TRP C 92 1.47 -38.92 -19.76
N ASN C 93 2.28 -39.80 -20.30
CA ASN C 93 1.96 -41.22 -20.28
C ASN C 93 2.96 -41.95 -19.40
N ASP C 94 2.46 -42.61 -18.36
CA ASP C 94 3.30 -43.35 -17.43
C ASP C 94 2.94 -44.82 -17.49
N PRO C 95 3.75 -45.67 -18.13
CA PRO C 95 3.39 -47.09 -18.23
C PRO C 95 3.21 -47.78 -16.89
N ARG C 96 3.87 -47.31 -15.84
CA ARG C 96 3.72 -47.90 -14.53
C ARG C 96 2.31 -47.73 -13.98
N LEU C 97 1.53 -46.80 -14.53
CA LEU C 97 0.17 -46.55 -14.09
C LEU C 97 -0.87 -47.24 -14.95
N ALA C 98 -0.50 -48.33 -15.62
CA ALA C 98 -1.40 -48.98 -16.57
C ALA C 98 -2.20 -50.04 -15.84
N TYR C 99 -3.39 -49.68 -15.35
CA TYR C 99 -4.28 -50.66 -14.79
C TYR C 99 -4.97 -51.42 -15.92
N SER C 100 -5.18 -52.71 -15.68
CA SER C 100 -5.80 -53.57 -16.68
C SER C 100 -7.07 -54.24 -16.20
N GLU C 101 -7.13 -54.63 -14.94
CA GLU C 101 -8.29 -55.37 -14.43
C GLU C 101 -9.56 -54.53 -14.50
N TYR C 102 -9.44 -53.24 -14.36
CA TYR C 102 -10.62 -52.42 -14.08
C TYR C 102 -11.42 -52.22 -15.36
N PRO C 103 -12.75 -52.12 -15.27
CA PRO C 103 -13.58 -52.15 -16.49
C PRO C 103 -13.85 -50.81 -17.16
N ASP C 104 -13.26 -49.72 -16.69
CA ASP C 104 -13.60 -48.41 -17.24
C ASP C 104 -12.35 -47.72 -17.78
N ASP C 105 -12.54 -46.48 -18.23
CA ASP C 105 -11.48 -45.69 -18.86
C ASP C 105 -10.75 -44.78 -17.89
N SER C 106 -11.47 -44.17 -16.96
CA SER C 106 -10.91 -43.16 -16.08
C SER C 106 -11.06 -43.56 -14.62
N LEU C 107 -10.01 -43.32 -13.84
CA LEU C 107 -10.04 -43.55 -12.39
C LEU C 107 -9.56 -42.26 -11.71
N ASP C 108 -10.48 -41.33 -11.48
CA ASP C 108 -10.12 -40.14 -10.73
C ASP C 108 -9.70 -40.51 -9.31
N LEU C 109 -9.14 -39.54 -8.61
CA LEU C 109 -8.66 -39.76 -7.25
C LEU C 109 -8.41 -38.41 -6.61
N ASP C 110 -8.81 -38.24 -5.36
CA ASP C 110 -8.68 -36.94 -4.74
C ASP C 110 -7.21 -36.57 -4.59
N PRO C 111 -6.90 -35.27 -4.56
CA PRO C 111 -5.49 -34.85 -4.47
C PRO C 111 -4.77 -35.30 -3.20
N SER C 112 -5.46 -35.94 -2.25
CA SER C 112 -4.80 -36.39 -1.03
C SER C 112 -3.62 -37.30 -1.34
N MET C 113 -3.74 -38.13 -2.37
CA MET C 113 -2.64 -38.95 -2.85
C MET C 113 -2.05 -38.42 -4.15
N LEU C 114 -2.29 -37.16 -4.47
CA LEU C 114 -1.66 -36.57 -5.64
C LEU C 114 -0.17 -36.37 -5.44
N ASP C 115 0.31 -36.38 -4.20
CA ASP C 115 1.74 -36.38 -3.94
C ASP C 115 2.35 -37.77 -4.05
N SER C 116 1.56 -38.75 -4.48
CA SER C 116 2.01 -40.13 -4.51
C SER C 116 2.57 -40.54 -5.87
N ILE C 117 2.19 -39.86 -6.94
CA ILE C 117 2.60 -40.23 -8.27
C ILE C 117 3.68 -39.27 -8.74
N TRP C 118 4.32 -39.61 -9.85
CA TRP C 118 5.28 -38.71 -10.44
C TRP C 118 4.56 -37.53 -11.08
N LYS C 119 5.15 -36.34 -10.94
CA LYS C 119 4.57 -35.14 -11.51
C LYS C 119 5.68 -34.28 -12.09
N PRO C 120 5.52 -33.78 -13.30
CA PRO C 120 6.57 -32.95 -13.90
C PRO C 120 6.72 -31.63 -13.18
N ASP C 121 7.95 -31.13 -13.15
CA ASP C 121 8.29 -29.92 -12.40
C ASP C 121 8.16 -28.67 -13.28
N LEU C 122 6.98 -28.52 -13.89
CA LEU C 122 6.72 -27.35 -14.70
C LEU C 122 6.68 -26.11 -13.81
N PHE C 123 7.57 -25.16 -14.09
CA PHE C 123 7.52 -23.87 -13.42
C PHE C 123 7.26 -22.81 -14.49
N PHE C 124 7.05 -21.58 -14.05
CA PHE C 124 6.78 -20.47 -14.96
C PHE C 124 7.99 -19.56 -14.96
N ALA C 125 8.65 -19.44 -16.11
CA ALA C 125 9.93 -18.77 -16.20
C ALA C 125 9.86 -17.30 -15.82
N ASN C 126 8.67 -16.71 -15.75
CA ASN C 126 8.48 -15.34 -15.34
C ASN C 126 7.38 -15.24 -14.28
N GLU C 127 7.48 -16.07 -13.24
CA GLU C 127 6.49 -16.08 -12.18
C GLU C 127 6.27 -14.72 -11.53
N LYS C 128 7.30 -14.19 -10.87
CA LYS C 128 7.17 -12.98 -10.07
C LYS C 128 6.05 -13.12 -9.04
N GLY C 129 5.95 -14.31 -8.49
CA GLY C 129 4.90 -14.59 -7.53
C GLY C 129 3.78 -15.45 -8.07
N ALA C 130 3.44 -16.51 -7.35
CA ALA C 130 2.38 -17.42 -7.74
C ALA C 130 1.99 -18.26 -6.54
N ASN C 131 0.78 -18.81 -6.53
CA ASN C 131 0.37 -19.60 -5.38
C ASN C 131 -0.72 -20.58 -5.79
N PHE C 132 -0.85 -21.62 -4.99
CA PHE C 132 -1.95 -22.57 -5.17
C PHE C 132 -3.18 -22.03 -4.47
N HIS C 133 -4.33 -22.66 -4.72
CA HIS C 133 -5.58 -22.29 -4.06
C HIS C 133 -6.01 -23.48 -3.21
N GLU C 134 -6.08 -23.25 -1.90
CA GLU C 134 -6.34 -24.31 -0.94
C GLU C 134 -7.58 -24.03 -0.09
N VAL C 135 -8.68 -23.60 -0.72
CA VAL C 135 -9.88 -23.23 0.01
C VAL C 135 -10.83 -24.42 0.01
N THR C 136 -10.94 -25.07 1.17
CA THR C 136 -11.82 -26.20 1.43
C THR C 136 -11.30 -27.49 0.80
N THR C 137 -10.30 -27.37 -0.07
CA THR C 137 -9.58 -28.50 -0.62
C THR C 137 -8.47 -27.95 -1.51
N ASP C 138 -7.38 -28.68 -1.68
CA ASP C 138 -6.44 -28.33 -2.73
C ASP C 138 -7.17 -28.39 -4.07
N ASN C 139 -7.20 -27.27 -4.78
CA ASN C 139 -7.93 -27.23 -6.05
C ASN C 139 -7.11 -27.98 -7.09
N LYS C 140 -7.29 -29.29 -7.13
CA LYS C 140 -6.47 -30.17 -7.95
C LYS C 140 -7.36 -31.22 -8.58
N LEU C 141 -6.90 -31.78 -9.69
CA LEU C 141 -7.64 -32.79 -10.45
C LEU C 141 -6.68 -33.87 -10.91
N LEU C 142 -7.13 -35.11 -10.85
CA LEU C 142 -6.24 -36.24 -11.17
C LEU C 142 -7.07 -37.41 -11.64
N ARG C 143 -7.02 -37.70 -12.94
CA ARG C 143 -7.64 -38.88 -13.50
C ARG C 143 -6.61 -39.62 -14.33
N ILE C 144 -6.79 -40.93 -14.46
CA ILE C 144 -5.81 -41.81 -15.08
C ILE C 144 -6.54 -42.76 -16.03
N SER C 145 -6.15 -42.73 -17.29
CA SER C 145 -6.72 -43.62 -18.28
C SER C 145 -6.11 -45.02 -18.15
N LYS C 146 -6.71 -45.97 -18.86
CA LYS C 146 -6.24 -47.36 -18.80
C LYS C 146 -4.79 -47.49 -19.26
N ASN C 147 -4.43 -46.79 -20.33
CA ASN C 147 -3.11 -46.92 -20.92
C ASN C 147 -2.06 -46.05 -20.23
N GLY C 148 -2.37 -45.50 -19.08
CA GLY C 148 -1.41 -44.72 -18.32
C GLY C 148 -1.48 -43.23 -18.53
N ASN C 149 -2.40 -42.74 -19.35
CA ASN C 149 -2.53 -41.31 -19.57
C ASN C 149 -2.88 -40.62 -18.26
N VAL C 150 -2.10 -39.61 -17.87
CA VAL C 150 -2.34 -38.88 -16.63
C VAL C 150 -2.78 -37.47 -16.98
N LEU C 151 -4.06 -37.17 -16.74
CA LEU C 151 -4.54 -35.80 -16.75
C LEU C 151 -4.33 -35.20 -15.37
N TYR C 152 -3.62 -34.10 -15.31
CA TYR C 152 -3.27 -33.43 -14.06
C TYR C 152 -3.56 -31.94 -14.23
N SER C 153 -4.47 -31.42 -13.41
CA SER C 153 -4.96 -30.07 -13.56
C SER C 153 -5.01 -29.41 -12.18
N ILE C 154 -4.51 -28.18 -12.10
CA ILE C 154 -4.48 -27.43 -10.86
C ILE C 154 -4.73 -25.96 -11.12
N ARG C 155 -5.48 -25.34 -10.23
CA ARG C 155 -5.76 -23.92 -10.28
C ARG C 155 -4.55 -23.15 -9.77
N ILE C 156 -4.13 -22.15 -10.53
CA ILE C 156 -2.95 -21.36 -10.17
C ILE C 156 -3.29 -19.88 -10.35
N THR C 157 -2.72 -19.06 -9.46
CA THR C 157 -2.82 -17.61 -9.58
C THR C 157 -1.41 -17.06 -9.77
N LEU C 158 -1.13 -16.59 -10.97
CA LEU C 158 0.19 -16.11 -11.34
C LEU C 158 0.20 -14.59 -11.37
N VAL C 159 1.37 -14.01 -11.10
CA VAL C 159 1.54 -12.59 -11.31
C VAL C 159 2.72 -12.41 -12.26
N LEU C 160 2.45 -12.51 -13.56
CA LEU C 160 3.48 -12.72 -14.55
C LEU C 160 4.08 -11.39 -15.00
N ALA C 161 5.38 -11.41 -15.30
CA ALA C 161 6.10 -10.21 -15.71
C ALA C 161 6.12 -10.11 -17.22
N CYS C 162 5.64 -8.98 -17.75
CA CYS C 162 5.72 -8.72 -19.16
C CYS C 162 6.21 -7.29 -19.31
N PRO C 163 7.36 -7.08 -19.94
CA PRO C 163 7.83 -5.71 -20.15
C PRO C 163 6.95 -4.99 -21.14
N MET C 164 6.58 -3.77 -20.79
CA MET C 164 5.58 -3.00 -21.55
C MET C 164 6.33 -2.12 -22.52
N ASP C 165 5.90 -2.11 -23.78
CA ASP C 165 6.44 -1.19 -24.77
C ASP C 165 5.49 -0.02 -24.88
N LEU C 166 5.97 1.18 -24.56
CA LEU C 166 5.12 2.35 -24.46
C LEU C 166 5.56 3.47 -25.39
N LYS C 167 5.99 3.14 -26.60
CA LYS C 167 6.28 4.17 -27.58
C LYS C 167 5.04 4.99 -27.87
N ASN C 168 3.97 4.33 -28.28
CA ASN C 168 2.68 4.94 -28.55
C ASN C 168 1.71 4.49 -27.46
N PHE C 169 1.68 5.24 -26.37
CA PHE C 169 1.10 4.74 -25.12
C PHE C 169 -0.40 4.48 -25.20
N PRO C 170 -1.26 5.49 -25.37
CA PRO C 170 -2.71 5.19 -25.34
C PRO C 170 -3.18 4.34 -26.50
N MET C 171 -2.38 4.14 -27.54
CA MET C 171 -2.75 3.30 -28.67
C MET C 171 -1.73 2.19 -28.86
N ASP C 172 -1.28 1.58 -27.77
CA ASP C 172 -0.29 0.53 -27.84
C ASP C 172 -0.95 -0.83 -27.87
N VAL C 173 -0.24 -1.80 -28.42
CA VAL C 173 -0.68 -3.20 -28.41
C VAL C 173 0.38 -3.97 -27.62
N GLN C 174 0.16 -4.12 -26.32
CA GLN C 174 1.09 -4.87 -25.51
C GLN C 174 0.95 -6.36 -25.79
N THR C 175 2.09 -7.05 -25.77
CA THR C 175 2.13 -8.50 -25.97
C THR C 175 2.80 -9.12 -24.76
N CYS C 176 2.01 -9.40 -23.72
CA CYS C 176 2.50 -10.08 -22.54
C CYS C 176 2.51 -11.58 -22.81
N ILE C 177 3.41 -12.30 -22.15
CA ILE C 177 3.63 -13.70 -22.42
C ILE C 177 3.62 -14.47 -21.11
N MET C 178 3.43 -15.78 -21.21
CA MET C 178 3.69 -16.68 -20.11
C MET C 178 4.33 -17.92 -20.69
N GLN C 179 5.44 -18.33 -20.12
CA GLN C 179 6.24 -19.41 -20.70
C GLN C 179 6.50 -20.47 -19.65
N LEU C 180 6.34 -21.72 -20.05
CA LEU C 180 6.33 -22.89 -19.17
C LEU C 180 7.61 -23.68 -19.40
N GLU C 181 8.56 -23.59 -18.47
CA GLU C 181 9.82 -24.32 -18.57
C GLU C 181 9.84 -25.48 -17.58
N SER C 182 10.81 -26.36 -17.79
CA SER C 182 11.17 -27.38 -16.83
C SER C 182 12.48 -26.98 -16.14
N PHE C 183 12.50 -27.07 -14.81
CA PHE C 183 13.62 -26.54 -14.05
C PHE C 183 14.72 -27.56 -13.83
N GLY C 184 14.36 -28.81 -13.55
CA GLY C 184 15.34 -29.82 -13.24
C GLY C 184 15.74 -30.72 -14.38
N TYR C 185 14.75 -31.27 -15.08
CA TYR C 185 15.02 -32.26 -16.11
C TYR C 185 15.47 -31.57 -17.39
N THR C 186 16.44 -32.18 -18.08
CA THR C 186 16.99 -31.58 -19.28
C THR C 186 16.13 -31.93 -20.48
N MET C 187 16.43 -31.34 -21.63
CA MET C 187 15.64 -31.57 -22.83
C MET C 187 15.69 -33.01 -23.30
N ASN C 188 16.71 -33.77 -22.90
CA ASN C 188 16.79 -35.16 -23.31
C ASN C 188 16.03 -36.11 -22.36
N ASP C 189 15.40 -35.59 -21.32
CA ASP C 189 14.60 -36.41 -20.41
C ASP C 189 13.17 -35.92 -20.22
N LEU C 190 12.84 -34.71 -20.64
CA LEU C 190 11.48 -34.19 -20.47
C LEU C 190 11.26 -33.07 -21.45
N ILE C 191 10.18 -33.18 -22.23
CA ILE C 191 9.85 -32.21 -23.28
C ILE C 191 8.39 -31.79 -23.12
N PHE C 192 8.14 -30.49 -23.15
CA PHE C 192 6.78 -29.98 -23.11
C PHE C 192 6.26 -29.75 -24.53
N GLU C 193 4.94 -29.75 -24.66
CA GLU C 193 4.27 -29.49 -25.92
C GLU C 193 2.89 -28.93 -25.63
N TRP C 194 2.37 -28.13 -26.56
CA TRP C 194 0.97 -27.78 -26.53
C TRP C 194 0.16 -28.81 -27.29
N ASP C 195 -1.06 -29.07 -26.83
CA ASP C 195 -1.95 -29.93 -27.57
C ASP C 195 -2.64 -29.13 -28.68
N GLU C 196 -3.03 -29.84 -29.74
CA GLU C 196 -3.57 -29.16 -30.90
C GLU C 196 -5.01 -28.72 -30.69
N LYS C 197 -5.80 -29.51 -29.96
CA LYS C 197 -7.22 -29.26 -29.81
C LYS C 197 -7.44 -28.16 -28.78
N GLY C 198 -7.24 -26.92 -29.21
CA GLY C 198 -7.51 -25.78 -28.36
C GLY C 198 -6.61 -25.69 -27.15
N ALA C 199 -5.33 -25.39 -27.39
CA ALA C 199 -4.36 -25.32 -26.30
C ALA C 199 -4.65 -24.22 -25.29
N VAL C 200 -5.45 -23.22 -25.63
CA VAL C 200 -5.72 -22.12 -24.71
C VAL C 200 -7.19 -21.75 -24.81
N GLN C 201 -7.98 -22.13 -23.81
CA GLN C 201 -9.37 -21.72 -23.72
C GLN C 201 -9.48 -20.51 -22.82
N VAL C 202 -10.48 -19.68 -23.05
CA VAL C 202 -10.74 -18.51 -22.23
C VAL C 202 -12.16 -18.63 -21.70
N ALA C 203 -12.40 -18.09 -20.51
CA ALA C 203 -13.73 -18.13 -19.91
C ALA C 203 -14.75 -17.45 -20.83
N ASP C 204 -16.01 -17.81 -20.63
CA ASP C 204 -17.04 -17.43 -21.58
C ASP C 204 -17.23 -15.91 -21.62
N GLY C 205 -17.36 -15.29 -20.46
CA GLY C 205 -17.58 -13.86 -20.41
C GLY C 205 -16.40 -13.07 -19.91
N LEU C 206 -15.20 -13.64 -20.03
CA LEU C 206 -14.00 -12.99 -19.51
C LEU C 206 -13.74 -11.71 -20.28
N THR C 207 -13.71 -10.58 -19.58
CA THR C 207 -13.38 -9.30 -20.17
C THR C 207 -12.40 -8.57 -19.28
N LEU C 208 -11.98 -7.40 -19.73
CA LEU C 208 -11.05 -6.60 -18.96
C LEU C 208 -11.59 -5.19 -18.79
N PRO C 209 -11.06 -4.43 -17.85
CA PRO C 209 -11.51 -3.04 -17.71
C PRO C 209 -10.86 -2.10 -18.71
N GLN C 210 -9.75 -2.50 -19.34
CA GLN C 210 -8.96 -1.58 -20.14
C GLN C 210 -8.49 -2.15 -21.46
N PHE C 211 -8.56 -3.46 -21.68
CA PHE C 211 -7.95 -4.09 -22.84
C PHE C 211 -8.98 -4.95 -23.55
N ILE C 212 -8.56 -5.54 -24.67
CA ILE C 212 -9.35 -6.55 -25.37
C ILE C 212 -8.40 -7.71 -25.63
N LEU C 213 -8.67 -8.84 -24.99
CA LEU C 213 -7.86 -10.04 -25.20
C LEU C 213 -8.18 -10.56 -26.60
N LYS C 214 -7.31 -10.26 -27.57
CA LYS C 214 -7.57 -10.65 -28.94
C LYS C 214 -7.57 -12.17 -29.07
N GLU C 215 -8.48 -12.68 -29.89
CA GLU C 215 -8.70 -14.13 -29.96
C GLU C 215 -7.46 -14.86 -30.46
N GLU C 216 -6.73 -14.28 -31.40
CA GLU C 216 -5.51 -14.90 -31.90
C GLU C 216 -4.50 -15.01 -30.77
N LYS C 217 -4.01 -16.22 -30.52
CA LYS C 217 -3.07 -16.47 -29.44
C LYS C 217 -1.95 -17.33 -29.97
N ASP C 218 -0.72 -16.82 -29.88
CA ASP C 218 0.40 -17.50 -30.51
C ASP C 218 0.95 -18.60 -29.62
N LEU C 219 1.56 -19.59 -30.25
CA LEU C 219 2.09 -20.73 -29.52
C LEU C 219 3.40 -21.12 -30.18
N ARG C 220 4.51 -20.87 -29.50
CA ARG C 220 5.82 -21.16 -30.05
C ARG C 220 6.77 -21.54 -28.92
N TYR C 221 7.84 -22.24 -29.28
CA TYR C 221 8.79 -22.79 -28.33
C TYR C 221 9.72 -21.69 -27.84
N CYS C 222 10.26 -21.85 -26.63
CA CYS C 222 11.33 -20.96 -26.19
C CYS C 222 12.45 -21.77 -25.53
N THR C 223 12.87 -22.84 -26.19
CA THR C 223 13.88 -23.76 -25.68
C THR C 223 15.11 -23.03 -25.18
N LYS C 224 15.46 -23.28 -23.92
CA LYS C 224 16.48 -22.53 -23.24
C LYS C 224 17.82 -23.26 -23.27
N HIS C 225 18.86 -22.55 -22.88
CA HIS C 225 20.22 -23.07 -22.78
C HIS C 225 20.89 -22.39 -21.60
N TYR C 226 21.61 -23.17 -20.81
CA TYR C 226 22.40 -22.62 -19.71
C TYR C 226 23.75 -23.32 -19.70
N ASN C 227 24.53 -23.03 -18.67
CA ASN C 227 25.75 -23.80 -18.44
C ASN C 227 25.47 -25.13 -17.74
N THR C 228 24.20 -25.49 -17.57
CA THR C 228 23.80 -26.78 -17.02
C THR C 228 23.21 -27.71 -18.07
N GLY C 229 22.68 -27.17 -19.16
CA GLY C 229 22.10 -27.97 -20.22
C GLY C 229 21.05 -27.17 -20.96
N LYS C 230 20.16 -27.89 -21.62
CA LYS C 230 19.05 -27.26 -22.33
C LYS C 230 17.75 -27.85 -21.81
N PHE C 231 16.76 -26.97 -21.63
CA PHE C 231 15.53 -27.32 -20.95
C PHE C 231 14.35 -27.01 -21.86
N THR C 232 13.22 -27.64 -21.57
CA THR C 232 12.06 -27.50 -22.43
C THR C 232 11.30 -26.23 -22.09
N CYS C 233 10.74 -25.60 -23.11
CA CYS C 233 9.88 -24.43 -22.94
C CYS C 233 8.80 -24.38 -24.00
N ILE C 234 7.68 -23.78 -23.63
CA ILE C 234 6.59 -23.42 -24.53
C ILE C 234 5.99 -22.14 -23.97
N GLU C 235 5.52 -21.27 -24.86
CA GLU C 235 4.99 -20.02 -24.37
C GLU C 235 3.87 -19.55 -25.28
N ALA C 236 2.82 -19.04 -24.67
CA ALA C 236 1.67 -18.50 -25.38
C ALA C 236 1.67 -16.99 -25.25
N ARG C 237 1.66 -16.31 -26.39
CA ARG C 237 1.72 -14.86 -26.45
C ARG C 237 0.31 -14.31 -26.52
N PHE C 238 -0.09 -13.55 -25.50
CA PHE C 238 -1.41 -12.93 -25.45
C PHE C 238 -1.29 -11.53 -26.01
N HIS C 239 -2.04 -11.24 -27.07
CA HIS C 239 -2.08 -9.89 -27.57
C HIS C 239 -3.10 -9.07 -26.80
N LEU C 240 -2.77 -7.80 -26.57
CA LEU C 240 -3.62 -6.94 -25.79
C LEU C 240 -3.70 -5.58 -26.48
N GLU C 241 -4.91 -5.06 -26.62
CA GLU C 241 -5.13 -3.76 -27.23
C GLU C 241 -5.97 -2.91 -26.27
N ARG C 242 -5.64 -1.63 -26.18
CA ARG C 242 -6.26 -0.83 -25.15
C ARG C 242 -7.64 -0.34 -25.53
N GLN C 243 -8.49 -0.21 -24.52
CA GLN C 243 -9.72 0.57 -24.64
C GLN C 243 -9.32 2.04 -24.55
N MET C 244 -9.32 2.70 -25.70
CA MET C 244 -8.94 4.10 -25.76
C MET C 244 -10.01 5.02 -25.19
N GLY C 245 -11.18 4.48 -24.84
CA GLY C 245 -12.28 5.32 -24.41
C GLY C 245 -11.97 6.13 -23.16
N TYR C 246 -11.32 5.50 -22.18
CA TYR C 246 -11.01 6.19 -20.94
C TYR C 246 -10.08 7.38 -21.20
N TYR C 247 -8.88 7.11 -21.71
CA TYR C 247 -7.90 8.16 -21.95
C TYR C 247 -8.42 9.22 -22.90
N LEU C 248 -9.36 8.86 -23.78
CA LEU C 248 -10.00 9.85 -24.63
C LEU C 248 -10.77 10.88 -23.79
N ILE C 249 -11.17 10.51 -22.59
CA ILE C 249 -11.96 11.42 -21.76
C ILE C 249 -11.09 12.14 -20.74
N GLN C 250 -10.35 11.42 -19.90
CA GLN C 250 -9.66 12.12 -18.81
C GLN C 250 -8.53 13.00 -19.32
N MET C 251 -7.92 12.64 -20.45
CA MET C 251 -6.71 13.33 -20.88
C MET C 251 -6.90 14.20 -22.12
N TYR C 252 -7.52 13.68 -23.17
CA TYR C 252 -7.55 14.40 -24.44
C TYR C 252 -8.51 15.58 -24.42
N ILE C 253 -9.72 15.40 -23.91
CA ILE C 253 -10.70 16.48 -23.86
C ILE C 253 -10.18 17.63 -23.02
N PRO C 254 -9.72 17.40 -21.79
CA PRO C 254 -9.07 18.48 -21.03
C PRO C 254 -7.89 19.08 -21.77
N SER C 255 -7.17 18.28 -22.55
CA SER C 255 -6.15 18.85 -23.43
C SER C 255 -6.78 19.69 -24.53
N LEU C 256 -8.01 19.38 -24.92
CA LEU C 256 -8.65 20.05 -26.04
C LEU C 256 -9.44 21.28 -25.62
N LEU C 257 -9.97 21.31 -24.40
CA LEU C 257 -10.69 22.49 -23.94
C LEU C 257 -9.73 23.66 -23.75
N ILE C 258 -8.54 23.38 -23.22
CA ILE C 258 -7.58 24.46 -22.97
C ILE C 258 -7.19 25.15 -24.27
N VAL C 259 -7.17 24.41 -25.38
CA VAL C 259 -6.81 25.00 -26.66
C VAL C 259 -7.91 25.96 -27.13
N ILE C 260 -9.16 25.50 -27.10
CA ILE C 260 -10.27 26.36 -27.52
C ILE C 260 -10.45 27.50 -26.53
N LEU C 261 -10.22 27.24 -25.24
CA LEU C 261 -10.21 28.34 -24.28
C LEU C 261 -9.07 29.31 -24.55
N SER C 262 -7.98 28.81 -25.12
CA SER C 262 -6.85 29.66 -25.48
C SER C 262 -7.01 30.31 -26.85
N TRP C 263 -8.09 30.02 -27.56
CA TRP C 263 -8.36 30.67 -28.84
C TRP C 263 -9.35 31.82 -28.73
N VAL C 264 -10.45 31.61 -28.00
CA VAL C 264 -11.37 32.71 -27.74
C VAL C 264 -10.75 33.75 -26.82
N SER C 265 -9.66 33.40 -26.14
CA SER C 265 -8.85 34.42 -25.47
C SER C 265 -8.35 35.46 -26.46
N PHE C 266 -8.11 35.06 -27.71
CA PHE C 266 -7.77 35.99 -28.78
C PHE C 266 -9.00 36.65 -29.40
N TRP C 267 -10.19 36.08 -29.21
CA TRP C 267 -11.44 36.75 -29.55
C TRP C 267 -11.84 37.79 -28.51
N ILE C 268 -10.90 38.17 -27.63
CA ILE C 268 -11.10 39.18 -26.60
C ILE C 268 -11.25 40.53 -27.27
N ASN C 269 -11.60 41.56 -26.49
CA ASN C 269 -11.72 42.92 -26.98
C ASN C 269 -10.49 43.35 -27.79
N MET C 270 -10.69 44.24 -28.75
CA MET C 270 -9.58 44.68 -29.60
C MET C 270 -8.47 45.31 -28.78
N ASP C 271 -8.82 46.23 -27.89
CA ASP C 271 -7.81 46.87 -27.06
C ASP C 271 -7.20 45.86 -26.09
N ALA C 272 -5.89 45.95 -25.93
CA ALA C 272 -5.15 45.05 -25.05
C ALA C 272 -5.44 45.49 -23.61
N ALA C 273 -6.17 44.66 -22.89
CA ALA C 273 -6.52 44.94 -21.49
C ALA C 273 -6.06 43.77 -20.62
N PRO C 274 -6.22 43.85 -19.29
CA PRO C 274 -5.86 42.71 -18.44
C PRO C 274 -6.70 41.46 -18.65
N ALA C 275 -7.71 41.50 -19.52
CA ALA C 275 -8.45 40.29 -19.85
C ALA C 275 -7.54 39.22 -20.43
N ARG C 276 -6.77 39.58 -21.47
CA ARG C 276 -5.79 38.64 -22.00
C ARG C 276 -4.72 38.32 -20.98
N VAL C 277 -4.50 39.23 -20.02
CA VAL C 277 -3.60 38.94 -18.90
C VAL C 277 -4.08 37.70 -18.14
N GLY C 278 -5.39 37.60 -17.93
CA GLY C 278 -5.95 36.45 -17.24
C GLY C 278 -6.03 35.20 -18.09
N LEU C 279 -6.72 35.29 -19.24
CA LEU C 279 -6.96 34.12 -20.07
C LEU C 279 -5.69 33.43 -20.55
N GLY C 280 -4.56 34.13 -20.57
CA GLY C 280 -3.32 33.51 -21.01
C GLY C 280 -2.67 32.64 -19.97
N ILE C 281 -2.24 33.22 -18.85
CA ILE C 281 -1.52 32.46 -17.83
C ILE C 281 -2.40 31.42 -17.16
N THR C 282 -3.71 31.66 -17.08
CA THR C 282 -4.61 30.70 -16.46
C THR C 282 -4.59 29.37 -17.21
N THR C 283 -4.76 29.42 -18.53
CA THR C 283 -4.79 28.19 -19.31
C THR C 283 -3.45 27.48 -19.28
N VAL C 284 -2.35 28.22 -19.36
CA VAL C 284 -1.02 27.60 -19.34
C VAL C 284 -0.81 26.85 -18.03
N LEU C 285 -1.31 27.40 -16.92
CA LEU C 285 -1.18 26.72 -15.65
C LEU C 285 -1.97 25.43 -15.62
N THR C 286 -3.09 25.37 -16.35
CA THR C 286 -3.84 24.12 -16.46
C THR C 286 -2.97 23.04 -17.07
N MET C 287 -2.41 23.32 -18.25
CA MET C 287 -1.58 22.34 -18.95
C MET C 287 -0.39 21.92 -18.10
N THR C 288 0.17 22.84 -17.32
CA THR C 288 1.25 22.47 -16.43
C THR C 288 0.81 21.41 -15.42
N THR C 289 -0.38 21.56 -14.85
CA THR C 289 -0.92 20.57 -13.94
C THR C 289 -1.46 19.34 -14.67
N GLN C 290 -2.02 19.55 -15.87
CA GLN C 290 -2.43 18.42 -16.69
C GLN C 290 -1.27 17.46 -16.93
N SER C 291 -0.16 17.97 -17.45
CA SER C 291 1.01 17.14 -17.70
C SER C 291 1.58 16.52 -16.44
N SER C 292 1.35 17.13 -15.28
CA SER C 292 1.74 16.50 -14.01
C SER C 292 1.01 15.18 -13.83
N GLY C 293 -0.31 15.22 -13.80
CA GLY C 293 -1.12 14.04 -13.71
C GLY C 293 -1.17 13.22 -14.98
N SER C 294 -0.52 13.68 -16.04
CA SER C 294 -0.43 12.89 -17.27
C SER C 294 0.24 11.55 -17.01
N ARG C 295 1.50 11.59 -16.58
CA ARG C 295 2.24 10.39 -16.24
C ARG C 295 2.11 10.05 -14.77
N ALA C 296 0.86 9.99 -14.30
CA ALA C 296 0.61 9.71 -12.89
C ALA C 296 0.88 8.24 -12.56
N SER C 297 0.29 7.33 -13.34
CA SER C 297 0.42 5.91 -13.06
C SER C 297 1.34 5.26 -14.09
N LEU C 298 2.37 5.98 -14.49
CA LEU C 298 3.22 5.54 -15.56
C LEU C 298 4.65 5.32 -15.07
N PRO C 299 5.30 4.24 -15.49
CA PRO C 299 6.68 4.02 -15.09
C PRO C 299 7.59 5.10 -15.63
N LYS C 300 8.81 5.16 -15.09
CA LYS C 300 9.75 6.22 -15.42
C LYS C 300 10.60 5.76 -16.61
N VAL C 301 9.96 5.74 -17.76
CA VAL C 301 10.60 5.32 -19.01
C VAL C 301 11.34 6.50 -19.59
N SER C 302 12.57 6.24 -20.07
CA SER C 302 13.40 7.33 -20.56
C SER C 302 12.93 7.84 -21.91
N TYR C 303 12.54 6.94 -22.81
CA TYR C 303 12.07 7.35 -24.11
C TYR C 303 10.77 8.13 -24.00
N VAL C 304 10.39 8.79 -25.09
CA VAL C 304 9.21 9.63 -25.13
C VAL C 304 8.07 8.83 -25.74
N LYS C 305 6.95 8.80 -25.04
CA LYS C 305 5.77 8.07 -25.48
C LYS C 305 4.90 9.00 -26.33
N ALA C 306 3.66 8.61 -26.57
CA ALA C 306 2.78 9.39 -27.44
C ALA C 306 1.85 10.32 -26.68
N ILE C 307 1.45 9.96 -25.46
CA ILE C 307 0.54 10.82 -24.73
C ILE C 307 1.17 12.14 -24.35
N ASP C 308 2.50 12.18 -24.23
CA ASP C 308 3.14 13.41 -23.78
C ASP C 308 3.36 14.38 -24.94
N ILE C 309 3.69 13.88 -26.12
CA ILE C 309 3.89 14.78 -27.24
C ILE C 309 2.58 15.44 -27.62
N TRP C 310 1.46 14.74 -27.42
CA TRP C 310 0.18 15.43 -27.46
C TRP C 310 0.15 16.57 -26.46
N MET C 311 0.38 16.25 -25.19
CA MET C 311 0.35 17.29 -24.18
C MET C 311 1.58 18.17 -24.23
N ALA C 312 2.56 17.85 -25.07
CA ALA C 312 3.63 18.81 -25.33
C ALA C 312 3.19 19.84 -26.34
N VAL C 313 2.66 19.41 -27.48
CA VAL C 313 2.14 20.33 -28.49
C VAL C 313 1.03 21.19 -27.92
N CYS C 314 0.21 20.63 -27.04
CA CYS C 314 -0.77 21.45 -26.36
C CYS C 314 -0.12 22.52 -25.49
N LEU C 315 1.09 22.29 -25.00
CA LEU C 315 1.80 23.32 -24.27
C LEU C 315 2.20 24.46 -25.18
N LEU C 316 2.90 24.17 -26.27
CA LEU C 316 3.46 25.25 -27.06
C LEU C 316 2.39 26.06 -27.79
N PHE C 317 1.17 25.56 -27.95
CA PHE C 317 0.11 26.45 -28.41
C PHE C 317 -0.39 27.38 -27.32
N VAL C 318 -0.62 26.87 -26.11
CA VAL C 318 -1.08 27.75 -25.05
C VAL C 318 0.00 28.74 -24.64
N PHE C 319 1.27 28.37 -24.76
CA PHE C 319 2.34 29.36 -24.62
C PHE C 319 2.40 30.33 -25.79
N SER C 320 1.82 29.96 -26.93
CA SER C 320 1.74 30.90 -28.03
C SER C 320 0.80 32.05 -27.71
N ALA C 321 -0.24 31.77 -26.93
CA ALA C 321 -1.19 32.81 -26.55
C ALA C 321 -0.51 33.89 -25.73
N LEU C 322 0.09 33.52 -24.59
CA LEU C 322 0.84 34.49 -23.81
C LEU C 322 2.04 35.05 -24.58
N LEU C 323 2.58 34.28 -25.52
CA LEU C 323 3.64 34.82 -26.36
C LEU C 323 3.09 35.78 -27.41
N GLU C 324 1.88 35.53 -27.90
CA GLU C 324 1.30 36.43 -28.90
C GLU C 324 0.95 37.78 -28.30
N TYR C 325 0.31 37.80 -27.12
CA TYR C 325 -0.01 39.07 -26.48
C TYR C 325 1.25 39.85 -26.13
N ALA C 326 2.37 39.15 -25.94
CA ALA C 326 3.66 39.83 -25.81
C ALA C 326 3.94 40.68 -27.04
N ALA C 327 3.64 40.15 -28.22
CA ALA C 327 3.79 40.94 -29.44
C ALA C 327 2.79 42.10 -29.48
N VAL C 328 1.54 41.85 -29.13
CA VAL C 328 0.53 42.90 -29.12
C VAL C 328 0.90 43.98 -28.11
N ASN C 329 1.15 43.60 -26.87
CA ASN C 329 1.46 44.59 -25.85
C ASN C 329 2.78 45.27 -26.12
N PHE C 330 3.67 44.62 -26.89
CA PHE C 330 4.93 45.25 -27.26
C PHE C 330 4.70 46.33 -28.30
N ILE C 331 4.04 45.98 -29.40
CA ILE C 331 3.79 46.94 -30.47
C ILE C 331 2.86 48.04 -30.02
N ALA C 332 1.98 47.76 -29.05
CA ALA C 332 1.03 48.77 -28.59
C ALA C 332 1.74 49.88 -27.82
N ARG C 333 2.68 49.52 -26.95
CA ARG C 333 3.40 50.52 -26.17
C ARG C 333 4.37 51.32 -27.02
N GLN C 334 4.64 50.89 -28.25
CA GLN C 334 5.54 51.63 -29.13
C GLN C 334 4.99 53.03 -29.41
N HIS C 335 3.68 53.14 -29.59
CA HIS C 335 3.06 54.44 -29.86
C HIS C 335 2.50 55.04 -28.58
N VAL C 396 -0.43 61.60 -32.65
CA VAL C 396 0.38 60.50 -33.17
C VAL C 396 -0.26 59.93 -34.43
N GLU C 397 -0.12 60.65 -35.54
CA GLU C 397 -0.71 60.21 -36.80
C GLU C 397 0.02 58.98 -37.35
N GLU C 398 1.31 59.12 -37.63
CA GLU C 398 2.08 57.99 -38.13
C GLU C 398 2.24 56.90 -37.08
N MET C 399 2.13 57.24 -35.80
CA MET C 399 2.31 56.24 -34.74
C MET C 399 1.15 55.26 -34.72
N ARG C 400 -0.06 55.74 -34.46
CA ARG C 400 -1.23 54.88 -34.45
C ARG C 400 -1.55 54.28 -35.81
N LYS C 401 -1.18 54.98 -36.89
CA LYS C 401 -1.43 54.46 -38.23
C LYS C 401 -0.63 53.21 -38.54
N LEU C 402 0.48 52.98 -37.82
CA LEU C 402 1.29 51.80 -38.06
C LEU C 402 1.15 50.75 -36.97
N PHE C 403 0.74 51.13 -35.76
CA PHE C 403 0.56 50.16 -34.70
C PHE C 403 -0.71 49.34 -34.91
N ILE C 404 -1.84 50.00 -35.14
CA ILE C 404 -3.09 49.28 -35.40
C ILE C 404 -3.04 48.49 -36.69
N SER C 405 -2.23 48.91 -37.66
CA SER C 405 -1.98 48.08 -38.83
C SER C 405 -1.31 46.77 -38.47
N ARG C 406 -0.58 46.74 -37.37
CA ARG C 406 -0.02 45.50 -36.84
C ARG C 406 -1.03 44.72 -36.03
N ALA C 407 -1.92 45.41 -35.31
CA ALA C 407 -2.94 44.71 -34.54
C ALA C 407 -4.02 44.11 -35.44
N LYS C 408 -4.08 44.53 -36.70
CA LYS C 408 -5.05 43.97 -37.63
C LYS C 408 -4.51 42.74 -38.34
N ARG C 409 -3.31 42.82 -38.91
CA ARG C 409 -2.72 41.64 -39.53
C ARG C 409 -2.49 40.54 -38.51
N ILE C 410 -2.27 40.91 -37.25
CA ILE C 410 -2.15 39.93 -36.19
C ILE C 410 -3.51 39.36 -35.81
N ASP C 411 -4.60 40.07 -36.14
CA ASP C 411 -5.94 39.59 -35.81
C ASP C 411 -6.42 38.58 -36.84
N THR C 412 -6.37 38.95 -38.13
CA THR C 412 -6.86 38.07 -39.19
C THR C 412 -6.04 36.81 -39.33
N VAL C 413 -4.84 36.76 -38.75
CA VAL C 413 -4.02 35.56 -38.81
C VAL C 413 -4.27 34.65 -37.62
N SER C 414 -4.26 35.20 -36.40
CA SER C 414 -4.44 34.35 -35.23
C SER C 414 -5.85 33.80 -35.14
N ARG C 415 -6.83 34.52 -35.69
CA ARG C 415 -8.20 34.02 -35.72
C ARG C 415 -8.38 32.81 -36.62
N VAL C 416 -7.40 32.51 -37.49
CA VAL C 416 -7.44 31.29 -38.27
C VAL C 416 -6.18 30.45 -38.13
N ALA C 417 -5.03 31.04 -37.79
CA ALA C 417 -3.78 30.30 -37.71
C ALA C 417 -3.79 29.23 -36.63
N PHE C 418 -4.29 29.54 -35.44
CA PHE C 418 -4.38 28.51 -34.40
C PHE C 418 -5.30 27.37 -34.81
N PRO C 419 -6.53 27.62 -35.26
CA PRO C 419 -7.33 26.51 -35.83
C PRO C 419 -6.71 25.93 -37.08
N LEU C 420 -5.82 26.64 -37.76
CA LEU C 420 -5.18 26.08 -38.95
C LEU C 420 -4.15 25.02 -38.57
N VAL C 421 -3.15 25.39 -37.77
CA VAL C 421 -2.09 24.45 -37.44
C VAL C 421 -2.56 23.39 -36.45
N PHE C 422 -3.44 23.77 -35.53
CA PHE C 422 -3.91 22.81 -34.54
C PHE C 422 -4.72 21.69 -35.16
N LEU C 423 -5.54 21.99 -36.17
CA LEU C 423 -6.31 20.93 -36.81
C LEU C 423 -5.45 20.10 -37.73
N ILE C 424 -4.54 20.72 -38.47
CA ILE C 424 -3.63 19.95 -39.30
C ILE C 424 -2.74 19.07 -38.44
N PHE C 425 -2.37 19.55 -37.24
CA PHE C 425 -1.65 18.70 -36.31
C PHE C 425 -2.48 17.51 -35.88
N ASN C 426 -3.77 17.73 -35.57
CA ASN C 426 -4.62 16.66 -35.11
C ASN C 426 -4.76 15.58 -36.18
N ILE C 427 -5.03 15.98 -37.41
CA ILE C 427 -5.22 15.00 -38.48
C ILE C 427 -3.94 14.21 -38.71
N PHE C 428 -2.78 14.84 -38.52
CA PHE C 428 -1.53 14.11 -38.69
C PHE C 428 -1.24 13.18 -37.52
N TYR C 429 -1.54 13.62 -36.31
CA TYR C 429 -1.31 12.81 -35.11
C TYR C 429 -2.09 11.52 -35.16
N TRP C 430 -3.39 11.60 -35.44
CA TRP C 430 -4.24 10.42 -35.33
C TRP C 430 -4.06 9.45 -36.49
N ILE C 431 -3.60 9.91 -37.65
CA ILE C 431 -3.30 8.99 -38.74
C ILE C 431 -2.00 8.25 -38.48
N THR C 432 -1.07 8.91 -37.78
CA THR C 432 0.15 8.25 -37.34
C THR C 432 -0.14 7.08 -36.42
N TYR C 433 -1.24 7.13 -35.69
CA TYR C 433 -1.57 6.10 -34.70
C TYR C 433 -2.78 5.27 -35.10
N LYS C 434 -3.47 5.64 -36.17
CA LYS C 434 -4.50 4.79 -36.73
C LYS C 434 -3.95 3.83 -37.77
N ILE C 435 -2.63 3.80 -37.96
CA ILE C 435 -2.00 2.90 -38.92
C ILE C 435 -1.16 1.83 -38.25
N ILE C 436 -1.35 1.59 -36.96
CA ILE C 436 -0.53 0.63 -36.23
C ILE C 436 -1.40 -0.27 -35.38
N PRO D 31 -21.10 -45.96 26.88
CA PRO D 31 -20.02 -46.39 27.78
C PRO D 31 -18.65 -45.88 27.33
N MET D 32 -18.05 -46.56 26.36
CA MET D 32 -16.77 -46.19 25.79
C MET D 32 -16.79 -44.75 25.28
N PRO D 33 -15.68 -44.04 25.39
CA PRO D 33 -15.63 -42.65 24.89
C PRO D 33 -15.85 -42.61 23.39
N PRO D 34 -16.71 -41.71 22.92
CA PRO D 34 -17.14 -41.74 21.51
C PRO D 34 -16.00 -41.48 20.53
N SER D 35 -15.03 -40.65 20.88
CA SER D 35 -13.84 -40.53 20.05
C SER D 35 -13.15 -41.89 19.94
N GLU D 36 -13.00 -42.58 21.08
CA GLU D 36 -12.59 -43.97 21.05
C GLU D 36 -13.60 -44.81 20.29
N PHE D 37 -14.87 -44.45 20.36
CA PHE D 37 -15.85 -45.06 19.47
C PHE D 37 -15.57 -44.72 18.02
N LEU D 38 -15.15 -43.50 17.74
CA LEU D 38 -14.86 -43.13 16.36
C LEU D 38 -13.54 -43.68 15.87
N ASP D 39 -12.65 -44.09 16.77
CA ASP D 39 -11.48 -44.83 16.35
C ASP D 39 -11.84 -46.07 15.56
N LYS D 40 -12.93 -46.73 15.92
CA LYS D 40 -13.47 -47.85 15.16
C LYS D 40 -14.60 -47.42 14.24
N LEU D 41 -15.12 -46.21 14.41
CA LEU D 41 -16.11 -45.69 13.47
C LEU D 41 -15.53 -45.53 12.08
N MET D 42 -14.38 -44.87 11.98
CA MET D 42 -13.72 -44.61 10.70
C MET D 42 -12.32 -45.19 10.61
N GLY D 43 -11.77 -45.72 11.71
CA GLY D 43 -10.41 -46.21 11.72
C GLY D 43 -10.19 -47.39 10.79
N LYS D 44 -8.99 -47.96 10.87
CA LYS D 44 -8.65 -49.08 10.01
C LYS D 44 -9.57 -50.27 10.24
N VAL D 45 -10.10 -50.42 11.44
CA VAL D 45 -11.22 -51.32 11.65
C VAL D 45 -12.46 -50.70 10.99
N SER D 46 -13.19 -51.55 10.27
CA SER D 46 -14.35 -51.19 9.44
C SER D 46 -13.95 -50.50 8.15
N GLY D 47 -12.68 -50.13 7.97
CA GLY D 47 -12.19 -49.68 6.69
C GLY D 47 -12.85 -48.45 6.11
N TYR D 48 -12.91 -47.36 6.87
CA TYR D 48 -13.33 -46.08 6.32
C TYR D 48 -12.15 -45.48 5.58
N ASP D 49 -12.15 -45.63 4.27
CA ASP D 49 -11.13 -45.03 3.43
C ASP D 49 -11.62 -43.64 3.04
N ALA D 50 -10.96 -42.62 3.58
CA ALA D 50 -11.36 -41.23 3.33
C ALA D 50 -11.16 -40.83 1.88
N ARG D 51 -10.52 -41.64 1.07
CA ARG D 51 -10.23 -41.32 -0.32
C ARG D 51 -11.24 -41.89 -1.30
N ILE D 52 -12.47 -42.16 -0.84
CA ILE D 52 -13.49 -42.74 -1.69
C ILE D 52 -14.84 -42.16 -1.28
N ARG D 53 -15.49 -41.46 -2.20
CA ARG D 53 -16.71 -40.75 -1.88
C ARG D 53 -17.81 -41.73 -1.47
N PRO D 54 -18.81 -41.26 -0.74
CA PRO D 54 -19.95 -42.13 -0.41
C PRO D 54 -20.71 -42.51 -1.67
N ASN D 55 -21.49 -43.58 -1.53
CA ASN D 55 -22.32 -44.08 -2.63
C ASN D 55 -21.47 -44.35 -3.87
N PHE D 56 -20.31 -44.95 -3.66
CA PHE D 56 -19.36 -45.15 -4.74
C PHE D 56 -19.96 -46.04 -5.82
N LYS D 57 -19.83 -45.60 -7.07
CA LYS D 57 -20.37 -46.30 -8.23
C LYS D 57 -21.89 -46.23 -8.30
N GLY D 58 -22.49 -45.36 -7.49
CA GLY D 58 -23.92 -45.20 -7.51
C GLY D 58 -24.29 -43.80 -7.93
N PRO D 59 -25.43 -43.30 -7.44
CA PRO D 59 -25.81 -41.93 -7.74
C PRO D 59 -24.76 -40.98 -7.19
N PRO D 60 -24.73 -39.75 -7.69
CA PRO D 60 -23.77 -38.78 -7.16
C PRO D 60 -24.09 -38.42 -5.73
N VAL D 61 -23.17 -37.71 -5.09
CA VAL D 61 -23.35 -37.32 -3.70
C VAL D 61 -24.06 -35.98 -3.65
N ASN D 62 -25.30 -35.98 -3.16
CA ASN D 62 -26.14 -34.79 -3.10
C ASN D 62 -25.75 -33.96 -1.88
N VAL D 63 -25.14 -32.81 -2.12
CA VAL D 63 -24.61 -31.97 -1.05
C VAL D 63 -25.44 -30.70 -0.99
N THR D 64 -26.16 -30.51 0.10
CA THR D 64 -26.92 -29.29 0.32
C THR D 64 -26.07 -28.28 1.07
N CYS D 65 -26.12 -27.02 0.63
CA CYS D 65 -25.26 -25.99 1.16
C CYS D 65 -26.09 -24.78 1.58
N ASN D 66 -25.53 -24.01 2.49
CA ASN D 66 -26.05 -22.68 2.84
C ASN D 66 -24.92 -21.89 3.47
N ILE D 67 -25.09 -20.58 3.56
CA ILE D 67 -24.05 -19.72 4.08
C ILE D 67 -24.61 -18.81 5.16
N PHE D 68 -23.71 -18.23 5.93
CA PHE D 68 -24.02 -17.26 6.98
C PHE D 68 -22.97 -16.17 6.91
N ILE D 69 -23.40 -14.91 6.81
CA ILE D 69 -22.52 -13.81 6.48
C ILE D 69 -22.25 -13.02 7.76
N ASN D 70 -21.04 -13.14 8.30
CA ASN D 70 -20.62 -12.23 9.37
C ASN D 70 -20.19 -10.89 8.80
N SER D 71 -19.13 -10.88 8.03
CA SER D 71 -18.54 -9.67 7.51
C SER D 71 -18.89 -9.53 6.04
N PHE D 72 -18.95 -8.28 5.59
CA PHE D 72 -19.28 -7.99 4.20
C PHE D 72 -18.94 -6.52 3.99
N GLY D 73 -18.22 -6.22 2.93
CA GLY D 73 -17.78 -4.86 2.70
C GLY D 73 -16.41 -4.85 2.08
N SER D 74 -15.78 -3.68 2.16
CA SER D 74 -14.54 -3.42 1.43
C SER D 74 -14.72 -3.74 -0.04
N ILE D 75 -15.78 -3.18 -0.62
CA ILE D 75 -16.11 -3.41 -2.01
C ILE D 75 -15.31 -2.44 -2.86
N ALA D 76 -14.08 -2.81 -3.21
CA ALA D 76 -13.17 -1.93 -3.93
C ALA D 76 -13.48 -2.00 -5.41
N GLU D 77 -13.82 -0.86 -5.99
CA GLU D 77 -14.09 -0.77 -7.42
C GLU D 77 -12.82 -0.57 -8.22
N THR D 78 -11.75 -0.10 -7.58
CA THR D 78 -10.44 -0.12 -8.21
C THR D 78 -10.05 -1.52 -8.59
N THR D 79 -10.46 -2.51 -7.80
CA THR D 79 -10.19 -3.91 -8.06
C THR D 79 -11.41 -4.66 -8.57
N MET D 80 -12.61 -4.17 -8.28
CA MET D 80 -13.84 -4.85 -8.65
C MET D 80 -13.94 -6.21 -7.97
N ASP D 81 -13.83 -6.19 -6.65
CA ASP D 81 -13.97 -7.38 -5.84
C ASP D 81 -14.57 -6.98 -4.50
N TYR D 82 -14.57 -7.91 -3.55
CA TYR D 82 -15.09 -7.59 -2.23
C TYR D 82 -14.79 -8.74 -1.29
N ARG D 83 -14.68 -8.42 -0.02
CA ARG D 83 -14.34 -9.38 1.01
C ARG D 83 -15.57 -9.75 1.83
N VAL D 84 -15.73 -11.04 2.09
CA VAL D 84 -16.84 -11.55 2.88
C VAL D 84 -16.29 -12.55 3.87
N ASN D 85 -16.98 -12.72 4.99
CA ASN D 85 -16.58 -13.65 6.04
C ASN D 85 -17.78 -14.52 6.36
N ILE D 86 -17.82 -15.72 5.78
CA ILE D 86 -19.02 -16.54 5.80
C ILE D 86 -18.79 -17.77 6.66
N PHE D 87 -19.88 -18.43 7.01
CA PHE D 87 -19.87 -19.75 7.63
C PHE D 87 -20.47 -20.72 6.64
N LEU D 88 -19.63 -21.37 5.85
CA LEU D 88 -20.12 -22.33 4.86
C LEU D 88 -20.55 -23.61 5.57
N ARG D 89 -21.84 -23.91 5.50
CA ARG D 89 -22.38 -25.16 6.03
C ARG D 89 -22.61 -26.10 4.86
N GLN D 90 -22.17 -27.34 5.00
CA GLN D 90 -22.42 -28.39 4.02
C GLN D 90 -23.13 -29.56 4.69
N GLN D 91 -23.89 -30.32 3.90
CA GLN D 91 -24.54 -31.51 4.40
C GLN D 91 -24.60 -32.55 3.29
N TRP D 92 -24.03 -33.72 3.56
CA TRP D 92 -24.14 -34.86 2.67
C TRP D 92 -24.36 -36.10 3.51
N ASN D 93 -24.75 -37.19 2.87
CA ASN D 93 -25.08 -38.40 3.59
C ASN D 93 -24.05 -39.47 3.25
N ASP D 94 -23.35 -39.96 4.26
CA ASP D 94 -22.33 -40.99 4.07
C ASP D 94 -22.75 -42.24 4.83
N PRO D 95 -23.22 -43.29 4.15
CA PRO D 95 -23.66 -44.50 4.85
C PRO D 95 -22.59 -45.14 5.70
N ARG D 96 -21.31 -44.97 5.35
CA ARG D 96 -20.23 -45.54 6.13
C ARG D 96 -20.15 -44.93 7.53
N LEU D 97 -20.76 -43.77 7.73
CA LEU D 97 -20.74 -43.08 9.01
C LEU D 97 -22.00 -43.33 9.83
N ALA D 98 -22.68 -44.45 9.60
CA ALA D 98 -23.96 -44.70 10.25
C ALA D 98 -23.71 -45.46 11.55
N TYR D 99 -23.57 -44.72 12.64
CA TYR D 99 -23.50 -45.37 13.94
C TYR D 99 -24.89 -45.79 14.39
N SER D 100 -24.95 -46.95 15.06
CA SER D 100 -26.23 -47.49 15.50
C SER D 100 -26.29 -47.71 17.00
N GLU D 101 -25.20 -48.12 17.63
CA GLU D 101 -25.22 -48.43 19.05
C GLU D 101 -25.56 -47.21 19.89
N TYR D 102 -25.17 -46.03 19.45
CA TYR D 102 -25.16 -44.88 20.32
C TYR D 102 -26.58 -44.35 20.53
N PRO D 103 -26.90 -43.80 21.70
CA PRO D 103 -28.31 -43.50 22.00
C PRO D 103 -28.79 -42.11 21.60
N ASP D 104 -28.00 -41.31 20.90
CA ASP D 104 -28.40 -39.94 20.60
C ASP D 104 -28.39 -39.69 19.10
N ASP D 105 -28.67 -38.45 18.73
CA ASP D 105 -28.79 -38.05 17.33
C ASP D 105 -27.50 -37.50 16.76
N SER D 106 -26.76 -36.71 17.54
CA SER D 106 -25.59 -35.99 17.03
C SER D 106 -24.35 -36.39 17.82
N LEU D 107 -23.24 -36.57 17.11
CA LEU D 107 -21.93 -36.83 17.72
C LEU D 107 -20.94 -35.83 17.13
N ASP D 108 -20.86 -34.66 17.74
CA ASP D 108 -19.86 -33.68 17.35
C ASP D 108 -18.45 -34.25 17.59
N LEU D 109 -17.45 -33.57 17.04
CA LEU D 109 -16.07 -33.99 17.18
C LEU D 109 -15.19 -32.84 16.77
N ASP D 110 -14.11 -32.60 17.52
CA ASP D 110 -13.28 -31.46 17.22
C ASP D 110 -12.61 -31.62 15.86
N PRO D 111 -12.27 -30.51 15.20
CA PRO D 111 -11.66 -30.61 13.86
C PRO D 111 -10.33 -31.34 13.82
N SER D 112 -9.75 -31.75 14.97
CA SER D 112 -8.48 -32.45 14.95
C SER D 112 -8.55 -33.69 14.08
N MET D 113 -9.68 -34.38 14.06
CA MET D 113 -9.91 -35.51 13.18
C MET D 113 -10.85 -35.16 12.04
N LEU D 114 -11.01 -33.88 11.75
CA LEU D 114 -11.80 -33.49 10.60
C LEU D 114 -11.11 -33.81 9.29
N ASP D 115 -9.80 -34.05 9.31
CA ASP D 115 -9.09 -34.55 8.14
C ASP D 115 -9.24 -36.05 7.99
N SER D 116 -10.04 -36.69 8.83
CA SER D 116 -10.16 -38.14 8.85
C SER D 116 -11.31 -38.65 7.98
N ILE D 117 -12.32 -37.83 7.75
CA ILE D 117 -13.50 -38.24 7.02
C ILE D 117 -13.42 -37.70 5.59
N TRP D 118 -14.32 -38.19 4.75
CA TRP D 118 -14.41 -37.65 3.40
C TRP D 118 -15.05 -36.27 3.46
N LYS D 119 -14.54 -35.36 2.62
CA LYS D 119 -15.05 -34.00 2.56
C LYS D 119 -15.10 -33.56 1.12
N PRO D 120 -16.21 -32.98 0.66
CA PRO D 120 -16.29 -32.53 -0.73
C PRO D 120 -15.35 -31.37 -1.00
N ASP D 121 -14.85 -31.33 -2.24
CA ASP D 121 -13.85 -30.34 -2.63
C ASP D 121 -14.50 -29.09 -3.21
N LEU D 122 -15.42 -28.52 -2.44
CA LEU D 122 -16.05 -27.28 -2.86
C LEU D 122 -15.05 -26.15 -2.88
N PHE D 123 -14.86 -25.55 -4.05
CA PHE D 123 -14.04 -24.36 -4.16
C PHE D 123 -14.94 -23.23 -4.64
N PHE D 124 -14.41 -22.02 -4.68
CA PHE D 124 -15.15 -20.84 -5.10
C PHE D 124 -14.62 -20.41 -6.45
N ALA D 125 -15.47 -20.46 -7.47
CA ALA D 125 -15.03 -20.27 -8.85
C ALA D 125 -14.45 -18.89 -9.10
N ASN D 126 -14.67 -17.93 -8.20
CA ASN D 126 -14.13 -16.59 -8.30
C ASN D 126 -13.48 -16.18 -6.99
N GLU D 127 -12.61 -17.03 -6.45
CA GLU D 127 -11.93 -16.76 -5.18
C GLU D 127 -11.18 -15.44 -5.18
N LYS D 128 -10.15 -15.32 -6.01
CA LYS D 128 -9.25 -14.18 -5.99
C LYS D 128 -8.67 -13.98 -4.58
N GLY D 129 -8.38 -15.10 -3.93
CA GLY D 129 -7.87 -15.03 -2.59
C GLY D 129 -8.88 -15.43 -1.53
N ALA D 130 -8.48 -16.34 -0.64
CA ALA D 130 -9.33 -16.81 0.43
C ALA D 130 -8.47 -17.53 1.46
N ASN D 131 -8.94 -17.63 2.69
CA ASN D 131 -8.13 -18.28 3.71
C ASN D 131 -9.02 -18.79 4.82
N PHE D 132 -8.50 -19.77 5.55
CA PHE D 132 -9.16 -20.28 6.74
C PHE D 132 -8.81 -19.38 7.91
N HIS D 133 -9.52 -19.56 9.03
CA HIS D 133 -9.25 -18.81 10.26
C HIS D 133 -8.79 -19.82 11.30
N GLU D 134 -7.55 -19.65 11.77
CA GLU D 134 -6.91 -20.60 12.67
C GLU D 134 -6.48 -19.95 13.97
N VAL D 135 -7.34 -19.14 14.58
CA VAL D 135 -6.98 -18.41 15.79
C VAL D 135 -7.49 -19.19 17.00
N THR D 136 -6.55 -19.84 17.70
CA THR D 136 -6.77 -20.60 18.92
C THR D 136 -7.39 -21.95 18.63
N THR D 137 -7.87 -22.14 17.40
CA THR D 137 -8.33 -23.44 16.90
C THR D 137 -8.72 -23.25 15.44
N ASP D 138 -8.65 -24.30 14.65
CA ASP D 138 -9.28 -24.25 13.33
C ASP D 138 -10.77 -23.99 13.52
N ASN D 139 -11.26 -22.89 12.96
CA ASN D 139 -12.66 -22.55 13.12
C ASN D 139 -13.50 -23.48 12.26
N LYS D 140 -13.81 -24.65 12.82
CA LYS D 140 -14.45 -25.72 12.07
C LYS D 140 -15.51 -26.37 12.94
N LEU D 141 -16.49 -27.00 12.32
CA LEU D 141 -17.59 -27.66 13.00
C LEU D 141 -17.89 -28.98 12.32
N LEU D 142 -18.18 -30.00 13.11
CA LEU D 142 -18.38 -31.34 12.56
C LEU D 142 -19.28 -32.13 13.48
N ARG D 143 -20.52 -32.36 13.06
CA ARG D 143 -21.43 -33.23 13.78
C ARG D 143 -22.00 -34.24 12.79
N ILE D 144 -22.40 -35.39 13.31
CA ILE D 144 -22.81 -36.53 12.50
C ILE D 144 -24.07 -37.12 13.08
N SER D 145 -25.13 -37.17 12.28
CA SER D 145 -26.38 -37.77 12.70
C SER D 145 -26.29 -39.29 12.64
N LYS D 146 -27.31 -39.95 13.20
CA LYS D 146 -27.33 -41.41 13.23
C LYS D 146 -27.32 -42.01 11.84
N ASN D 147 -28.08 -41.43 10.92
CA ASN D 147 -28.22 -41.98 9.57
C ASN D 147 -27.11 -41.56 8.63
N GLY D 148 -26.03 -40.99 9.16
CA GLY D 148 -24.90 -40.62 8.33
C GLY D 148 -24.87 -39.19 7.86
N ASN D 149 -25.84 -38.38 8.24
CA ASN D 149 -25.86 -36.98 7.83
C ASN D 149 -24.64 -36.27 8.40
N VAL D 150 -23.86 -35.61 7.55
CA VAL D 150 -22.66 -34.90 7.98
C VAL D 150 -22.89 -33.41 7.82
N LEU D 151 -23.03 -32.71 8.93
CA LEU D 151 -22.98 -31.25 8.94
C LEU D 151 -21.52 -30.83 9.06
N TYR D 152 -21.05 -30.04 8.12
CA TYR D 152 -19.66 -29.59 8.05
C TYR D 152 -19.67 -28.09 7.79
N SER D 153 -19.11 -27.33 8.73
CA SER D 153 -19.19 -25.88 8.70
C SER D 153 -17.82 -25.31 9.03
N ILE D 154 -17.38 -24.34 8.24
CA ILE D 154 -16.08 -23.70 8.43
C ILE D 154 -16.17 -22.22 8.10
N ARG D 155 -15.46 -21.43 8.90
CA ARG D 155 -15.37 -19.99 8.70
C ARG D 155 -14.39 -19.71 7.57
N ILE D 156 -14.79 -18.88 6.63
CA ILE D 156 -13.96 -18.56 5.47
C ILE D 156 -13.97 -17.05 5.25
N THR D 157 -12.84 -16.52 4.82
CA THR D 157 -12.75 -15.12 4.42
C THR D 157 -12.38 -15.08 2.95
N LEU D 158 -13.33 -14.68 2.11
CA LEU D 158 -13.18 -14.66 0.68
C LEU D 158 -12.96 -13.23 0.18
N VAL D 159 -12.24 -13.10 -0.91
CA VAL D 159 -12.14 -11.82 -1.59
C VAL D 159 -12.63 -12.02 -3.02
N LEU D 160 -13.94 -11.96 -3.21
CA LEU D 160 -14.56 -12.46 -4.42
C LEU D 160 -14.58 -11.40 -5.51
N ALA D 161 -14.44 -11.84 -6.75
CA ALA D 161 -14.39 -10.95 -7.90
C ALA D 161 -15.79 -10.79 -8.48
N CYS D 162 -16.24 -9.55 -8.60
CA CYS D 162 -17.49 -9.26 -9.26
C CYS D 162 -17.24 -8.08 -10.17
N PRO D 163 -17.42 -8.25 -11.48
CA PRO D 163 -17.23 -7.12 -12.40
C PRO D 163 -18.33 -6.09 -12.19
N MET D 164 -17.93 -4.84 -12.10
CA MET D 164 -18.82 -3.74 -11.73
C MET D 164 -19.34 -3.12 -13.01
N ASP D 165 -20.65 -2.91 -13.08
CA ASP D 165 -21.25 -2.19 -14.20
C ASP D 165 -21.47 -0.75 -13.75
N LEU D 166 -20.83 0.19 -14.42
CA LEU D 166 -20.80 1.58 -14.00
C LEU D 166 -21.34 2.52 -15.06
N LYS D 167 -22.40 2.12 -15.76
CA LYS D 167 -23.05 3.03 -16.70
C LYS D 167 -23.59 4.24 -15.95
N ASN D 168 -24.42 4.00 -14.95
CA ASN D 168 -24.98 5.04 -14.09
C ASN D 168 -24.35 4.88 -12.71
N PHE D 169 -23.22 5.56 -12.53
CA PHE D 169 -22.32 5.23 -11.41
C PHE D 169 -22.92 5.51 -10.05
N PRO D 170 -23.20 6.76 -9.64
CA PRO D 170 -23.68 6.98 -8.28
C PRO D 170 -25.05 6.39 -8.00
N MET D 171 -25.79 5.97 -9.02
CA MET D 171 -27.10 5.37 -8.85
C MET D 171 -27.14 3.99 -9.47
N ASP D 172 -26.08 3.21 -9.30
CA ASP D 172 -25.99 1.89 -9.88
C ASP D 172 -26.47 0.84 -8.88
N VAL D 173 -26.90 -0.30 -9.40
CA VAL D 173 -27.26 -1.45 -8.60
C VAL D 173 -26.31 -2.57 -9.01
N GLN D 174 -25.20 -2.70 -8.31
CA GLN D 174 -24.26 -3.77 -8.60
C GLN D 174 -24.81 -5.10 -8.13
N THR D 175 -24.55 -6.14 -8.91
CA THR D 175 -24.95 -7.50 -8.58
C THR D 175 -23.72 -8.37 -8.55
N CYS D 176 -23.05 -8.41 -7.40
CA CYS D 176 -21.90 -9.27 -7.20
C CYS D 176 -22.40 -10.67 -6.85
N ILE D 177 -21.60 -11.68 -7.19
CA ILE D 177 -22.01 -13.06 -7.05
C ILE D 177 -20.92 -13.84 -6.34
N MET D 178 -21.30 -15.00 -5.81
CA MET D 178 -20.33 -15.99 -5.36
C MET D 178 -20.88 -17.34 -5.76
N GLN D 179 -20.04 -18.15 -6.42
CA GLN D 179 -20.50 -19.39 -7.00
C GLN D 179 -19.62 -20.53 -6.53
N LEU D 180 -20.25 -21.63 -6.15
CA LEU D 180 -19.62 -22.76 -5.47
C LEU D 180 -19.56 -23.94 -6.44
N GLU D 181 -18.37 -24.22 -6.98
CA GLU D 181 -18.18 -25.33 -7.89
C GLU D 181 -17.45 -26.47 -7.22
N SER D 182 -17.48 -27.62 -7.87
CA SER D 182 -16.62 -28.75 -7.53
C SER D 182 -15.51 -28.86 -8.56
N PHE D 183 -14.27 -29.01 -8.08
CA PHE D 183 -13.11 -28.93 -8.95
C PHE D 183 -12.73 -30.28 -9.55
N GLY D 184 -12.79 -31.33 -8.74
CA GLY D 184 -12.33 -32.63 -9.19
C GLY D 184 -13.43 -33.55 -9.67
N TYR D 185 -14.49 -33.70 -8.89
CA TYR D 185 -15.52 -34.68 -9.18
C TYR D 185 -16.46 -34.13 -10.26
N THR D 186 -16.89 -34.99 -11.17
CA THR D 186 -17.73 -34.56 -12.26
C THR D 186 -19.20 -34.55 -11.81
N MET D 187 -20.07 -34.05 -12.68
CA MET D 187 -21.48 -33.92 -12.34
C MET D 187 -22.14 -35.27 -12.12
N ASN D 188 -21.58 -36.36 -12.64
CA ASN D 188 -22.15 -37.68 -12.42
C ASN D 188 -21.67 -38.34 -11.14
N ASP D 189 -20.80 -37.68 -10.36
CA ASP D 189 -20.36 -38.23 -9.08
C ASP D 189 -20.56 -37.29 -7.90
N LEU D 190 -20.85 -36.01 -8.13
CA LEU D 190 -21.04 -35.08 -7.03
C LEU D 190 -21.85 -33.89 -7.52
N ILE D 191 -22.94 -33.59 -6.82
CA ILE D 191 -23.86 -32.52 -7.19
C ILE D 191 -24.11 -31.64 -5.98
N PHE D 192 -24.00 -30.33 -6.16
CA PHE D 192 -24.33 -29.38 -5.10
C PHE D 192 -25.78 -28.92 -5.23
N GLU D 193 -26.32 -28.46 -4.10
CA GLU D 193 -27.67 -27.93 -4.05
C GLU D 193 -27.75 -26.95 -2.89
N TRP D 194 -28.65 -25.98 -3.01
CA TRP D 194 -29.01 -25.16 -1.87
C TRP D 194 -30.15 -25.82 -1.11
N ASP D 195 -30.15 -25.65 0.21
CA ASP D 195 -31.27 -26.11 1.00
C ASP D 195 -32.40 -25.09 0.97
N GLU D 196 -33.62 -25.57 1.16
CA GLU D 196 -34.77 -24.69 1.00
C GLU D 196 -34.96 -23.80 2.21
N LYS D 197 -34.66 -24.30 3.41
CA LYS D 197 -34.94 -23.57 4.65
C LYS D 197 -33.87 -22.52 4.87
N GLY D 198 -34.01 -21.41 4.15
CA GLY D 198 -33.11 -20.29 4.35
C GLY D 198 -31.68 -20.58 3.95
N ALA D 199 -31.44 -20.72 2.66
CA ALA D 199 -30.11 -21.04 2.16
C ALA D 199 -29.08 -19.96 2.45
N VAL D 200 -29.48 -18.72 2.72
CA VAL D 200 -28.53 -17.64 2.95
C VAL D 200 -29.03 -16.78 4.11
N GLN D 201 -28.43 -16.92 5.27
CA GLN D 201 -28.71 -16.06 6.41
C GLN D 201 -27.70 -14.93 6.45
N VAL D 202 -28.10 -13.79 7.00
CA VAL D 202 -27.23 -12.64 7.18
C VAL D 202 -27.21 -12.29 8.65
N ALA D 203 -26.09 -11.76 9.12
CA ALA D 203 -25.97 -11.37 10.52
C ALA D 203 -27.04 -10.35 10.88
N ASP D 204 -27.32 -10.25 12.18
CA ASP D 204 -28.47 -9.49 12.63
C ASP D 204 -28.32 -8.02 12.32
N GLY D 205 -27.17 -7.44 12.66
CA GLY D 205 -26.97 -6.02 12.44
C GLY D 205 -25.99 -5.72 11.34
N LEU D 206 -25.82 -6.64 10.41
CA LEU D 206 -24.84 -6.48 9.34
C LEU D 206 -25.26 -5.33 8.43
N THR D 207 -24.42 -4.31 8.32
CA THR D 207 -24.65 -3.20 7.43
C THR D 207 -23.38 -2.89 6.66
N LEU D 208 -23.47 -1.91 5.77
CA LEU D 208 -22.33 -1.52 4.98
C LEU D 208 -22.12 -0.03 5.08
N PRO D 209 -20.94 0.47 4.72
CA PRO D 209 -20.73 1.92 4.74
C PRO D 209 -21.29 2.62 3.52
N GLN D 210 -21.59 1.90 2.44
CA GLN D 210 -21.94 2.53 1.18
C GLN D 210 -23.11 1.89 0.46
N PHE D 211 -23.55 0.70 0.85
CA PHE D 211 -24.55 -0.05 0.09
C PHE D 211 -25.68 -0.47 1.01
N ILE D 212 -26.68 -1.11 0.42
CA ILE D 212 -27.74 -1.76 1.16
C ILE D 212 -27.88 -3.16 0.60
N LEU D 213 -27.56 -4.16 1.40
CA LEU D 213 -27.71 -5.55 0.97
C LEU D 213 -29.19 -5.87 0.92
N LYS D 214 -29.75 -5.84 -0.28
CA LYS D 214 -31.19 -6.05 -0.43
C LYS D 214 -31.55 -7.46 -0.01
N GLU D 215 -32.70 -7.60 0.66
CA GLU D 215 -33.07 -8.87 1.27
C GLU D 215 -33.26 -9.96 0.22
N GLU D 216 -33.81 -9.62 -0.93
CA GLU D 216 -33.98 -10.60 -1.99
C GLU D 216 -32.64 -11.10 -2.46
N LYS D 217 -32.44 -12.42 -2.42
CA LYS D 217 -31.16 -13.03 -2.79
C LYS D 217 -31.44 -14.20 -3.72
N ASP D 218 -30.88 -14.15 -4.92
CA ASP D 218 -31.21 -15.13 -5.93
C ASP D 218 -30.39 -16.39 -5.76
N LEU D 219 -30.94 -17.50 -6.23
CA LEU D 219 -30.28 -18.79 -6.08
C LEU D 219 -30.56 -19.58 -7.36
N ARG D 220 -29.51 -19.76 -8.17
CA ARG D 220 -29.66 -20.45 -9.44
C ARG D 220 -28.37 -21.19 -9.74
N TYR D 221 -28.47 -22.20 -10.61
CA TYR D 221 -27.36 -23.08 -10.94
C TYR D 221 -26.44 -22.40 -11.93
N CYS D 222 -25.16 -22.78 -11.92
CA CYS D 222 -24.25 -22.35 -12.97
C CYS D 222 -23.41 -23.51 -13.48
N THR D 223 -24.07 -24.64 -13.76
CA THR D 223 -23.43 -25.87 -14.20
C THR D 223 -22.45 -25.63 -15.32
N LYS D 224 -21.20 -26.04 -15.10
CA LYS D 224 -20.11 -25.72 -16.00
C LYS D 224 -19.83 -26.87 -16.96
N HIS D 225 -19.02 -26.57 -17.96
CA HIS D 225 -18.58 -27.53 -18.95
C HIS D 225 -17.15 -27.19 -19.34
N TYR D 226 -16.31 -28.20 -19.46
CA TYR D 226 -14.94 -28.01 -19.93
C TYR D 226 -14.61 -29.12 -20.90
N ASN D 227 -13.35 -29.17 -21.31
CA ASN D 227 -12.87 -30.32 -22.07
C ASN D 227 -12.53 -31.50 -21.17
N THR D 228 -12.83 -31.41 -19.87
CA THR D 228 -12.67 -32.51 -18.94
C THR D 228 -13.99 -33.13 -18.51
N GLY D 229 -15.08 -32.39 -18.59
CA GLY D 229 -16.39 -32.90 -18.21
C GLY D 229 -17.27 -31.75 -17.80
N LYS D 230 -18.30 -32.09 -17.02
CA LYS D 230 -19.21 -31.08 -16.49
C LYS D 230 -19.25 -31.21 -14.98
N PHE D 231 -19.25 -30.06 -14.31
CA PHE D 231 -19.07 -30.00 -12.87
C PHE D 231 -20.23 -29.25 -12.25
N THR D 232 -20.43 -29.48 -10.96
CA THR D 232 -21.59 -28.89 -10.28
C THR D 232 -21.30 -27.46 -9.88
N CYS D 233 -22.33 -26.63 -9.93
CA CYS D 233 -22.26 -25.25 -9.47
C CYS D 233 -23.59 -24.79 -8.92
N ILE D 234 -23.50 -23.85 -7.98
CA ILE D 234 -24.63 -23.10 -7.46
C ILE D 234 -24.09 -21.72 -7.11
N GLU D 235 -24.92 -20.70 -7.28
CA GLU D 235 -24.44 -19.37 -7.02
C GLU D 235 -25.57 -18.50 -6.50
N ALA D 236 -25.25 -17.68 -5.51
CA ALA D 236 -26.19 -16.76 -4.91
C ALA D 236 -25.82 -15.34 -5.32
N ARG D 237 -26.77 -14.64 -5.92
CA ARG D 237 -26.57 -13.31 -6.45
C ARG D 237 -27.01 -12.30 -5.40
N PHE D 238 -26.06 -11.50 -4.92
CA PHE D 238 -26.33 -10.47 -3.91
C PHE D 238 -26.59 -9.17 -4.66
N HIS D 239 -27.77 -8.60 -4.45
CA HIS D 239 -28.03 -7.29 -5.02
C HIS D 239 -27.50 -6.20 -4.09
N LEU D 240 -26.98 -5.14 -4.69
CA LEU D 240 -26.37 -4.06 -3.92
C LEU D 240 -26.82 -2.74 -4.51
N GLU D 241 -27.26 -1.83 -3.66
CA GLU D 241 -27.67 -0.51 -4.07
C GLU D 241 -26.92 0.53 -3.26
N ARG D 242 -26.52 1.62 -3.90
CA ARG D 242 -25.61 2.55 -3.23
C ARG D 242 -26.34 3.49 -2.29
N GLN D 243 -25.65 3.86 -1.23
CA GLN D 243 -26.03 5.01 -0.42
C GLN D 243 -25.57 6.25 -1.18
N MET D 244 -26.53 6.93 -1.79
CA MET D 244 -26.24 8.11 -2.59
C MET D 244 -25.90 9.31 -1.72
N GLY D 245 -26.04 9.19 -0.40
CA GLY D 245 -25.85 10.34 0.47
C GLY D 245 -24.45 10.93 0.40
N TYR D 246 -23.44 10.07 0.36
CA TYR D 246 -22.07 10.56 0.31
C TYR D 246 -21.82 11.36 -0.95
N TYR D 247 -21.96 10.72 -2.11
CA TYR D 247 -21.69 11.38 -3.38
C TYR D 247 -22.57 12.60 -3.58
N LEU D 248 -23.75 12.63 -2.96
CA LEU D 248 -24.58 13.82 -3.00
C LEU D 248 -23.88 15.00 -2.34
N ILE D 249 -22.95 14.74 -1.43
CA ILE D 249 -22.28 15.82 -0.73
C ILE D 249 -20.93 16.15 -1.34
N GLN D 250 -20.02 15.19 -1.48
CA GLN D 250 -18.68 15.55 -1.92
C GLN D 250 -18.65 16.02 -3.37
N MET D 251 -19.56 15.52 -4.21
CA MET D 251 -19.47 15.77 -5.63
C MET D 251 -20.53 16.70 -6.17
N TYR D 252 -21.80 16.48 -5.84
CA TYR D 252 -22.88 17.23 -6.48
C TYR D 252 -22.97 18.66 -5.99
N ILE D 253 -22.92 18.89 -4.69
CA ILE D 253 -23.01 20.23 -4.13
C ILE D 253 -21.86 21.09 -4.64
N PRO D 254 -20.60 20.66 -4.54
CA PRO D 254 -19.52 21.42 -5.18
C PRO D 254 -19.72 21.61 -6.66
N SER D 255 -20.35 20.66 -7.33
CA SER D 255 -20.75 20.88 -8.72
C SER D 255 -21.84 21.94 -8.82
N LEU D 256 -22.65 22.07 -7.78
CA LEU D 256 -23.80 22.98 -7.81
C LEU D 256 -23.46 24.38 -7.35
N LEU D 257 -22.48 24.54 -6.44
CA LEU D 257 -22.10 25.87 -6.01
C LEU D 257 -21.41 26.63 -7.15
N ILE D 258 -20.59 25.94 -7.93
CA ILE D 258 -19.87 26.61 -9.01
C ILE D 258 -20.85 27.18 -10.03
N VAL D 259 -21.98 26.53 -10.22
CA VAL D 259 -22.97 27.03 -11.17
C VAL D 259 -23.60 28.32 -10.66
N ILE D 260 -24.05 28.32 -9.40
CA ILE D 260 -24.66 29.52 -8.83
C ILE D 260 -23.61 30.61 -8.67
N LEU D 261 -22.37 30.23 -8.34
CA LEU D 261 -21.29 31.21 -8.35
C LEU D 261 -21.03 31.73 -9.74
N SER D 262 -21.29 30.92 -10.76
CA SER D 262 -21.12 31.36 -12.13
C SER D 262 -22.34 32.08 -12.68
N TRP D 263 -23.41 32.21 -11.90
CA TRP D 263 -24.58 32.97 -12.31
C TRP D 263 -24.59 34.38 -11.75
N VAL D 264 -24.30 34.54 -10.46
CA VAL D 264 -24.18 35.87 -9.88
C VAL D 264 -22.94 36.59 -10.42
N SER D 265 -22.02 35.85 -11.04
CA SER D 265 -20.97 36.50 -11.82
C SER D 265 -21.56 37.35 -12.93
N PHE D 266 -22.72 36.95 -13.46
CA PHE D 266 -23.45 37.76 -14.43
C PHE D 266 -24.32 38.82 -13.78
N TRP D 267 -24.62 38.69 -12.48
CA TRP D 267 -25.23 39.77 -11.70
C TRP D 267 -24.21 40.84 -11.31
N ILE D 268 -23.04 40.83 -11.93
CA ILE D 268 -21.96 41.79 -11.70
C ILE D 268 -22.41 43.14 -12.21
N ASN D 269 -21.63 44.19 -11.94
CA ASN D 269 -21.91 45.54 -12.43
C ASN D 269 -22.19 45.54 -13.92
N MET D 270 -23.01 46.51 -14.37
CA MET D 270 -23.37 46.57 -15.78
C MET D 270 -22.14 46.74 -16.67
N ASP D 271 -21.28 47.69 -16.32
CA ASP D 271 -20.08 47.90 -17.12
C ASP D 271 -19.14 46.70 -17.00
N ALA D 272 -18.56 46.31 -18.12
CA ALA D 272 -17.64 45.19 -18.18
C ALA D 272 -16.33 45.62 -17.56
N ALA D 273 -16.02 45.07 -16.39
CA ALA D 273 -14.79 45.38 -15.68
C ALA D 273 -14.02 44.09 -15.41
N PRO D 274 -12.82 44.16 -14.81
CA PRO D 274 -12.09 42.92 -14.49
C PRO D 274 -12.76 42.05 -13.44
N ALA D 275 -13.90 42.48 -12.86
CA ALA D 275 -14.64 41.61 -11.96
C ALA D 275 -15.07 40.33 -12.64
N ARG D 276 -15.72 40.44 -13.81
CA ARG D 276 -16.07 39.25 -14.58
C ARG D 276 -14.82 38.53 -15.06
N VAL D 277 -13.70 39.25 -15.19
CA VAL D 277 -12.42 38.63 -15.49
C VAL D 277 -12.06 37.61 -14.42
N GLY D 278 -12.32 37.94 -13.15
CA GLY D 278 -12.03 37.02 -12.06
C GLY D 278 -13.06 35.92 -11.91
N LEU D 279 -14.33 36.29 -11.75
CA LEU D 279 -15.38 35.33 -11.47
C LEU D 279 -15.53 34.27 -12.56
N GLY D 280 -15.07 34.53 -13.78
CA GLY D 280 -15.18 33.55 -14.83
C GLY D 280 -14.14 32.44 -14.77
N ILE D 281 -12.87 32.80 -14.93
CA ILE D 281 -11.81 31.79 -14.96
C ILE D 281 -11.65 31.08 -13.62
N THR D 282 -11.95 31.76 -12.52
CA THR D 282 -11.81 31.13 -11.21
C THR D 282 -12.72 29.91 -11.09
N THR D 283 -14.00 30.08 -11.42
CA THR D 283 -14.95 28.98 -11.31
C THR D 283 -14.60 27.84 -12.26
N VAL D 284 -14.20 28.17 -13.49
CA VAL D 284 -13.86 27.12 -14.45
C VAL D 284 -12.69 26.28 -13.95
N LEU D 285 -11.73 26.93 -13.29
CA LEU D 285 -10.61 26.19 -12.73
C LEU D 285 -11.05 25.24 -11.63
N THR D 286 -12.10 25.61 -10.89
CA THR D 286 -12.64 24.70 -9.89
C THR D 286 -13.13 23.41 -10.54
N MET D 287 -14.00 23.54 -11.54
CA MET D 287 -14.54 22.37 -12.21
C MET D 287 -13.44 21.52 -12.84
N THR D 288 -12.38 22.16 -13.34
CA THR D 288 -11.25 21.40 -13.87
C THR D 288 -10.64 20.51 -12.80
N THR D 289 -10.46 21.03 -11.58
CA THR D 289 -9.94 20.24 -10.47
C THR D 289 -11.00 19.32 -9.89
N GLN D 290 -12.26 19.75 -9.88
CA GLN D 290 -13.35 18.87 -9.46
C GLN D 290 -13.35 17.58 -10.28
N SER D 291 -13.40 17.71 -11.60
CA SER D 291 -13.40 16.54 -12.48
C SER D 291 -12.13 15.71 -12.34
N SER D 292 -11.02 16.31 -11.90
CA SER D 292 -9.83 15.53 -11.61
C SER D 292 -10.11 14.52 -10.49
N GLY D 293 -10.49 15.02 -9.33
CA GLY D 293 -10.88 14.18 -8.22
C GLY D 293 -12.20 13.49 -8.38
N SER D 294 -12.91 13.74 -9.48
CA SER D 294 -14.15 13.04 -9.76
C SER D 294 -13.92 11.54 -9.85
N ARG D 295 -13.11 11.12 -10.81
CA ARG D 295 -12.76 9.72 -10.98
C ARG D 295 -11.47 9.37 -10.23
N ALA D 296 -11.44 9.72 -8.95
CA ALA D 296 -10.26 9.49 -8.14
C ALA D 296 -10.11 8.01 -7.81
N SER D 297 -11.16 7.40 -7.29
CA SER D 297 -11.10 6.00 -6.87
C SER D 297 -11.87 5.12 -7.85
N LEU D 298 -11.79 5.46 -9.12
CA LEU D 298 -12.59 4.79 -10.12
C LEU D 298 -11.72 4.09 -11.14
N PRO D 299 -12.08 2.87 -11.53
CA PRO D 299 -11.29 2.16 -12.54
C PRO D 299 -11.33 2.90 -13.87
N LYS D 300 -10.42 2.50 -14.76
CA LYS D 300 -10.26 3.19 -16.04
C LYS D 300 -11.17 2.54 -17.07
N VAL D 301 -12.46 2.77 -16.91
CA VAL D 301 -13.48 2.22 -17.79
C VAL D 301 -13.61 3.10 -19.02
N SER D 302 -13.69 2.47 -20.19
CA SER D 302 -13.70 3.22 -21.44
C SER D 302 -15.03 3.92 -21.65
N TYR D 303 -16.14 3.25 -21.35
CA TYR D 303 -17.44 3.87 -21.54
C TYR D 303 -17.62 5.03 -20.58
N VAL D 304 -18.66 5.83 -20.84
CA VAL D 304 -18.94 7.03 -20.08
C VAL D 304 -19.99 6.71 -19.04
N LYS D 305 -19.71 7.02 -17.79
CA LYS D 305 -20.62 6.77 -16.68
C LYS D 305 -21.54 7.98 -16.50
N ALA D 306 -22.23 8.05 -15.37
CA ALA D 306 -23.18 9.12 -15.15
C ALA D 306 -22.63 10.28 -14.34
N ILE D 307 -21.68 10.02 -13.44
CA ILE D 307 -21.14 11.10 -12.63
C ILE D 307 -20.36 12.11 -13.47
N ASP D 308 -19.82 11.69 -14.61
CA ASP D 308 -18.99 12.60 -15.38
C ASP D 308 -19.84 13.49 -16.29
N ILE D 309 -20.92 12.96 -16.85
CA ILE D 309 -21.76 13.79 -17.71
C ILE D 309 -22.43 14.87 -16.88
N TRP D 310 -22.71 14.60 -15.61
CA TRP D 310 -23.06 15.68 -14.70
C TRP D 310 -21.94 16.71 -14.66
N MET D 311 -20.73 16.28 -14.32
CA MET D 311 -19.63 17.21 -14.25
C MET D 311 -19.12 17.62 -15.63
N ALA D 312 -19.65 17.02 -16.69
CA ALA D 312 -19.40 17.56 -18.01
C ALA D 312 -20.32 18.73 -18.31
N VAL D 313 -21.63 18.56 -18.11
CA VAL D 313 -22.58 19.65 -18.30
C VAL D 313 -22.26 20.81 -17.38
N CYS D 314 -21.79 20.53 -16.16
CA CYS D 314 -21.33 21.61 -15.31
C CYS D 314 -20.14 22.35 -15.91
N LEU D 315 -19.33 21.69 -16.72
CA LEU D 315 -18.25 22.37 -17.41
C LEU D 315 -18.79 23.35 -18.43
N LEU D 316 -19.63 22.89 -19.34
CA LEU D 316 -20.02 23.75 -20.45
C LEU D 316 -20.90 24.91 -20.02
N PHE D 317 -21.52 24.87 -18.84
CA PHE D 317 -22.15 26.09 -18.35
C PHE D 317 -21.14 27.08 -17.81
N VAL D 318 -20.17 26.63 -17.01
CA VAL D 318 -19.18 27.56 -16.49
C VAL D 318 -18.29 28.10 -17.61
N PHE D 319 -18.05 27.31 -18.66
CA PHE D 319 -17.42 27.87 -19.85
C PHE D 319 -18.34 28.81 -20.62
N SER D 320 -19.64 28.72 -20.40
CA SER D 320 -20.54 29.68 -21.02
C SER D 320 -20.35 31.06 -20.41
N ALA D 321 -20.01 31.13 -19.13
CA ALA D 321 -19.78 32.41 -18.47
C ALA D 321 -18.62 33.15 -19.12
N LEU D 322 -17.44 32.54 -19.13
CA LEU D 322 -16.31 33.16 -19.81
C LEU D 322 -16.56 33.31 -21.30
N LEU D 323 -17.38 32.45 -21.89
CA LEU D 323 -17.73 32.63 -23.28
C LEU D 323 -18.74 33.76 -23.47
N GLU D 324 -19.63 33.97 -22.50
CA GLU D 324 -20.59 35.06 -22.62
C GLU D 324 -19.91 36.42 -22.51
N TYR D 325 -19.03 36.60 -21.53
CA TYR D 325 -18.32 37.87 -21.41
C TYR D 325 -17.46 38.15 -22.63
N ALA D 326 -17.04 37.10 -23.34
CA ALA D 326 -16.39 37.29 -24.63
C ALA D 326 -17.31 38.06 -25.59
N ALA D 327 -18.60 37.71 -25.58
CA ALA D 327 -19.57 38.46 -26.39
C ALA D 327 -19.72 39.89 -25.88
N VAL D 328 -19.84 40.07 -24.56
CA VAL D 328 -19.98 41.40 -24.00
C VAL D 328 -18.75 42.25 -24.30
N ASN D 329 -17.57 41.74 -23.95
CA ASN D 329 -16.35 42.52 -24.16
C ASN D 329 -16.07 42.72 -25.65
N PHE D 330 -16.60 41.84 -26.49
CA PHE D 330 -16.44 42.01 -27.94
C PHE D 330 -17.31 43.16 -28.43
N ILE D 331 -18.61 43.10 -28.14
CA ILE D 331 -19.53 44.13 -28.59
C ILE D 331 -19.23 45.47 -27.95
N ALA D 332 -18.65 45.46 -26.74
CA ALA D 332 -18.36 46.71 -26.04
C ALA D 332 -17.23 47.48 -26.73
N ARG D 333 -16.18 46.77 -27.14
CA ARG D 333 -15.06 47.42 -27.81
C ARG D 333 -15.41 47.89 -29.22
N GLN D 334 -16.54 47.44 -29.75
CA GLN D 334 -16.95 47.87 -31.09
C GLN D 334 -17.17 49.39 -31.14
N HIS D 335 -17.73 49.95 -30.07
CA HIS D 335 -17.97 51.39 -30.02
C HIS D 335 -16.84 52.09 -29.25
N VAL D 396 -20.51 59.44 -30.12
CA VAL D 396 -20.92 58.15 -30.67
C VAL D 396 -22.39 57.90 -30.39
N GLU D 397 -23.26 58.58 -31.13
CA GLU D 397 -24.69 58.42 -30.93
C GLU D 397 -25.18 57.05 -31.39
N GLU D 398 -25.01 56.76 -32.68
CA GLU D 398 -25.41 55.45 -33.19
C GLU D 398 -24.56 54.32 -32.62
N MET D 399 -23.35 54.62 -32.18
CA MET D 399 -22.47 53.58 -31.66
C MET D 399 -22.98 53.04 -30.32
N ARG D 400 -23.05 53.90 -29.31
CA ARG D 400 -23.54 53.49 -28.01
C ARG D 400 -25.02 53.11 -28.03
N LYS D 401 -25.79 53.68 -28.95
CA LYS D 401 -27.21 53.35 -29.05
C LYS D 401 -27.45 51.92 -29.48
N LEU D 402 -26.46 51.29 -30.13
CA LEU D 402 -26.61 49.90 -30.58
C LEU D 402 -25.81 48.92 -29.74
N PHE D 403 -24.75 49.37 -29.07
CA PHE D 403 -23.97 48.47 -28.22
C PHE D 403 -24.71 48.15 -26.93
N ILE D 404 -25.19 49.17 -26.23
CA ILE D 404 -25.95 48.93 -25.00
C ILE D 404 -27.27 48.23 -25.26
N SER D 405 -27.84 48.39 -26.45
CA SER D 405 -29.00 47.59 -26.82
C SER D 405 -28.66 46.10 -26.90
N ARG D 406 -27.39 45.78 -27.14
CA ARG D 406 -26.93 44.40 -27.06
C ARG D 406 -26.62 43.97 -25.64
N ALA D 407 -26.12 44.89 -24.81
CA ALA D 407 -25.85 44.55 -23.42
C ALA D 407 -27.14 44.40 -22.61
N LYS D 408 -28.26 44.88 -23.14
CA LYS D 408 -29.53 44.73 -22.44
C LYS D 408 -30.22 43.43 -22.79
N ARG D 409 -30.36 43.11 -24.07
CA ARG D 409 -30.95 41.83 -24.46
C ARG D 409 -30.10 40.67 -23.97
N ILE D 410 -28.79 40.89 -23.82
CA ILE D 410 -27.92 39.87 -23.24
C ILE D 410 -28.10 39.79 -21.73
N ASP D 411 -28.63 40.84 -21.11
CA ASP D 411 -28.84 40.84 -19.67
C ASP D 411 -30.12 40.10 -19.30
N THR D 412 -31.24 40.49 -19.91
CA THR D 412 -32.53 39.89 -19.59
C THR D 412 -32.60 38.42 -19.98
N VAL D 413 -31.69 37.95 -20.82
CA VAL D 413 -31.68 36.54 -21.20
C VAL D 413 -30.80 35.72 -20.27
N SER D 414 -29.58 36.16 -20.01
CA SER D 414 -28.67 35.38 -19.18
C SER D 414 -29.13 35.34 -17.73
N ARG D 415 -29.85 36.37 -17.28
CA ARG D 415 -30.39 36.38 -15.93
C ARG D 415 -31.49 35.35 -15.73
N VAL D 416 -32.03 34.78 -16.81
CA VAL D 416 -32.97 33.68 -16.68
C VAL D 416 -32.57 32.46 -17.48
N ALA D 417 -31.80 32.60 -18.56
CA ALA D 417 -31.44 31.47 -19.41
C ALA D 417 -30.61 30.42 -18.68
N PHE D 418 -29.61 30.82 -17.91
CA PHE D 418 -28.84 29.85 -17.14
C PHE D 418 -29.70 29.11 -16.14
N PRO D 419 -30.47 29.78 -15.28
CA PRO D 419 -31.44 29.05 -14.45
C PRO D 419 -32.51 28.34 -15.26
N LEU D 420 -32.74 28.74 -16.51
CA LEU D 420 -33.74 28.06 -17.32
C LEU D 420 -33.24 26.69 -17.78
N VAL D 421 -32.10 26.65 -18.48
CA VAL D 421 -31.61 25.39 -19.03
C VAL D 421 -31.01 24.51 -17.93
N PHE D 422 -30.37 25.13 -16.94
CA PHE D 422 -29.76 24.34 -15.87
C PHE D 422 -30.78 23.60 -15.03
N LEU D 423 -31.94 24.20 -14.77
CA LEU D 423 -32.95 23.52 -13.99
C LEU D 423 -33.67 22.47 -14.82
N ILE D 424 -33.96 22.79 -16.09
CA ILE D 424 -34.57 21.78 -16.95
C ILE D 424 -33.63 20.61 -17.16
N PHE D 425 -32.32 20.88 -17.20
CA PHE D 425 -31.36 19.79 -17.25
C PHE D 425 -31.41 18.94 -15.99
N ASN D 426 -31.50 19.58 -14.82
CA ASN D 426 -31.53 18.84 -13.57
C ASN D 426 -32.73 17.92 -13.50
N ILE D 427 -33.91 18.46 -13.82
CA ILE D 427 -35.13 17.65 -13.75
C ILE D 427 -35.07 16.48 -14.72
N PHE D 428 -34.41 16.65 -15.85
CA PHE D 428 -34.29 15.56 -16.81
C PHE D 428 -33.26 14.53 -16.34
N TYR D 429 -32.14 14.99 -15.79
CA TYR D 429 -31.09 14.10 -15.32
C TYR D 429 -31.60 13.15 -14.25
N TRP D 430 -32.26 13.68 -13.22
CA TRP D 430 -32.63 12.87 -12.09
C TRP D 430 -33.82 11.95 -12.36
N ILE D 431 -34.67 12.28 -13.32
CA ILE D 431 -35.74 11.37 -13.69
C ILE D 431 -35.20 10.22 -14.52
N THR D 432 -34.15 10.48 -15.29
CA THR D 432 -33.46 9.42 -16.02
C THR D 432 -32.88 8.37 -15.07
N TYR D 433 -32.53 8.76 -13.85
CA TYR D 433 -31.90 7.87 -12.90
C TYR D 433 -32.79 7.53 -11.71
N LYS D 434 -33.95 8.16 -11.60
CA LYS D 434 -34.95 7.75 -10.63
C LYS D 434 -35.89 6.70 -11.19
N ILE D 435 -35.66 6.22 -12.42
CA ILE D 435 -36.49 5.22 -13.04
C ILE D 435 -35.77 3.89 -13.22
N ILE D 436 -34.67 3.68 -12.51
CA ILE D 436 -33.89 2.46 -12.68
C ILE D 436 -33.52 1.86 -11.34
N PRO E 31 10.75 -37.10 42.27
CA PRO E 31 11.85 -37.91 41.76
C PRO E 31 11.97 -37.89 40.25
N MET E 32 11.14 -38.69 39.58
CA MET E 32 11.08 -38.76 38.12
C MET E 32 10.83 -37.38 37.53
N PRO E 33 11.40 -37.10 36.36
CA PRO E 33 11.18 -35.80 35.72
C PRO E 33 9.72 -35.61 35.36
N PRO E 34 9.15 -34.45 35.68
CA PRO E 34 7.70 -34.26 35.55
C PRO E 34 7.19 -34.36 34.13
N SER E 35 7.97 -33.93 33.14
CA SER E 35 7.59 -34.20 31.76
C SER E 35 7.50 -35.70 31.52
N GLU E 36 8.49 -36.45 32.01
CA GLU E 36 8.37 -37.90 32.07
C GLU E 36 7.19 -38.30 32.93
N PHE E 37 6.90 -37.53 33.98
CA PHE E 37 5.67 -37.72 34.72
C PHE E 37 4.46 -37.43 33.85
N LEU E 38 4.53 -36.42 32.99
CA LEU E 38 3.40 -36.10 32.14
C LEU E 38 3.27 -37.05 30.96
N ASP E 39 4.33 -37.79 30.63
CA ASP E 39 4.19 -38.88 29.66
C ASP E 39 3.14 -39.87 30.09
N LYS E 40 3.02 -40.13 31.39
CA LYS E 40 1.95 -40.95 31.92
C LYS E 40 0.80 -40.13 32.46
N LEU E 41 0.99 -38.81 32.62
CA LEU E 41 -0.12 -37.94 32.99
C LEU E 41 -1.21 -37.93 31.94
N MET E 42 -0.82 -37.70 30.68
CA MET E 42 -1.76 -37.63 29.58
C MET E 42 -1.49 -38.64 28.48
N GLY E 43 -0.38 -39.38 28.55
CA GLY E 43 -0.02 -40.31 27.50
C GLY E 43 -1.01 -41.44 27.33
N LYS E 44 -0.64 -42.40 26.47
CA LYS E 44 -1.51 -43.54 26.22
C LYS E 44 -1.78 -44.33 27.47
N VAL E 45 -0.87 -44.35 28.42
CA VAL E 45 -1.18 -44.81 29.76
C VAL E 45 -2.08 -43.78 30.42
N SER E 46 -3.13 -44.28 31.07
CA SER E 46 -4.22 -43.51 31.69
C SER E 46 -5.18 -42.94 30.66
N GLY E 47 -4.88 -43.03 29.37
CA GLY E 47 -5.85 -42.71 28.33
C GLY E 47 -6.40 -41.31 28.33
N TYR E 48 -5.53 -40.30 28.33
CA TYR E 48 -5.97 -38.92 28.11
C TYR E 48 -6.18 -38.73 26.62
N ASP E 49 -7.43 -38.82 26.20
CA ASP E 49 -7.79 -38.57 24.81
C ASP E 49 -8.07 -37.08 24.68
N ALA E 50 -7.20 -36.37 23.97
CA ALA E 50 -7.32 -34.93 23.81
C ALA E 50 -8.54 -34.54 23.00
N ARG E 51 -9.24 -35.50 22.39
CA ARG E 51 -10.38 -35.22 21.53
C ARG E 51 -11.71 -35.36 22.27
N ILE E 52 -11.72 -35.22 23.58
CA ILE E 52 -12.94 -35.37 24.37
C ILE E 52 -12.88 -34.38 25.52
N ARG E 53 -13.84 -33.46 25.55
CA ARG E 53 -13.83 -32.39 26.53
C ARG E 53 -13.96 -32.94 27.94
N PRO E 54 -13.52 -32.19 28.95
CA PRO E 54 -13.72 -32.62 30.33
C PRO E 54 -15.19 -32.67 30.68
N ASN E 55 -15.49 -33.40 31.74
CA ASN E 55 -16.87 -33.54 32.23
C ASN E 55 -17.79 -34.02 31.12
N PHE E 56 -17.33 -34.99 30.36
CA PHE E 56 -18.05 -35.45 29.19
C PHE E 56 -19.41 -36.03 29.60
N LYS E 57 -20.46 -35.61 28.92
CA LYS E 57 -21.84 -36.02 29.19
C LYS E 57 -22.37 -35.42 30.49
N GLY E 58 -21.67 -34.45 31.04
CA GLY E 58 -22.10 -33.80 32.24
C GLY E 58 -22.40 -32.34 31.99
N PRO E 59 -22.23 -31.51 33.02
CA PRO E 59 -22.40 -30.08 32.82
C PRO E 59 -21.39 -29.56 31.81
N PRO E 60 -21.64 -28.41 31.22
CA PRO E 60 -20.69 -27.86 30.26
C PRO E 60 -19.39 -27.47 30.96
N VAL E 61 -18.38 -27.15 30.14
CA VAL E 61 -17.08 -26.78 30.68
C VAL E 61 -17.03 -25.28 30.92
N ASN E 62 -16.98 -24.88 32.18
CA ASN E 62 -17.01 -23.49 32.58
C ASN E 62 -15.60 -22.90 32.42
N VAL E 63 -15.44 -22.02 31.44
CA VAL E 63 -14.13 -21.46 31.11
C VAL E 63 -14.14 -19.99 31.46
N THR E 64 -13.31 -19.61 32.43
CA THR E 64 -13.15 -18.22 32.81
C THR E 64 -12.02 -17.60 32.01
N CYS E 65 -12.24 -16.38 31.51
CA CYS E 65 -11.30 -15.73 30.62
C CYS E 65 -10.97 -14.34 31.14
N ASN E 66 -9.81 -13.84 30.74
CA ASN E 66 -9.43 -12.45 30.91
C ASN E 66 -8.35 -12.13 29.89
N ILE E 67 -8.12 -10.84 29.68
CA ILE E 67 -7.15 -10.41 28.67
C ILE E 67 -6.17 -9.42 29.28
N PHE E 68 -5.07 -9.22 28.58
CA PHE E 68 -4.04 -8.25 28.93
C PHE E 68 -3.59 -7.59 27.65
N ILE E 69 -3.61 -6.27 27.61
CA ILE E 69 -3.45 -5.51 26.38
C ILE E 69 -2.04 -4.93 26.34
N ASN E 70 -1.16 -5.48 25.51
CA ASN E 70 0.11 -4.82 25.24
C ASN E 70 -0.06 -3.69 24.26
N SER E 71 -0.43 -4.01 23.03
CA SER E 71 -0.53 -3.05 21.96
C SER E 71 -1.99 -2.73 21.69
N PHE E 72 -2.23 -1.53 21.21
CA PHE E 72 -3.58 -1.07 20.92
C PHE E 72 -3.43 0.20 20.09
N GLY E 73 -4.13 0.28 18.98
CA GLY E 73 -3.98 1.42 18.10
C GLY E 73 -4.12 0.98 16.66
N SER E 74 -3.66 1.85 15.77
CA SER E 74 -3.89 1.70 14.35
C SER E 74 -5.38 1.54 14.07
N ILE E 75 -6.16 2.45 14.63
CA ILE E 75 -7.60 2.42 14.49
C ILE E 75 -7.98 3.10 13.19
N ALA E 76 -7.97 2.33 12.09
CA ALA E 76 -8.21 2.88 10.77
C ALA E 76 -9.71 3.00 10.54
N GLU E 77 -10.17 4.21 10.27
CA GLU E 77 -11.57 4.45 9.97
C GLU E 77 -11.89 4.24 8.50
N THR E 78 -10.86 4.29 7.64
CA THR E 78 -11.04 3.85 6.26
C THR E 78 -11.50 2.40 6.21
N THR E 79 -11.05 1.59 7.16
CA THR E 79 -11.44 0.19 7.26
C THR E 79 -12.43 -0.07 8.38
N MET E 80 -12.46 0.80 9.40
CA MET E 80 -13.31 0.61 10.57
C MET E 80 -12.94 -0.68 11.31
N ASP E 81 -11.67 -0.74 11.68
CA ASP E 81 -11.15 -1.86 12.47
C ASP E 81 -10.02 -1.33 13.33
N TYR E 82 -9.29 -2.25 13.97
CA TYR E 82 -8.17 -1.84 14.79
C TYR E 82 -7.39 -3.06 15.22
N ARG E 83 -6.10 -2.86 15.48
CA ARG E 83 -5.21 -3.94 15.85
C ARG E 83 -4.90 -3.89 17.33
N VAL E 84 -4.91 -5.05 17.96
CA VAL E 84 -4.63 -5.19 19.38
C VAL E 84 -3.68 -6.37 19.56
N ASN E 85 -2.89 -6.34 20.61
CA ASN E 85 -1.94 -7.39 20.92
C ASN E 85 -2.16 -7.81 22.37
N ILE E 86 -2.91 -8.89 22.57
CA ILE E 86 -3.41 -9.25 23.88
C ILE E 86 -2.73 -10.52 24.36
N PHE E 87 -2.87 -10.78 25.65
CA PHE E 87 -2.50 -12.05 26.27
C PHE E 87 -3.78 -12.71 26.74
N LEU E 88 -4.36 -13.57 25.92
CA LEU E 88 -5.58 -14.25 26.29
C LEU E 88 -5.28 -15.33 27.32
N ARG E 89 -5.81 -15.18 28.53
CA ARG E 89 -5.68 -16.19 29.57
C ARG E 89 -7.01 -16.93 29.65
N GLN E 90 -6.95 -18.26 29.68
CA GLN E 90 -8.11 -19.10 29.88
C GLN E 90 -7.91 -19.98 31.10
N GLN E 91 -9.01 -20.39 31.71
CA GLN E 91 -8.95 -21.31 32.85
C GLN E 91 -10.17 -22.22 32.82
N TRP E 92 -9.94 -23.52 32.78
CA TRP E 92 -10.98 -24.51 32.90
C TRP E 92 -10.47 -25.63 33.78
N ASN E 93 -11.38 -26.49 34.23
CA ASN E 93 -11.01 -27.56 35.14
C ASN E 93 -11.18 -28.89 34.44
N ASP E 94 -10.08 -29.64 34.33
CA ASP E 94 -10.11 -30.95 33.68
C ASP E 94 -9.74 -32.01 34.71
N PRO E 95 -10.71 -32.81 35.20
CA PRO E 95 -10.38 -33.82 36.21
C PRO E 95 -9.35 -34.83 35.76
N ARG E 96 -9.24 -35.09 34.47
CA ARG E 96 -8.26 -36.03 33.96
C ARG E 96 -6.84 -35.55 34.20
N LEU E 97 -6.64 -34.26 34.45
CA LEU E 97 -5.33 -33.68 34.69
C LEU E 97 -5.01 -33.53 36.16
N ALA E 98 -5.63 -34.33 37.03
CA ALA E 98 -5.47 -34.15 38.47
C ALA E 98 -4.31 -35.01 38.95
N TYR E 99 -3.12 -34.42 38.99
CA TYR E 99 -1.99 -35.11 39.58
C TYR E 99 -2.10 -35.06 41.10
N SER E 100 -1.69 -36.14 41.75
CA SER E 100 -1.76 -36.23 43.20
C SER E 100 -0.42 -36.48 43.86
N GLU E 101 0.44 -37.27 43.24
CA GLU E 101 1.72 -37.62 43.86
C GLU E 101 2.59 -36.40 44.09
N TYR E 102 2.50 -35.42 43.23
CA TYR E 102 3.51 -34.38 43.18
C TYR E 102 3.33 -33.40 44.33
N PRO E 103 4.41 -32.83 44.87
CA PRO E 103 4.29 -32.07 46.13
C PRO E 103 3.98 -30.59 45.99
N ASP E 104 3.73 -30.08 44.79
CA ASP E 104 3.54 -28.65 44.62
C ASP E 104 2.19 -28.35 44.00
N ASP E 105 1.96 -27.07 43.73
CA ASP E 105 0.68 -26.59 43.22
C ASP E 105 0.65 -26.48 41.70
N SER E 106 1.74 -26.04 41.08
CA SER E 106 1.77 -25.75 39.65
C SER E 106 2.83 -26.58 38.96
N LEU E 107 2.49 -27.09 37.79
CA LEU E 107 3.43 -27.83 36.92
C LEU E 107 3.37 -27.21 35.54
N ASP E 108 4.16 -26.15 35.32
CA ASP E 108 4.26 -25.57 34.00
C ASP E 108 4.85 -26.60 33.03
N LEU E 109 4.78 -26.28 31.74
CA LEU E 109 5.28 -27.16 30.69
C LEU E 109 5.37 -26.37 29.41
N ASP E 110 6.45 -26.55 28.66
CA ASP E 110 6.63 -25.74 27.47
C ASP E 110 5.54 -26.07 26.44
N PRO E 111 5.22 -25.12 25.57
CA PRO E 111 4.15 -25.36 24.58
C PRO E 111 4.43 -26.49 23.60
N SER E 112 5.60 -27.13 23.64
CA SER E 112 5.89 -28.23 22.73
C SER E 112 4.84 -29.33 22.86
N MET E 113 4.36 -29.59 24.07
CA MET E 113 3.27 -30.52 24.29
C MET E 113 1.97 -29.82 24.61
N LEU E 114 1.85 -28.54 24.26
CA LEU E 114 0.58 -27.85 24.42
C LEU E 114 -0.47 -28.34 23.44
N ASP E 115 -0.06 -29.01 22.37
CA ASP E 115 -1.01 -29.67 21.49
C ASP E 115 -1.45 -31.02 22.02
N SER E 116 -1.03 -31.38 23.23
CA SER E 116 -1.29 -32.69 23.77
C SER E 116 -2.53 -32.74 24.64
N ILE E 117 -2.95 -31.61 25.20
CA ILE E 117 -4.08 -31.56 26.11
C ILE E 117 -5.29 -31.01 25.37
N TRP E 118 -6.45 -31.11 26.00
CA TRP E 118 -7.64 -30.51 25.44
C TRP E 118 -7.58 -29.00 25.59
N LYS E 119 -8.04 -28.29 24.56
CA LYS E 119 -8.04 -26.83 24.58
C LYS E 119 -9.33 -26.34 23.97
N PRO E 120 -10.00 -25.39 24.60
CA PRO E 120 -11.26 -24.88 24.04
C PRO E 120 -11.02 -24.10 22.77
N ASP E 121 -12.00 -24.18 21.86
CA ASP E 121 -11.88 -23.58 20.54
C ASP E 121 -12.44 -22.15 20.53
N LEU E 122 -11.92 -21.34 21.43
CA LEU E 122 -12.31 -19.94 21.48
C LEU E 122 -11.83 -19.22 20.23
N PHE E 123 -12.75 -18.67 19.46
CA PHE E 123 -12.41 -17.82 18.33
C PHE E 123 -12.95 -16.44 18.61
N PHE E 124 -12.61 -15.49 17.76
CA PHE E 124 -13.06 -14.11 17.90
C PHE E 124 -14.07 -13.82 16.81
N ALA E 125 -15.30 -13.53 17.21
CA ALA E 125 -16.41 -13.44 16.27
C ALA E 125 -16.24 -12.33 15.25
N ASN E 126 -15.31 -11.40 15.47
CA ASN E 126 -15.01 -10.33 14.54
C ASN E 126 -13.51 -10.22 14.31
N GLU E 127 -12.87 -11.35 14.00
CA GLU E 127 -11.42 -11.38 13.77
C GLU E 127 -10.97 -10.41 12.71
N LYS E 128 -11.40 -10.62 11.46
CA LYS E 128 -10.89 -9.86 10.32
C LYS E 128 -9.37 -9.93 10.26
N GLY E 129 -8.85 -11.10 10.58
CA GLY E 129 -7.41 -11.29 10.59
C GLY E 129 -6.82 -11.36 11.98
N ALA E 130 -6.01 -12.40 12.22
CA ALA E 130 -5.37 -12.59 13.50
C ALA E 130 -4.25 -13.61 13.33
N ASN E 131 -3.26 -13.59 14.20
CA ASN E 131 -2.15 -14.54 14.06
C ASN E 131 -1.49 -14.77 15.40
N PHE E 132 -0.81 -15.90 15.50
CA PHE E 132 0.00 -16.20 16.66
C PHE E 132 1.36 -15.53 16.51
N HIS E 133 2.14 -15.51 17.58
CA HIS E 133 3.50 -14.96 17.55
C HIS E 133 4.46 -16.11 17.82
N GLU E 134 5.31 -16.40 16.84
CA GLU E 134 6.21 -17.55 16.89
C GLU E 134 7.67 -17.15 16.78
N VAL E 135 8.09 -16.12 17.51
CA VAL E 135 9.46 -15.62 17.41
C VAL E 135 10.30 -16.24 18.51
N THR E 136 11.15 -17.20 18.14
CA THR E 136 12.09 -17.89 19.01
C THR E 136 11.38 -18.93 19.86
N THR E 137 10.06 -18.89 19.90
CA THR E 137 9.24 -19.92 20.53
C THR E 137 7.78 -19.55 20.30
N ASP E 138 6.89 -20.52 20.27
CA ASP E 138 5.48 -20.19 20.34
C ASP E 138 5.21 -19.45 21.64
N ASN E 139 4.71 -18.22 21.54
CA ASN E 139 4.47 -17.41 22.73
C ASN E 139 3.24 -17.97 23.44
N LYS E 140 3.47 -18.99 24.27
CA LYS E 140 2.38 -19.72 24.90
C LYS E 140 2.76 -20.01 26.35
N LEU E 141 1.75 -20.24 27.18
CA LEU E 141 1.93 -20.50 28.59
C LEU E 141 0.99 -21.61 29.03
N LEU E 142 1.46 -22.50 29.88
CA LEU E 142 0.67 -23.66 30.27
C LEU E 142 1.10 -24.14 31.64
N ARG E 143 0.27 -23.89 32.65
CA ARG E 143 0.51 -24.44 33.98
C ARG E 143 -0.75 -25.14 34.44
N ILE E 144 -0.59 -26.12 35.33
CA ILE E 144 -1.67 -27.00 35.74
C ILE E 144 -1.62 -27.15 37.26
N SER E 145 -2.71 -26.78 37.91
CA SER E 145 -2.82 -26.94 39.36
C SER E 145 -3.10 -28.39 39.71
N LYS E 146 -3.01 -28.69 41.01
CA LYS E 146 -3.23 -30.05 41.49
C LYS E 146 -4.63 -30.55 41.17
N ASN E 147 -5.64 -29.70 41.34
CA ASN E 147 -7.02 -30.10 41.16
C ASN E 147 -7.48 -30.04 39.71
N GLY E 148 -6.55 -29.91 38.76
CA GLY E 148 -6.89 -29.92 37.36
C GLY E 148 -7.09 -28.56 36.72
N ASN E 149 -6.92 -27.48 37.47
CA ASN E 149 -7.07 -26.15 36.91
C ASN E 149 -6.03 -25.93 35.81
N VAL E 150 -6.48 -25.54 34.63
CA VAL E 150 -5.57 -25.31 33.51
C VAL E 150 -5.55 -23.82 33.18
N LEU E 151 -4.44 -23.16 33.50
CA LEU E 151 -4.17 -21.82 33.00
C LEU E 151 -3.51 -21.94 31.63
N TYR E 152 -4.13 -21.31 30.64
CA TYR E 152 -3.66 -21.36 29.25
C TYR E 152 -3.65 -19.95 28.71
N SER E 153 -2.48 -19.47 28.32
CA SER E 153 -2.29 -18.08 27.93
C SER E 153 -1.47 -18.04 26.66
N ILE E 154 -1.90 -17.24 25.70
CA ILE E 154 -1.20 -17.11 24.42
C ILE E 154 -1.28 -15.66 23.93
N ARG E 155 -0.18 -15.21 23.35
CA ARG E 155 -0.11 -13.89 22.76
C ARG E 155 -0.79 -13.91 21.40
N ILE E 156 -1.68 -12.94 21.16
CA ILE E 156 -2.43 -12.87 19.92
C ILE E 156 -2.39 -11.45 19.40
N THR E 157 -2.34 -11.31 18.07
CA THR E 157 -2.46 -10.02 17.42
C THR E 157 -3.71 -10.03 16.55
N LEU E 158 -4.72 -9.29 16.97
CA LEU E 158 -6.01 -9.26 16.32
C LEU E 158 -6.16 -7.98 15.52
N VAL E 159 -6.94 -8.06 14.44
CA VAL E 159 -7.33 -6.86 13.72
C VAL E 159 -8.85 -6.80 13.70
N LEU E 160 -9.44 -6.29 14.77
CA LEU E 160 -10.84 -6.48 15.04
C LEU E 160 -11.69 -5.43 14.34
N ALA E 161 -12.88 -5.84 13.92
CA ALA E 161 -13.79 -4.97 13.19
C ALA E 161 -14.76 -4.31 14.17
N CYS E 162 -14.81 -2.99 14.15
CA CYS E 162 -15.78 -2.25 14.92
C CYS E 162 -16.35 -1.18 14.01
N PRO E 163 -17.66 -1.22 13.74
CA PRO E 163 -18.26 -0.17 12.92
C PRO E 163 -18.25 1.15 13.65
N MET E 164 -17.84 2.19 12.93
CA MET E 164 -17.60 3.50 13.51
C MET E 164 -18.86 4.32 13.34
N ASP E 165 -19.31 4.97 14.40
CA ASP E 165 -20.43 5.91 14.31
C ASP E 165 -19.84 7.31 14.22
N LEU E 166 -20.10 8.01 13.12
CA LEU E 166 -19.47 9.28 12.82
C LEU E 166 -20.48 10.40 12.64
N LYS E 167 -21.54 10.42 13.44
CA LYS E 167 -22.47 11.54 13.40
C LYS E 167 -21.74 12.84 13.77
N ASN E 168 -21.13 12.84 14.93
CA ASN E 168 -20.33 13.97 15.41
C ASN E 168 -18.87 13.55 15.40
N PHE E 169 -18.21 13.77 14.26
CA PHE E 169 -16.94 13.11 13.97
C PHE E 169 -15.81 13.51 14.90
N PRO E 170 -15.33 14.75 14.91
CA PRO E 170 -14.16 15.06 15.75
C PRO E 170 -14.45 14.97 17.23
N MET E 171 -15.70 14.89 17.65
CA MET E 171 -16.06 14.76 19.06
C MET E 171 -16.88 13.52 19.30
N ASP E 172 -16.50 12.41 18.66
CA ASP E 172 -17.24 11.16 18.78
C ASP E 172 -16.64 10.30 19.87
N VAL E 173 -17.44 9.41 20.42
CA VAL E 173 -17.00 8.41 21.37
C VAL E 173 -17.27 7.06 20.74
N GLN E 174 -16.28 6.53 20.05
CA GLN E 174 -16.42 5.22 19.44
C GLN E 174 -16.37 4.13 20.50
N THR E 175 -17.20 3.09 20.30
CA THR E 175 -17.24 1.95 21.21
C THR E 175 -16.97 0.70 20.39
N CYS E 176 -15.69 0.38 20.22
CA CYS E 176 -15.27 -0.84 19.55
C CYS E 176 -15.33 -1.99 20.54
N ILE E 177 -15.56 -3.20 20.03
CA ILE E 177 -15.79 -4.36 20.87
C ILE E 177 -14.90 -5.50 20.39
N MET E 178 -14.73 -6.47 21.27
CA MET E 178 -14.15 -7.76 20.88
C MET E 178 -14.92 -8.82 21.63
N GLN E 179 -15.41 -9.82 20.91
CA GLN E 179 -16.29 -10.81 21.50
C GLN E 179 -15.76 -12.21 21.23
N LEU E 180 -15.79 -13.03 22.27
CA LEU E 180 -15.15 -14.34 22.30
C LEU E 180 -16.22 -15.42 22.25
N GLU E 181 -16.38 -16.07 21.11
CA GLU E 181 -17.36 -17.14 20.95
C GLU E 181 -16.69 -18.49 20.89
N SER E 182 -17.50 -19.53 21.03
CA SER E 182 -17.09 -20.90 20.75
C SER E 182 -17.71 -21.33 19.43
N PHE E 183 -16.90 -21.92 18.56
CA PHE E 183 -17.32 -22.21 17.20
C PHE E 183 -17.97 -23.57 17.07
N GLY E 184 -17.41 -24.58 17.73
CA GLY E 184 -17.90 -25.94 17.56
C GLY E 184 -18.85 -26.40 18.64
N TYR E 185 -18.49 -26.21 19.91
CA TYR E 185 -19.26 -26.75 21.00
C TYR E 185 -20.46 -25.87 21.29
N THR E 186 -21.60 -26.49 21.60
CA THR E 186 -22.83 -25.74 21.82
C THR E 186 -22.87 -25.24 23.27
N MET E 187 -23.87 -24.43 23.58
CA MET E 187 -23.98 -23.85 24.92
C MET E 187 -24.21 -24.90 25.99
N ASN E 188 -24.68 -26.08 25.63
CA ASN E 188 -24.89 -27.13 26.63
C ASN E 188 -23.65 -27.98 26.86
N ASP E 189 -22.54 -27.71 26.17
CA ASP E 189 -21.30 -28.42 26.39
C ASP E 189 -20.11 -27.53 26.71
N LEU E 190 -20.20 -26.22 26.50
CA LEU E 190 -19.07 -25.33 26.77
C LEU E 190 -19.60 -23.91 26.95
N ILE E 191 -19.25 -23.29 28.06
CA ILE E 191 -19.71 -21.96 28.41
C ILE E 191 -18.52 -21.10 28.80
N PHE E 192 -18.43 -19.90 28.24
CA PHE E 192 -17.41 -18.94 28.61
C PHE E 192 -17.90 -18.01 29.69
N GLU E 193 -16.95 -17.45 30.44
CA GLU E 193 -17.24 -16.48 31.49
C GLU E 193 -16.03 -15.59 31.68
N TRP E 194 -16.27 -14.37 32.12
CA TRP E 194 -15.18 -13.52 32.60
C TRP E 194 -14.95 -13.79 34.08
N ASP E 195 -13.70 -13.69 34.50
CA ASP E 195 -13.39 -13.77 35.92
C ASP E 195 -13.61 -12.43 36.58
N GLU E 196 -13.91 -12.45 37.87
CA GLU E 196 -14.28 -11.23 38.56
C GLU E 196 -13.06 -10.38 38.89
N LYS E 197 -11.92 -11.01 39.20
CA LYS E 197 -10.74 -10.30 39.68
C LYS E 197 -10.02 -9.69 38.49
N GLY E 198 -10.54 -8.57 38.01
CA GLY E 198 -9.89 -7.83 36.94
C GLY E 198 -9.86 -8.58 35.63
N ALA E 199 -11.01 -8.73 34.99
CA ALA E 199 -11.10 -9.47 33.74
C ALA E 199 -10.33 -8.82 32.60
N VAL E 200 -9.99 -7.54 32.68
CA VAL E 200 -9.30 -6.86 31.59
C VAL E 200 -8.24 -5.94 32.18
N GLN E 201 -6.97 -6.34 32.11
CA GLN E 201 -5.87 -5.48 32.50
C GLN E 201 -5.32 -4.77 31.28
N VAL E 202 -4.75 -3.59 31.48
CA VAL E 202 -4.12 -2.84 30.42
C VAL E 202 -2.67 -2.58 30.82
N ALA E 203 -1.79 -2.49 29.83
CA ALA E 203 -0.38 -2.23 30.11
C ALA E 203 -0.22 -0.92 30.86
N ASP E 204 0.91 -0.80 31.55
CA ASP E 204 1.09 0.29 32.50
C ASP E 204 1.10 1.65 31.79
N GLY E 205 1.88 1.78 30.73
CA GLY E 205 1.97 3.04 30.04
C GLY E 205 1.30 3.05 28.68
N LEU E 206 0.34 2.15 28.48
CA LEU E 206 -0.32 2.02 27.19
C LEU E 206 -1.11 3.29 26.89
N THR E 207 -0.77 3.96 25.79
CA THR E 207 -1.51 5.13 25.34
C THR E 207 -1.77 5.01 23.84
N LEU E 208 -2.46 6.00 23.31
CA LEU E 208 -2.77 6.01 21.89
C LEU E 208 -2.36 7.33 21.29
N PRO E 209 -2.24 7.41 19.97
CA PRO E 209 -1.91 8.70 19.34
C PRO E 209 -3.11 9.60 19.19
N GLN E 210 -4.33 9.08 19.29
CA GLN E 210 -5.52 9.86 18.95
C GLN E 210 -6.67 9.69 19.93
N PHE E 211 -6.65 8.71 20.82
CA PHE E 211 -7.80 8.38 21.66
C PHE E 211 -7.37 8.33 23.10
N ILE E 212 -8.35 8.11 23.99
CA ILE E 212 -8.11 7.83 25.39
C ILE E 212 -8.90 6.60 25.74
N LEU E 213 -8.22 5.50 26.05
CA LEU E 213 -8.88 4.27 26.45
C LEU E 213 -9.47 4.48 27.83
N LYS E 214 -10.76 4.77 27.89
CA LYS E 214 -11.39 5.08 29.18
C LYS E 214 -11.35 3.86 30.08
N GLU E 215 -11.12 4.09 31.37
CA GLU E 215 -10.88 3.00 32.30
C GLU E 215 -12.09 2.09 32.44
N GLU E 216 -13.30 2.66 32.40
CA GLU E 216 -14.50 1.84 32.48
C GLU E 216 -14.59 0.93 31.27
N LYS E 217 -14.71 -0.37 31.52
CA LYS E 217 -14.73 -1.37 30.45
C LYS E 217 -15.89 -2.32 30.73
N ASP E 218 -16.82 -2.41 29.79
CA ASP E 218 -18.03 -3.17 30.02
C ASP E 218 -17.81 -4.65 29.74
N LEU E 219 -18.61 -5.48 30.41
CA LEU E 219 -18.48 -6.92 30.27
C LEU E 219 -19.88 -7.50 30.28
N ARG E 220 -20.33 -8.00 29.13
CA ARG E 220 -21.67 -8.53 29.02
C ARG E 220 -21.67 -9.66 28.00
N TYR E 221 -22.68 -10.53 28.10
CA TYR E 221 -22.77 -11.72 27.27
C TYR E 221 -23.29 -11.35 25.89
N CYS E 222 -22.94 -12.15 24.88
CA CYS E 222 -23.56 -12.01 23.57
C CYS E 222 -23.96 -13.36 23.01
N THR E 223 -24.61 -14.18 23.84
CA THR E 223 -25.01 -15.54 23.49
C THR E 223 -25.71 -15.61 22.15
N LYS E 224 -25.18 -16.42 21.26
CA LYS E 224 -25.61 -16.46 19.88
C LYS E 224 -26.60 -17.58 19.65
N HIS E 225 -27.23 -17.53 18.47
CA HIS E 225 -28.17 -18.55 18.03
C HIS E 225 -28.02 -18.69 16.53
N TYR E 226 -28.03 -19.93 16.04
CA TYR E 226 -28.00 -20.19 14.61
C TYR E 226 -28.98 -21.31 14.32
N ASN E 227 -28.96 -21.77 13.08
CA ASN E 227 -29.71 -22.98 12.73
C ASN E 227 -28.96 -24.25 13.11
N THR E 228 -27.83 -24.12 13.81
CA THR E 228 -27.08 -25.25 14.34
C THR E 228 -27.20 -25.40 15.85
N GLY E 229 -27.51 -24.32 16.56
CA GLY E 229 -27.66 -24.36 17.99
C GLY E 229 -27.37 -22.99 18.58
N LYS E 230 -27.04 -22.99 19.87
CA LYS E 230 -26.66 -21.77 20.56
C LYS E 230 -25.28 -21.94 21.16
N PHE E 231 -24.47 -20.90 21.04
CA PHE E 231 -23.06 -20.97 21.39
C PHE E 231 -22.74 -19.91 22.42
N THR E 232 -21.63 -20.10 23.11
CA THR E 232 -21.27 -19.20 24.19
C THR E 232 -20.57 -17.96 23.65
N CYS E 233 -20.81 -16.83 24.29
CA CYS E 233 -20.14 -15.58 23.96
C CYS E 233 -19.96 -14.71 25.18
N ILE E 234 -18.91 -13.91 25.15
CA ILE E 234 -18.66 -12.84 26.10
C ILE E 234 -17.93 -11.76 25.34
N GLU E 235 -18.19 -10.51 25.70
CA GLU E 235 -17.57 -9.42 24.95
C GLU E 235 -17.31 -8.25 25.87
N ALA E 236 -16.15 -7.65 25.69
CA ALA E 236 -15.73 -6.47 26.45
C ALA E 236 -15.77 -5.26 25.54
N ARG E 237 -16.52 -4.26 25.95
CA ARG E 237 -16.73 -3.03 25.18
C ARG E 237 -15.72 -1.99 25.62
N PHE E 238 -14.84 -1.59 24.72
CA PHE E 238 -13.82 -0.58 25.00
C PHE E 238 -14.38 0.77 24.56
N HIS E 239 -14.48 1.70 25.50
CA HIS E 239 -14.87 3.05 25.13
C HIS E 239 -13.66 3.83 24.66
N LEU E 240 -13.88 4.67 23.65
CA LEU E 240 -12.78 5.43 23.07
C LEU E 240 -13.26 6.86 22.84
N GLU E 241 -12.45 7.82 23.27
CA GLU E 241 -12.75 9.23 23.07
C GLU E 241 -11.58 9.90 22.38
N ARG E 242 -11.87 10.81 21.46
CA ARG E 242 -10.81 11.34 20.62
C ARG E 242 -10.02 12.44 21.30
N GLN E 243 -8.74 12.49 20.96
CA GLN E 243 -7.91 13.66 21.22
C GLN E 243 -8.27 14.70 20.18
N MET E 244 -9.05 15.70 20.61
CA MET E 244 -9.49 16.75 19.69
C MET E 244 -8.38 17.72 19.34
N GLY E 245 -7.21 17.59 19.96
CA GLY E 245 -6.14 18.55 19.75
C GLY E 245 -5.68 18.63 18.32
N TYR E 246 -5.51 17.47 17.67
CA TYR E 246 -5.04 17.46 16.29
C TYR E 246 -6.02 18.18 15.38
N TYR E 247 -7.25 17.69 15.28
CA TYR E 247 -8.24 18.27 14.39
C TYR E 247 -8.51 19.73 14.72
N LEU E 248 -8.30 20.13 15.98
CA LEU E 248 -8.40 21.54 16.34
C LEU E 248 -7.37 22.38 15.59
N ILE E 249 -6.28 21.77 15.16
CA ILE E 249 -5.23 22.52 14.50
C ILE E 249 -5.30 22.40 12.98
N GLN E 250 -5.31 21.18 12.43
CA GLN E 250 -5.23 21.08 10.97
C GLN E 250 -6.49 21.57 10.29
N MET E 251 -7.65 21.46 10.94
CA MET E 251 -8.90 21.73 10.28
C MET E 251 -9.60 23.00 10.74
N TYR E 252 -9.73 23.21 12.05
CA TYR E 252 -10.55 24.31 12.53
C TYR E 252 -9.90 25.67 12.36
N ILE E 253 -8.61 25.79 12.71
CA ILE E 253 -7.90 27.06 12.57
C ILE E 253 -7.87 27.50 11.11
N PRO E 254 -7.44 26.66 10.17
CA PRO E 254 -7.56 27.02 8.76
C PRO E 254 -8.99 27.34 8.35
N SER E 255 -9.98 26.69 8.96
CA SER E 255 -11.35 27.11 8.74
C SER E 255 -11.61 28.47 9.34
N LEU E 256 -10.89 28.84 10.40
CA LEU E 256 -11.14 30.08 11.11
C LEU E 256 -10.36 31.27 10.55
N LEU E 257 -9.18 31.03 9.96
CA LEU E 257 -8.44 32.13 9.37
C LEU E 257 -9.15 32.64 8.12
N ILE E 258 -9.74 31.75 7.33
CA ILE E 258 -10.40 32.18 6.10
C ILE E 258 -11.57 33.10 6.42
N VAL E 259 -12.22 32.90 7.56
CA VAL E 259 -13.34 33.76 7.94
C VAL E 259 -12.85 35.16 8.27
N ILE E 260 -11.82 35.25 9.13
CA ILE E 260 -11.30 36.56 9.50
C ILE E 260 -10.62 37.21 8.29
N LEU E 261 -9.98 36.41 7.43
CA LEU E 261 -9.48 36.96 6.18
C LEU E 261 -10.61 37.43 5.29
N SER E 262 -11.78 36.80 5.41
CA SER E 262 -12.93 37.21 4.64
C SER E 262 -13.71 38.34 5.29
N TRP E 263 -13.30 38.79 6.47
CA TRP E 263 -13.95 39.93 7.13
C TRP E 263 -13.20 41.24 6.91
N VAL E 264 -11.87 41.21 7.05
CA VAL E 264 -11.08 42.40 6.76
C VAL E 264 -11.05 42.67 5.25
N SER E 265 -11.46 41.69 4.44
CA SER E 265 -11.75 41.97 3.04
C SER E 265 -12.84 43.03 2.91
N PHE E 266 -13.77 43.08 3.86
CA PHE E 266 -14.77 44.13 3.91
C PHE E 266 -14.26 45.40 4.59
N TRP E 267 -13.16 45.32 5.34
CA TRP E 267 -12.46 46.50 5.83
C TRP E 267 -11.59 47.13 4.75
N ILE E 268 -11.79 46.75 3.49
CA ILE E 268 -11.07 47.27 2.33
C ILE E 268 -11.48 48.72 2.13
N ASN E 269 -10.80 49.41 1.22
CA ASN E 269 -11.13 50.80 0.87
C ASN E 269 -12.62 50.97 0.59
N MET E 270 -13.13 52.17 0.85
CA MET E 270 -14.56 52.44 0.66
C MET E 270 -14.96 52.20 -0.80
N ASP E 271 -14.20 52.77 -1.73
CA ASP E 271 -14.53 52.59 -3.14
C ASP E 271 -14.31 51.14 -3.56
N ALA E 272 -15.25 50.63 -4.35
CA ALA E 272 -15.18 49.27 -4.84
C ALA E 272 -14.11 49.19 -5.91
N ALA E 273 -13.01 48.51 -5.59
CA ALA E 273 -11.90 48.34 -6.52
C ALA E 273 -11.62 46.86 -6.71
N PRO E 274 -10.68 46.48 -7.57
CA PRO E 274 -10.34 45.05 -7.72
C PRO E 274 -9.71 44.42 -6.48
N ALA E 275 -9.48 45.18 -5.41
CA ALA E 275 -9.00 44.58 -4.17
C ALA E 275 -10.00 43.56 -3.64
N ARG E 276 -11.27 43.95 -3.51
CA ARG E 276 -12.30 42.99 -3.13
C ARG E 276 -12.47 41.90 -4.18
N VAL E 277 -12.10 42.21 -5.42
CA VAL E 277 -12.08 41.19 -6.47
C VAL E 277 -11.14 40.06 -6.09
N GLY E 278 -9.99 40.39 -5.52
CA GLY E 278 -9.03 39.39 -5.10
C GLY E 278 -9.39 38.71 -3.80
N LEU E 279 -9.59 39.48 -2.73
CA LEU E 279 -9.83 38.93 -1.41
C LEU E 279 -11.06 38.04 -1.33
N GLY E 280 -12.00 38.18 -2.26
CA GLY E 280 -13.19 37.34 -2.24
C GLY E 280 -12.97 35.95 -2.79
N ILE E 281 -12.67 35.85 -4.09
CA ILE E 281 -12.53 34.54 -4.72
C ILE E 281 -11.34 33.77 -4.17
N THR E 282 -10.29 34.45 -3.72
CA THR E 282 -9.12 33.75 -3.18
C THR E 282 -9.51 32.92 -1.96
N THR E 283 -10.20 33.54 -1.00
CA THR E 283 -10.58 32.82 0.21
C THR E 283 -11.54 31.68 -0.08
N VAL E 284 -12.51 31.90 -0.97
CA VAL E 284 -13.47 30.86 -1.30
C VAL E 284 -12.76 29.64 -1.90
N LEU E 285 -11.73 29.89 -2.70
CA LEU E 285 -10.98 28.77 -3.27
C LEU E 285 -10.24 27.99 -2.19
N THR E 286 -9.83 28.66 -1.12
CA THR E 286 -9.22 27.95 0.00
C THR E 286 -10.19 26.94 0.59
N MET E 287 -11.39 27.41 0.96
CA MET E 287 -12.39 26.53 1.55
C MET E 287 -12.76 25.39 0.63
N THR E 288 -12.77 25.64 -0.69
CA THR E 288 -13.02 24.56 -1.64
C THR E 288 -11.99 23.46 -1.53
N THR E 289 -10.71 23.83 -1.41
CA THR E 289 -9.63 22.86 -1.23
C THR E 289 -9.58 22.34 0.20
N GLN E 290 -9.91 23.17 1.18
CA GLN E 290 -10.01 22.71 2.56
C GLN E 290 -10.98 21.55 2.66
N SER E 291 -12.21 21.73 2.20
CA SER E 291 -13.21 20.68 2.24
C SER E 291 -12.83 19.45 1.44
N SER E 292 -11.97 19.61 0.43
CA SER E 292 -11.44 18.46 -0.29
C SER E 292 -10.65 17.57 0.67
N GLY E 293 -9.60 18.11 1.28
CA GLY E 293 -8.82 17.39 2.26
C GLY E 293 -9.51 17.22 3.59
N SER E 294 -10.73 17.74 3.74
CA SER E 294 -11.49 17.53 4.96
C SER E 294 -11.76 16.05 5.17
N ARG E 295 -12.46 15.41 4.24
CA ARG E 295 -12.74 13.99 4.30
C ARG E 295 -11.68 13.18 3.55
N ALA E 296 -10.41 13.45 3.87
CA ALA E 296 -9.33 12.78 3.19
C ALA E 296 -9.21 11.33 3.63
N SER E 297 -9.16 11.09 4.94
CA SER E 297 -8.99 9.74 5.45
C SER E 297 -10.29 9.23 6.05
N LEU E 298 -11.40 9.58 5.42
CA LEU E 298 -12.70 9.29 5.98
C LEU E 298 -13.48 8.36 5.06
N PRO E 299 -14.16 7.36 5.61
CA PRO E 299 -14.97 6.48 4.78
C PRO E 299 -16.11 7.24 4.11
N LYS E 300 -16.71 6.60 3.12
CA LYS E 300 -17.73 7.24 2.30
C LYS E 300 -19.09 6.99 2.93
N VAL E 301 -19.32 7.66 4.05
CA VAL E 301 -20.56 7.54 4.82
C VAL E 301 -21.60 8.46 4.21
N SER E 302 -22.82 7.94 4.07
CA SER E 302 -23.87 8.72 3.40
C SER E 302 -24.38 9.84 4.28
N TYR E 303 -24.56 9.58 5.56
CA TYR E 303 -25.05 10.62 6.46
C TYR E 303 -24.02 11.73 6.61
N VAL E 304 -24.47 12.85 7.18
CA VAL E 304 -23.64 14.03 7.33
C VAL E 304 -23.07 14.05 8.74
N LYS E 305 -21.76 14.18 8.83
CA LYS E 305 -21.06 14.21 10.11
C LYS E 305 -20.99 15.65 10.61
N ALA E 306 -20.15 15.90 11.61
CA ALA E 306 -20.07 17.23 12.20
C ALA E 306 -18.94 18.08 11.65
N ILE E 307 -17.84 17.47 11.21
CA ILE E 307 -16.74 18.25 10.69
C ILE E 307 -17.11 18.97 9.40
N ASP E 308 -18.06 18.45 8.64
CA ASP E 308 -18.36 19.06 7.35
C ASP E 308 -19.34 20.22 7.50
N ILE E 309 -20.30 20.12 8.42
CA ILE E 309 -21.23 21.23 8.60
C ILE E 309 -20.50 22.43 9.15
N TRP E 310 -19.45 22.22 9.94
CA TRP E 310 -18.53 23.31 10.24
C TRP E 310 -17.97 23.89 8.95
N MET E 311 -17.33 23.05 8.14
CA MET E 311 -16.76 23.54 6.90
C MET E 311 -17.81 23.81 5.84
N ALA E 312 -19.08 23.48 6.11
CA ALA E 312 -20.15 23.97 5.25
C ALA E 312 -20.52 25.40 5.60
N VAL E 313 -20.78 25.68 6.87
CA VAL E 313 -21.08 27.04 7.31
C VAL E 313 -19.93 27.97 7.00
N CYS E 314 -18.69 27.49 7.11
CA CYS E 314 -17.57 28.29 6.68
C CYS E 314 -17.62 28.61 5.19
N LEU E 315 -18.24 27.74 4.39
CA LEU E 315 -18.41 28.05 2.98
C LEU E 315 -19.38 29.21 2.78
N LEU E 316 -20.58 29.11 3.34
CA LEU E 316 -21.59 30.09 3.02
C LEU E 316 -21.29 31.47 3.61
N PHE E 317 -20.39 31.59 4.58
CA PHE E 317 -19.93 32.92 4.95
C PHE E 317 -18.93 33.47 3.94
N VAL E 318 -17.96 32.68 3.50
CA VAL E 318 -17.01 33.20 2.53
C VAL E 318 -17.68 33.44 1.18
N PHE E 319 -18.71 32.68 0.83
CA PHE E 319 -19.52 33.03 -0.31
C PHE E 319 -20.36 34.26 -0.07
N SER E 320 -20.61 34.62 1.19
CA SER E 320 -21.31 35.87 1.47
C SER E 320 -20.46 37.07 1.09
N ALA E 321 -19.14 36.94 1.23
CA ALA E 321 -18.25 38.05 0.87
C ALA E 321 -18.36 38.37 -0.62
N LEU E 322 -18.08 37.39 -1.48
CA LEU E 322 -18.25 37.61 -2.91
C LEU E 322 -19.70 37.91 -3.27
N LEU E 323 -20.65 37.41 -2.48
CA LEU E 323 -22.04 37.77 -2.72
C LEU E 323 -22.34 39.18 -2.25
N GLU E 324 -21.69 39.63 -1.19
CA GLU E 324 -21.93 40.99 -0.72
C GLU E 324 -21.39 42.03 -1.69
N TYR E 325 -20.17 41.85 -2.18
CA TYR E 325 -19.62 42.78 -3.16
C TYR E 325 -20.44 42.81 -4.43
N ALA E 326 -21.13 41.72 -4.73
CA ALA E 326 -22.11 41.74 -5.83
C ALA E 326 -23.16 42.81 -5.58
N ALA E 327 -23.62 42.94 -4.34
CA ALA E 327 -24.56 44.01 -4.01
C ALA E 327 -23.91 45.38 -4.13
N VAL E 328 -22.69 45.52 -3.60
CA VAL E 328 -21.98 46.79 -3.69
C VAL E 328 -21.73 47.18 -5.14
N ASN E 329 -21.12 46.27 -5.91
CA ASN E 329 -20.79 46.60 -7.29
C ASN E 329 -22.05 46.76 -8.13
N PHE E 330 -23.16 46.17 -7.69
CA PHE E 330 -24.43 46.34 -8.40
C PHE E 330 -24.98 47.73 -8.16
N ILE E 331 -25.13 48.11 -6.89
CA ILE E 331 -25.68 49.42 -6.56
C ILE E 331 -24.75 50.54 -7.01
N ALA E 332 -23.46 50.28 -7.09
CA ALA E 332 -22.50 51.32 -7.48
C ALA E 332 -22.66 51.67 -8.95
N ARG E 333 -22.82 50.66 -9.81
CA ARG E 333 -22.97 50.92 -11.24
C ARG E 333 -24.32 51.55 -11.57
N GLN E 334 -25.26 51.54 -10.63
CA GLN E 334 -26.56 52.16 -10.88
C GLN E 334 -26.43 53.64 -11.18
N HIS E 335 -25.53 54.32 -10.47
CA HIS E 335 -25.31 55.75 -10.68
C HIS E 335 -24.12 55.98 -11.61
N VAL E 396 -24.89 64.18 -10.94
CA VAL E 396 -25.75 63.14 -10.39
C VAL E 396 -26.00 63.40 -8.90
N GLU E 397 -26.87 64.37 -8.61
CA GLU E 397 -27.16 64.71 -7.22
C GLU E 397 -27.97 63.61 -6.54
N GLU E 398 -29.17 63.33 -7.06
CA GLU E 398 -29.99 62.27 -6.49
C GLU E 398 -29.38 60.89 -6.69
N MET E 399 -28.52 60.73 -7.70
CA MET E 399 -27.93 59.42 -7.96
C MET E 399 -26.93 59.04 -6.87
N ARG E 400 -25.86 59.83 -6.71
CA ARG E 400 -24.88 59.55 -5.68
C ARG E 400 -25.43 59.70 -4.28
N LYS E 401 -26.45 60.55 -4.09
CA LYS E 401 -27.04 60.73 -2.78
C LYS E 401 -27.77 59.48 -2.28
N LEU E 402 -28.16 58.59 -3.20
CA LEU E 402 -28.84 57.36 -2.80
C LEU E 402 -27.97 56.13 -2.90
N PHE E 403 -26.94 56.15 -3.74
CA PHE E 403 -26.05 54.99 -3.84
C PHE E 403 -25.13 54.89 -2.62
N ILE E 404 -24.45 55.98 -2.26
CA ILE E 404 -23.58 55.96 -1.08
C ILE E 404 -24.37 55.77 0.20
N SER E 405 -25.65 56.17 0.23
CA SER E 405 -26.50 55.83 1.36
C SER E 405 -26.70 54.34 1.49
N ARG E 406 -26.56 53.60 0.39
CA ARG E 406 -26.58 52.14 0.43
C ARG E 406 -25.23 51.57 0.79
N ALA E 407 -24.14 52.22 0.37
CA ALA E 407 -22.81 51.75 0.73
C ALA E 407 -22.49 52.00 2.19
N LYS E 408 -23.27 52.87 2.86
CA LYS E 408 -23.04 53.14 4.27
C LYS E 408 -23.80 52.17 5.16
N ARG E 409 -25.10 51.98 4.92
CA ARG E 409 -25.86 51.00 5.69
C ARG E 409 -25.31 49.60 5.47
N ILE E 410 -24.72 49.34 4.30
CA ILE E 410 -24.08 48.07 4.06
C ILE E 410 -22.74 47.98 4.78
N ASP E 411 -22.15 49.12 5.15
CA ASP E 411 -20.87 49.12 5.85
C ASP E 411 -21.07 48.86 7.34
N THR E 412 -21.93 49.64 7.98
CA THR E 412 -22.14 49.50 9.42
C THR E 412 -22.77 48.17 9.80
N VAL E 413 -23.34 47.45 8.83
CA VAL E 413 -23.93 46.15 9.13
C VAL E 413 -22.91 45.03 8.94
N SER E 414 -22.20 45.01 7.81
CA SER E 414 -21.27 43.92 7.55
C SER E 414 -20.06 43.99 8.48
N ARG E 415 -19.71 45.18 8.95
CA ARG E 415 -18.62 45.31 9.91
C ARG E 415 -18.96 44.71 11.28
N VAL E 416 -20.22 44.40 11.55
CA VAL E 416 -20.59 43.69 12.76
C VAL E 416 -21.42 42.44 12.49
N ALA E 417 -22.14 42.37 11.38
CA ALA E 417 -23.00 41.22 11.11
C ALA E 417 -22.24 39.92 10.96
N PHE E 418 -21.13 39.92 10.21
CA PHE E 418 -20.33 38.69 10.12
C PHE E 418 -19.79 38.26 11.47
N PRO E 419 -19.12 39.12 12.25
CA PRO E 419 -18.79 38.73 13.62
C PRO E 419 -20.00 38.47 14.49
N LEU E 420 -21.17 38.98 14.13
CA LEU E 420 -22.36 38.71 14.93
C LEU E 420 -22.85 37.28 14.74
N VAL E 421 -23.14 36.89 13.50
CA VAL E 421 -23.70 35.56 13.26
C VAL E 421 -22.64 34.49 13.39
N PHE E 422 -21.40 34.79 12.99
CA PHE E 422 -20.35 33.80 13.07
C PHE E 422 -20.01 33.41 14.51
N LEU E 423 -20.03 34.36 15.43
CA LEU E 423 -19.74 34.03 16.82
C LEU E 423 -20.93 33.34 17.48
N ILE E 424 -22.14 33.80 17.18
CA ILE E 424 -23.32 33.11 17.72
C ILE E 424 -23.40 31.70 17.17
N PHE E 425 -22.97 31.49 15.92
CA PHE E 425 -22.88 30.14 15.39
C PHE E 425 -21.87 29.31 16.15
N ASN E 426 -20.70 29.89 16.45
CA ASN E 426 -19.67 29.14 17.14
C ASN E 426 -20.14 28.69 18.52
N ILE E 427 -20.73 29.62 19.28
CA ILE E 427 -21.17 29.28 20.62
C ILE E 427 -22.25 28.21 20.59
N PHE E 428 -23.08 28.20 19.54
CA PHE E 428 -24.11 27.17 19.43
C PHE E 428 -23.52 25.83 19.01
N TYR E 429 -22.56 25.85 18.07
CA TYR E 429 -21.94 24.63 17.59
C TYR E 429 -21.26 23.87 18.71
N TRP E 430 -20.43 24.54 19.49
CA TRP E 430 -19.62 23.86 20.48
C TRP E 430 -20.40 23.42 21.71
N ILE E 431 -21.52 24.07 22.02
CA ILE E 431 -22.35 23.59 23.11
C ILE E 431 -23.15 22.37 22.69
N THR E 432 -23.49 22.28 21.40
CA THR E 432 -24.11 21.09 20.86
C THR E 432 -23.22 19.86 21.02
N TYR E 433 -21.91 20.06 21.03
CA TYR E 433 -20.96 18.95 21.07
C TYR E 433 -20.20 18.89 22.39
N LYS E 434 -20.37 19.87 23.26
CA LYS E 434 -19.84 19.78 24.61
C LYS E 434 -20.84 19.15 25.57
N ILE E 435 -21.98 18.69 25.07
CA ILE E 435 -23.00 18.06 25.90
C ILE E 435 -23.16 16.57 25.60
N ILE E 436 -22.18 15.96 24.95
CA ILE E 436 -22.29 14.56 24.58
C ILE E 436 -21.01 13.82 24.91
C1 NAG F . 22.15 -17.61 38.50
C2 NAG F . 22.50 -18.79 39.40
C3 NAG F . 21.99 -18.54 40.81
C4 NAG F . 22.50 -17.20 41.32
C5 NAG F . 22.18 -16.08 40.33
C6 NAG F . 22.79 -14.75 40.73
C7 NAG F . 22.57 -20.78 37.97
C8 NAG F . 21.84 -22.02 37.54
N2 NAG F . 21.93 -20.02 38.87
O3 NAG F . 22.43 -19.58 41.67
O4 NAG F . 21.87 -16.91 42.58
O5 NAG F . 22.71 -16.42 39.05
O6 NAG F . 23.93 -14.94 41.55
O7 NAG F . 23.66 -20.48 37.52
C1 NAG F . 22.88 -16.86 43.61
C2 NAG F . 22.19 -16.54 44.92
C3 NAG F . 23.22 -16.51 46.06
C4 NAG F . 24.00 -17.82 46.08
C5 NAG F . 24.59 -18.12 44.70
C6 NAG F . 25.26 -19.47 44.63
C7 NAG F . 20.30 -15.11 44.28
C8 NAG F . 19.73 -13.72 44.29
N2 NAG F . 21.50 -15.25 44.85
O3 NAG F . 22.54 -16.34 47.30
O4 NAG F . 25.08 -17.72 47.01
O5 NAG F . 23.54 -18.12 43.72
O6 NAG F . 24.70 -20.37 45.58
O7 NAG F . 19.70 -16.05 43.77
C1 BMA F . 24.69 -18.20 48.31
C2 BMA F . 25.97 -18.28 49.17
C3 BMA F . 25.63 -18.48 50.64
C4 BMA F . 24.56 -17.49 51.09
C5 BMA F . 23.33 -17.67 50.21
C6 BMA F . 22.18 -16.77 50.61
O2 BMA F . 26.71 -17.07 49.07
O3 BMA F . 26.79 -18.34 51.45
O4 BMA F . 24.21 -17.74 52.45
O5 BMA F . 23.71 -17.33 48.88
O6 BMA F . 22.43 -15.48 50.09
C1 NAG G . 40.14 -25.93 -0.35
C2 NAG G . 40.88 -27.19 0.03
C3 NAG G . 42.09 -26.86 0.91
C4 NAG G . 42.95 -25.80 0.23
C5 NAG G . 42.10 -24.60 -0.18
C6 NAG G . 42.88 -23.58 -0.99
C7 NAG G . 39.25 -29.03 0.06
C8 NAG G . 38.41 -29.91 0.92
N2 NAG G . 40.01 -28.13 0.71
O3 NAG G . 42.85 -28.03 1.14
O4 NAG G . 43.95 -25.36 1.14
O5 NAG G . 41.02 -25.03 -1.01
O6 NAG G . 43.99 -24.18 -1.65
O7 NAG G . 39.24 -29.10 -1.15
C1 NAG G . 45.25 -25.72 0.62
C2 NAG G . 46.32 -25.23 1.59
C3 NAG G . 47.70 -25.63 1.09
C4 NAG G . 47.76 -27.13 0.80
C5 NAG G . 46.61 -27.54 -0.12
C6 NAG G . 46.54 -29.03 -0.32
C7 NAG G . 45.34 -23.23 2.60
C8 NAG G . 45.39 -21.73 2.68
N2 NAG G . 46.23 -23.80 1.79
O3 NAG G . 48.67 -25.29 2.08
O4 NAG G . 48.99 -27.44 0.15
O5 NAG G . 45.37 -27.13 0.45
O6 NAG G . 47.10 -29.73 0.78
O7 NAG G . 44.52 -23.88 3.23
C1 BMA G . 49.99 -27.81 1.11
C2 BMA G . 51.20 -28.38 0.31
C3 BMA G . 52.43 -28.51 1.19
C4 BMA G . 52.67 -27.24 2.01
C5 BMA G . 51.42 -26.95 2.83
C6 BMA G . 51.57 -25.72 3.71
O2 BMA G . 51.55 -27.49 -0.74
O3 BMA G . 53.59 -28.82 0.42
O4 BMA G . 53.79 -27.42 2.87
O5 BMA G . 50.35 -26.70 1.91
O6 BMA G . 51.39 -24.57 2.90
C1 NAG H . 8.32 -38.10 -27.62
C2 NAG H . 8.70 -39.57 -27.75
C3 NAG H . 9.97 -39.70 -28.60
C4 NAG H . 9.79 -38.97 -29.93
C5 NAG H . 9.32 -37.54 -29.69
C6 NAG H . 9.00 -36.81 -30.98
C7 NAG H . 7.91 -40.72 -25.74
C8 NAG H . 8.30 -41.31 -24.42
N2 NAG H . 8.91 -40.18 -26.45
O3 NAG H . 10.24 -41.07 -28.84
O4 NAG H . 11.03 -38.96 -30.63
O5 NAG H . 8.13 -37.53 -28.90
O6 NAG H . 8.63 -37.72 -32.01
O7 NAG H . 6.75 -40.72 -26.14
C1 NAG H . 10.90 -39.71 -31.85
C2 NAG H . 12.23 -39.66 -32.58
C3 NAG H . 12.14 -40.48 -33.87
C4 NAG H . 11.64 -41.88 -33.57
C5 NAG H . 10.36 -41.84 -32.76
C6 NAG H . 9.90 -43.21 -32.30
C7 NAG H . 13.19 -37.49 -31.97
C8 NAG H . 13.52 -36.10 -32.45
N2 NAG H . 12.62 -38.29 -32.88
O3 NAG H . 13.43 -40.54 -34.47
O4 NAG H . 11.39 -42.58 -34.79
O5 NAG H . 10.55 -41.06 -31.57
O6 NAG H . 10.99 -44.11 -32.19
O7 NAG H . 13.40 -37.85 -30.82
C1 BMA H . 12.55 -43.32 -35.21
C2 BMA H . 12.10 -44.21 -36.39
C3 BMA H . 13.29 -44.81 -37.12
C4 BMA H . 14.33 -43.74 -37.43
C5 BMA H . 14.75 -43.08 -36.12
C6 BMA H . 15.81 -42.02 -36.31
O2 BMA H . 11.37 -43.46 -37.35
O3 BMA H . 12.89 -45.46 -38.33
O4 BMA H . 15.47 -44.32 -38.05
O5 BMA H . 13.59 -42.43 -35.59
O6 BMA H . 15.19 -40.84 -36.78
C1 NAG I . -29.36 -37.32 -5.59
C2 NAG I . -29.60 -38.82 -5.54
C3 NAG I . -30.02 -39.32 -6.91
C4 NAG I . -31.19 -38.53 -7.44
C5 NAG I . -30.89 -37.04 -7.39
C6 NAG I . -32.07 -36.18 -7.79
C7 NAG I . -28.17 -39.72 -3.77
C8 NAG I . -26.92 -40.47 -3.45
N2 NAG I . -28.43 -39.52 -5.06
O3 NAG I . -30.37 -40.70 -6.82
O4 NAG I . -31.44 -38.90 -8.80
O5 NAG I . -30.53 -36.66 -6.07
O6 NAG I . -33.30 -36.86 -7.55
O7 NAG I . -28.92 -39.31 -2.89
C1 NAG I . -32.74 -39.51 -8.89
C2 NAG I . -33.00 -39.89 -10.34
C3 NAG I . -34.36 -40.57 -10.47
C4 NAG I . -34.47 -41.73 -9.50
C5 NAG I . -34.11 -41.29 -8.08
C6 NAG I . -34.07 -42.43 -7.10
C7 NAG I . -31.77 -38.20 -11.63
C8 NAG I . -31.87 -37.01 -12.52
N2 NAG I . -32.92 -38.73 -11.20
O3 NAG I . -34.52 -41.04 -11.81
O4 NAG I . -35.80 -42.24 -9.50
O5 NAG I . -32.82 -40.68 -8.07
O6 NAG I . -33.76 -43.66 -7.75
O7 NAG I . -30.68 -38.68 -11.30
C1 BMA I . -35.96 -43.31 -10.44
C2 BMA I . -37.35 -43.94 -10.19
C3 BMA I . -37.74 -44.88 -11.32
C4 BMA I . -37.51 -44.21 -12.68
C5 BMA I . -36.05 -43.79 -12.79
C6 BMA I . -35.72 -43.16 -14.12
O2 BMA I . -38.34 -42.93 -10.12
O3 BMA I . -39.09 -45.29 -11.20
O4 BMA I . -37.82 -45.12 -13.72
O5 BMA I . -35.82 -42.81 -11.77
O6 BMA I . -36.17 -41.82 -14.10
C1 NAG J . -20.77 -24.62 35.31
C2 NAG J . -21.05 -25.94 36.00
C3 NAG J . -22.54 -26.22 36.03
C4 NAG J . -23.30 -25.04 36.64
C5 NAG J . -22.90 -23.75 35.92
C6 NAG J . -23.50 -22.52 36.57
C7 NAG J . -19.09 -27.38 35.65
C8 NAG J . -18.51 -28.52 34.89
N2 NAG J . -20.34 -27.03 35.35
O3 NAG J . -22.79 -27.40 36.80
O4 NAG J . -24.69 -25.25 36.49
O5 NAG J . -21.48 -23.58 35.97
O6 NAG J . -23.79 -22.74 37.94
O7 NAG J . -18.43 -26.77 36.50
C1 NAG J . -25.29 -25.36 37.79
C2 NAG J . -26.79 -25.56 37.62
C3 NAG J . -27.46 -25.72 38.97
C4 NAG J . -26.78 -26.82 39.78
C5 NAG J . -25.27 -26.59 39.83
C6 NAG J . -24.53 -27.72 40.50
C7 NAG J . -27.32 -24.35 35.55
C8 NAG J . -27.98 -23.14 34.96
N2 NAG J . -27.38 -24.45 36.88
O3 NAG J . -28.83 -26.04 38.78
O4 NAG J . -27.28 -26.83 41.11
O5 NAG J . -24.74 -26.46 38.51
O6 NAG J . -25.23 -28.95 40.37
O7 NAG J . -26.74 -25.17 34.86
C1 BMA J . -28.40 -27.74 41.23
C2 BMA J . -28.70 -27.86 42.75
C3 BMA J . -30.04 -28.56 42.98
C4 BMA J . -31.12 -27.94 42.09
C5 BMA J . -30.68 -28.05 40.63
C6 BMA J . -31.72 -27.51 39.66
O2 BMA J . -28.80 -26.58 43.34
O3 BMA J . -30.44 -28.48 44.34
O4 BMA J . -32.36 -28.65 42.27
O5 BMA J . -29.51 -27.26 40.49
O6 BMA J . -31.62 -26.10 39.66
C02 L2L K . 27.16 -14.66 12.98
N01 L2L K . 27.26 -15.89 12.25
O04 L2L K . 27.74 -15.23 15.57
O05 L2L K . 26.05 -16.52 14.60
O06 L2L K . 25.57 -14.11 15.07
S03 L2L K . 26.57 -15.11 14.62
H3 L2L K . 28.04 -14.27 13.07
H4 L2L K . 26.54 -14.05 12.56
H1 L2L K . 27.04 -15.74 11.40
H2 L2L K . 26.68 -16.47 12.62
C02 L2L L . 18.43 -23.70 -14.83
N01 L2L L . 17.57 -24.85 -14.80
O04 L2L L . 20.93 -24.55 -14.23
O05 L2L L . 19.28 -25.13 -12.70
O06 L2L L . 19.95 -22.73 -12.84
S03 L2L L . 19.69 -24.00 -13.59
H3 L2L L . 18.85 -23.64 -15.69
H4 L2L L . 17.94 -22.89 -14.62
H1 L2L L . 16.73 -24.60 -14.96
H2 L2L L . 17.63 -25.21 -13.99
C02 L2L M . -11.83 -27.89 -14.35
N01 L2L M . -12.27 -28.67 -13.23
O04 L2L M . -10.62 -29.56 -16.08
O05 L2L M . -9.81 -29.61 -13.90
O06 L2L M . -9.32 -27.58 -15.29
S03 L2L M . -10.32 -28.65 -14.94
H3 L2L M . -12.49 -27.92 -15.05
H4 L2L M . -11.66 -26.97 -14.09
H1 L2L M . -12.64 -28.13 -12.63
H2 L2L M . -11.55 -29.06 -12.88
C02 L2L N . -21.77 -21.42 13.82
N01 L2L N . -21.00 -22.06 14.85
O04 L2L N . -23.28 -23.33 12.65
O05 L2L N . -20.99 -23.76 12.73
O06 L2L N . -21.79 -21.96 11.20
S03 L2L N . -21.96 -22.63 12.52
H3 L2L N . -22.65 -21.21 14.17
H4 L2L N . -21.34 -20.63 13.49
H1 L2L N . -20.47 -21.45 15.23
H2 L2L N . -20.51 -22.69 14.46
C02 L2L O . 2.35 -13.25 30.66
N01 L2L O . 3.44 -14.16 30.54
O04 L2L O . 0.44 -14.48 32.15
O05 L2L O . 1.19 -15.66 30.29
O06 L2L O . -0.21 -13.63 29.89
S03 L2L O . 0.87 -14.26 30.72
H3 L2L O . 2.42 -12.77 31.49
H4 L2L O . 2.30 -12.65 29.91
H1 L2L O . 4.07 -13.80 30.02
H2 L2L O . 3.13 -14.90 30.16
#